data_5QSF
# 
_entry.id   5QSF 
# 
_audit_conform.dict_name       mmcif_pdbx.dic 
_audit_conform.dict_version    5.387 
_audit_conform.dict_location   http://mmcif.pdb.org/dictionaries/ascii/mmcif_pdbx.dic 
# 
loop_
_database_2.database_id 
_database_2.database_code 
_database_2.pdbx_database_accession 
_database_2.pdbx_DOI 
PDB   5QSF         pdb_00005qsf 10.2210/pdb5qsf/pdb 
WWPDB D_1001402348 ?            ?                   
# 
loop_
_pdbx_audit_revision_history.ordinal 
_pdbx_audit_revision_history.data_content_type 
_pdbx_audit_revision_history.major_revision 
_pdbx_audit_revision_history.minor_revision 
_pdbx_audit_revision_history.revision_date 
1 'Structure model' 1 0 2019-08-21 
2 'Structure model' 1 1 2024-03-06 
# 
_pdbx_audit_revision_details.ordinal             1 
_pdbx_audit_revision_details.revision_ordinal    1 
_pdbx_audit_revision_details.data_content_type   'Structure model' 
_pdbx_audit_revision_details.provider            repository 
_pdbx_audit_revision_details.type                'Initial release' 
_pdbx_audit_revision_details.description         ? 
_pdbx_audit_revision_details.details             ? 
# 
loop_
_pdbx_audit_revision_group.ordinal 
_pdbx_audit_revision_group.revision_ordinal 
_pdbx_audit_revision_group.data_content_type 
_pdbx_audit_revision_group.group 
1 2 'Structure model' 'Data collection'     
2 2 'Structure model' 'Database references' 
# 
loop_
_pdbx_audit_revision_category.ordinal 
_pdbx_audit_revision_category.revision_ordinal 
_pdbx_audit_revision_category.data_content_type 
_pdbx_audit_revision_category.category 
1 2 'Structure model' chem_comp_atom 
2 2 'Structure model' chem_comp_bond 
3 2 'Structure model' database_2     
# 
loop_
_pdbx_audit_revision_item.ordinal 
_pdbx_audit_revision_item.revision_ordinal 
_pdbx_audit_revision_item.data_content_type 
_pdbx_audit_revision_item.item 
1 2 'Structure model' '_database_2.pdbx_DOI'                
2 2 'Structure model' '_database_2.pdbx_database_accession' 
# 
_pdbx_database_status.entry_id                        5QSF 
_pdbx_database_status.status_code                     REL 
_pdbx_database_status.status_code_sf                  REL 
_pdbx_database_status.status_code_mr                  ? 
_pdbx_database_status.status_code_cs                  ? 
_pdbx_database_status.recvd_initial_deposition_date   2019-05-25 
_pdbx_database_status.deposit_site                    RCSB 
_pdbx_database_status.process_site                    RCSB 
_pdbx_database_status.SG_entry                        ? 
_pdbx_database_status.pdb_format_compatible           Y 
_pdbx_database_status.methods_development_category    ? 
_pdbx_database_status.status_code_nmr_data            ? 
# 
loop_
_audit_author.name 
_audit_author.pdbx_ordinal 
'Newman, J.A.'        1 
'Gavard, A.E.'        2 
'Sherestha, L.'       3 
'Burgess-Brown, N.A.' 4 
'von Delft, F.'       5 
'Arrowsmith, C.H.'    6 
'Edwards, A.'         7 
'Bountra, C.'         8 
'Gileadi, O.'         9 
# 
_citation.id                        primary 
_citation.title                     'PanDDA analysis group deposition' 
_citation.journal_abbrev            'To Be Published' 
_citation.journal_volume            ? 
_citation.page_first                ? 
_citation.page_last                 ? 
_citation.year                      ? 
_citation.journal_id_ASTM           ? 
_citation.country                   ? 
_citation.journal_id_ISSN           ? 
_citation.journal_id_CSD            0353 
_citation.book_publisher            ? 
_citation.pdbx_database_id_PubMed   ? 
_citation.pdbx_database_id_DOI      ? 
# 
loop_
_citation_author.citation_id 
_citation_author.name 
_citation_author.identifier_ORCID 
_citation_author.ordinal 
primary 'Newman, J.A.'        ? 1 
primary 'Gavard, A.E.'        ? 2 
primary 'Sherestha, L.'       ? 3 
primary 'Burgess-Brown, N.A.' ? 4 
primary 'von Delft, F.'       ? 5 
primary 'Arrowsmith, C.H.'    ? 6 
primary 'Edwards, A.'         ? 7 
primary 'Bountra, C.'         ? 8 
primary 'Gileadi, O.'         ? 9 
# 
loop_
_entity.id 
_entity.type 
_entity.src_method 
_entity.pdbx_description 
_entity.formula_weight 
_entity.pdbx_number_of_molecules 
_entity.pdbx_ec 
_entity.pdbx_mutation 
_entity.pdbx_fragment 
_entity.details 
1 polymer     man 'T-box transcription factor T' 19655.623 1   ? G177D ? ? 
2 non-polymer syn '3-(diethylamino)phenol'       165.232   1   ? ?     ? ? 
3 water       nat water                          18.015    209 ? ?     ? ? 
# 
_entity_name_com.entity_id   1 
_entity_name_com.name        'Brachyury protein,Protein T' 
# 
_entity_poly.entity_id                      1 
_entity_poly.type                           'polypeptide(L)' 
_entity_poly.nstd_linkage                   no 
_entity_poly.nstd_monomer                   no 
_entity_poly.pdbx_seq_one_letter_code       
;GELRVGLEESELWLRFKELTNEMIVTKNGRRMFPVLKVNVSGLDPNAMYSFLLDFVAADNHRWKYVNGEWVPGGKPEPQA
PSCVYIHPDSPNFGAHWMKAPVSFSKVKLTNKLNGGGQIMLNSLHKYEPRIHIVRVGDPQRMITSHCFPETQFIAVTAYQ
NEEITALKIKYN
;
_entity_poly.pdbx_seq_one_letter_code_can   
;GELRVGLEESELWLRFKELTNEMIVTKNGRRMFPVLKVNVSGLDPNAMYSFLLDFVAADNHRWKYVNGEWVPGGKPEPQA
PSCVYIHPDSPNFGAHWMKAPVSFSKVKLTNKLNGGGQIMLNSLHKYEPRIHIVRVGDPQRMITSHCFPETQFIAVTAYQ
NEEITALKIKYN
;
_entity_poly.pdbx_strand_id                 A 
_entity_poly.pdbx_target_identifier         ? 
# 
loop_
_pdbx_entity_nonpoly.entity_id 
_pdbx_entity_nonpoly.name 
_pdbx_entity_nonpoly.comp_id 
2 '3-(diethylamino)phenol' O0Y 
3 water                    HOH 
# 
loop_
_entity_poly_seq.entity_id 
_entity_poly_seq.num 
_entity_poly_seq.mon_id 
_entity_poly_seq.hetero 
1 1   GLY n 
1 2   GLU n 
1 3   LEU n 
1 4   ARG n 
1 5   VAL n 
1 6   GLY n 
1 7   LEU n 
1 8   GLU n 
1 9   GLU n 
1 10  SER n 
1 11  GLU n 
1 12  LEU n 
1 13  TRP n 
1 14  LEU n 
1 15  ARG n 
1 16  PHE n 
1 17  LYS n 
1 18  GLU n 
1 19  LEU n 
1 20  THR n 
1 21  ASN n 
1 22  GLU n 
1 23  MET n 
1 24  ILE n 
1 25  VAL n 
1 26  THR n 
1 27  LYS n 
1 28  ASN n 
1 29  GLY n 
1 30  ARG n 
1 31  ARG n 
1 32  MET n 
1 33  PHE n 
1 34  PRO n 
1 35  VAL n 
1 36  LEU n 
1 37  LYS n 
1 38  VAL n 
1 39  ASN n 
1 40  VAL n 
1 41  SER n 
1 42  GLY n 
1 43  LEU n 
1 44  ASP n 
1 45  PRO n 
1 46  ASN n 
1 47  ALA n 
1 48  MET n 
1 49  TYR n 
1 50  SER n 
1 51  PHE n 
1 52  LEU n 
1 53  LEU n 
1 54  ASP n 
1 55  PHE n 
1 56  VAL n 
1 57  ALA n 
1 58  ALA n 
1 59  ASP n 
1 60  ASN n 
1 61  HIS n 
1 62  ARG n 
1 63  TRP n 
1 64  LYS n 
1 65  TYR n 
1 66  VAL n 
1 67  ASN n 
1 68  GLY n 
1 69  GLU n 
1 70  TRP n 
1 71  VAL n 
1 72  PRO n 
1 73  GLY n 
1 74  GLY n 
1 75  LYS n 
1 76  PRO n 
1 77  GLU n 
1 78  PRO n 
1 79  GLN n 
1 80  ALA n 
1 81  PRO n 
1 82  SER n 
1 83  CYS n 
1 84  VAL n 
1 85  TYR n 
1 86  ILE n 
1 87  HIS n 
1 88  PRO n 
1 89  ASP n 
1 90  SER n 
1 91  PRO n 
1 92  ASN n 
1 93  PHE n 
1 94  GLY n 
1 95  ALA n 
1 96  HIS n 
1 97  TRP n 
1 98  MET n 
1 99  LYS n 
1 100 ALA n 
1 101 PRO n 
1 102 VAL n 
1 103 SER n 
1 104 PHE n 
1 105 SER n 
1 106 LYS n 
1 107 VAL n 
1 108 LYS n 
1 109 LEU n 
1 110 THR n 
1 111 ASN n 
1 112 LYS n 
1 113 LEU n 
1 114 ASN n 
1 115 GLY n 
1 116 GLY n 
1 117 GLY n 
1 118 GLN n 
1 119 ILE n 
1 120 MET n 
1 121 LEU n 
1 122 ASN n 
1 123 SER n 
1 124 LEU n 
1 125 HIS n 
1 126 LYS n 
1 127 TYR n 
1 128 GLU n 
1 129 PRO n 
1 130 ARG n 
1 131 ILE n 
1 132 HIS n 
1 133 ILE n 
1 134 VAL n 
1 135 ARG n 
1 136 VAL n 
1 137 GLY n 
1 138 ASP n 
1 139 PRO n 
1 140 GLN n 
1 141 ARG n 
1 142 MET n 
1 143 ILE n 
1 144 THR n 
1 145 SER n 
1 146 HIS n 
1 147 CYS n 
1 148 PHE n 
1 149 PRO n 
1 150 GLU n 
1 151 THR n 
1 152 GLN n 
1 153 PHE n 
1 154 ILE n 
1 155 ALA n 
1 156 VAL n 
1 157 THR n 
1 158 ALA n 
1 159 TYR n 
1 160 GLN n 
1 161 ASN n 
1 162 GLU n 
1 163 GLU n 
1 164 ILE n 
1 165 THR n 
1 166 ALA n 
1 167 LEU n 
1 168 LYS n 
1 169 ILE n 
1 170 LYS n 
1 171 TYR n 
1 172 ASN n 
# 
_entity_src_gen.entity_id                          1 
_entity_src_gen.pdbx_src_id                        1 
_entity_src_gen.pdbx_alt_source_flag               sample 
_entity_src_gen.pdbx_seq_type                      'Biological sequence' 
_entity_src_gen.pdbx_beg_seq_num                   1 
_entity_src_gen.pdbx_end_seq_num                   172 
_entity_src_gen.gene_src_common_name               Human 
_entity_src_gen.gene_src_genus                     ? 
_entity_src_gen.pdbx_gene_src_gene                 'TBXT, T' 
_entity_src_gen.gene_src_species                   ? 
_entity_src_gen.gene_src_strain                    ? 
_entity_src_gen.gene_src_tissue                    ? 
_entity_src_gen.gene_src_tissue_fraction           ? 
_entity_src_gen.gene_src_details                   ? 
_entity_src_gen.pdbx_gene_src_fragment             ? 
_entity_src_gen.pdbx_gene_src_scientific_name      'Homo sapiens' 
_entity_src_gen.pdbx_gene_src_ncbi_taxonomy_id     9606 
_entity_src_gen.pdbx_gene_src_variant              ? 
_entity_src_gen.pdbx_gene_src_cell_line            ? 
_entity_src_gen.pdbx_gene_src_atcc                 ? 
_entity_src_gen.pdbx_gene_src_organ                ? 
_entity_src_gen.pdbx_gene_src_organelle            ? 
_entity_src_gen.pdbx_gene_src_cell                 ? 
_entity_src_gen.pdbx_gene_src_cellular_location    ? 
_entity_src_gen.host_org_common_name               ? 
_entity_src_gen.pdbx_host_org_scientific_name      'Escherichia coli' 
_entity_src_gen.pdbx_host_org_ncbi_taxonomy_id     562 
_entity_src_gen.host_org_genus                     ? 
_entity_src_gen.pdbx_host_org_gene                 ? 
_entity_src_gen.pdbx_host_org_organ                ? 
_entity_src_gen.host_org_species                   ? 
_entity_src_gen.pdbx_host_org_tissue               ? 
_entity_src_gen.pdbx_host_org_tissue_fraction      ? 
_entity_src_gen.pdbx_host_org_strain               ? 
_entity_src_gen.pdbx_host_org_variant              ? 
_entity_src_gen.pdbx_host_org_cell_line            ? 
_entity_src_gen.pdbx_host_org_atcc                 ? 
_entity_src_gen.pdbx_host_org_culture_collection   ? 
_entity_src_gen.pdbx_host_org_cell                 ? 
_entity_src_gen.pdbx_host_org_organelle            ? 
_entity_src_gen.pdbx_host_org_cellular_location    ? 
_entity_src_gen.pdbx_host_org_vector_type          ? 
_entity_src_gen.pdbx_host_org_vector               ? 
_entity_src_gen.host_org_details                   ? 
_entity_src_gen.expression_system_id               ? 
_entity_src_gen.plasmid_name                       ? 
_entity_src_gen.plasmid_details                    ? 
_entity_src_gen.pdbx_description                   ? 
# 
loop_
_chem_comp.id 
_chem_comp.type 
_chem_comp.mon_nstd_flag 
_chem_comp.name 
_chem_comp.pdbx_synonyms 
_chem_comp.formula 
_chem_comp.formula_weight 
ALA 'L-peptide linking' y ALANINE                  ? 'C3 H7 N O2'     89.093  
ARG 'L-peptide linking' y ARGININE                 ? 'C6 H15 N4 O2 1' 175.209 
ASN 'L-peptide linking' y ASPARAGINE               ? 'C4 H8 N2 O3'    132.118 
ASP 'L-peptide linking' y 'ASPARTIC ACID'          ? 'C4 H7 N O4'     133.103 
CYS 'L-peptide linking' y CYSTEINE                 ? 'C3 H7 N O2 S'   121.158 
GLN 'L-peptide linking' y GLUTAMINE                ? 'C5 H10 N2 O3'   146.144 
GLU 'L-peptide linking' y 'GLUTAMIC ACID'          ? 'C5 H9 N O4'     147.129 
GLY 'peptide linking'   y GLYCINE                  ? 'C2 H5 N O2'     75.067  
HIS 'L-peptide linking' y HISTIDINE                ? 'C6 H10 N3 O2 1' 156.162 
HOH non-polymer         . WATER                    ? 'H2 O'           18.015  
ILE 'L-peptide linking' y ISOLEUCINE               ? 'C6 H13 N O2'    131.173 
LEU 'L-peptide linking' y LEUCINE                  ? 'C6 H13 N O2'    131.173 
LYS 'L-peptide linking' y LYSINE                   ? 'C6 H15 N2 O2 1' 147.195 
MET 'L-peptide linking' y METHIONINE               ? 'C5 H11 N O2 S'  149.211 
O0Y non-polymer         . '3-(diethylamino)phenol' ? 'C10 H15 N O'    165.232 
PHE 'L-peptide linking' y PHENYLALANINE            ? 'C9 H11 N O2'    165.189 
PRO 'L-peptide linking' y PROLINE                  ? 'C5 H9 N O2'     115.130 
SER 'L-peptide linking' y SERINE                   ? 'C3 H7 N O3'     105.093 
THR 'L-peptide linking' y THREONINE                ? 'C4 H9 N O3'     119.119 
TRP 'L-peptide linking' y TRYPTOPHAN               ? 'C11 H12 N2 O2'  204.225 
TYR 'L-peptide linking' y TYROSINE                 ? 'C9 H11 N O3'    181.189 
VAL 'L-peptide linking' y VALINE                   ? 'C5 H11 N O2'    117.146 
# 
loop_
_pdbx_poly_seq_scheme.asym_id 
_pdbx_poly_seq_scheme.entity_id 
_pdbx_poly_seq_scheme.seq_id 
_pdbx_poly_seq_scheme.mon_id 
_pdbx_poly_seq_scheme.ndb_seq_num 
_pdbx_poly_seq_scheme.pdb_seq_num 
_pdbx_poly_seq_scheme.auth_seq_num 
_pdbx_poly_seq_scheme.pdb_mon_id 
_pdbx_poly_seq_scheme.auth_mon_id 
_pdbx_poly_seq_scheme.pdb_strand_id 
_pdbx_poly_seq_scheme.pdb_ins_code 
_pdbx_poly_seq_scheme.hetero 
A 1 1   GLY 1   40  ?   ?   ?   A . n 
A 1 2   GLU 2   41  41  GLU GLU A . n 
A 1 3   LEU 3   42  42  LEU LEU A . n 
A 1 4   ARG 4   43  43  ARG ARG A . n 
A 1 5   VAL 5   44  44  VAL VAL A . n 
A 1 6   GLY 6   45  45  GLY GLY A . n 
A 1 7   LEU 7   46  46  LEU LEU A . n 
A 1 8   GLU 8   47  47  GLU GLU A . n 
A 1 9   GLU 9   48  48  GLU GLU A . n 
A 1 10  SER 10  49  49  SER SER A . n 
A 1 11  GLU 11  50  50  GLU GLU A . n 
A 1 12  LEU 12  51  51  LEU LEU A . n 
A 1 13  TRP 13  52  52  TRP TRP A . n 
A 1 14  LEU 14  53  53  LEU LEU A . n 
A 1 15  ARG 15  54  54  ARG ARG A . n 
A 1 16  PHE 16  55  55  PHE PHE A . n 
A 1 17  LYS 17  56  56  LYS LYS A . n 
A 1 18  GLU 18  57  57  GLU GLU A . n 
A 1 19  LEU 19  58  58  LEU LEU A . n 
A 1 20  THR 20  59  59  THR THR A . n 
A 1 21  ASN 21  60  60  ASN ASN A . n 
A 1 22  GLU 22  61  61  GLU GLU A . n 
A 1 23  MET 23  62  62  MET MET A . n 
A 1 24  ILE 24  63  63  ILE ILE A . n 
A 1 25  VAL 25  64  64  VAL VAL A . n 
A 1 26  THR 26  65  65  THR THR A . n 
A 1 27  LYS 27  66  66  LYS LYS A . n 
A 1 28  ASN 28  67  67  ASN ASN A . n 
A 1 29  GLY 29  68  68  GLY GLY A . n 
A 1 30  ARG 30  69  69  ARG ARG A . n 
A 1 31  ARG 31  70  70  ARG ARG A . n 
A 1 32  MET 32  71  71  MET MET A . n 
A 1 33  PHE 33  72  72  PHE PHE A . n 
A 1 34  PRO 34  73  73  PRO PRO A . n 
A 1 35  VAL 35  74  74  VAL VAL A . n 
A 1 36  LEU 36  75  75  LEU LEU A . n 
A 1 37  LYS 37  76  76  LYS LYS A . n 
A 1 38  VAL 38  77  77  VAL VAL A . n 
A 1 39  ASN 39  78  78  ASN ASN A . n 
A 1 40  VAL 40  79  79  VAL VAL A . n 
A 1 41  SER 41  80  80  SER SER A . n 
A 1 42  GLY 42  81  81  GLY GLY A . n 
A 1 43  LEU 43  82  82  LEU LEU A . n 
A 1 44  ASP 44  83  83  ASP ASP A . n 
A 1 45  PRO 45  84  84  PRO PRO A . n 
A 1 46  ASN 46  85  85  ASN ASN A . n 
A 1 47  ALA 47  86  86  ALA ALA A . n 
A 1 48  MET 48  87  87  MET MET A . n 
A 1 49  TYR 49  88  88  TYR TYR A . n 
A 1 50  SER 50  89  89  SER SER A . n 
A 1 51  PHE 51  90  90  PHE PHE A . n 
A 1 52  LEU 52  91  91  LEU LEU A . n 
A 1 53  LEU 53  92  92  LEU LEU A . n 
A 1 54  ASP 54  93  93  ASP ASP A . n 
A 1 55  PHE 55  94  94  PHE PHE A . n 
A 1 56  VAL 56  95  95  VAL VAL A . n 
A 1 57  ALA 57  96  96  ALA ALA A . n 
A 1 58  ALA 58  97  97  ALA ALA A . n 
A 1 59  ASP 59  98  98  ASP ASP A . n 
A 1 60  ASN 60  99  99  ASN ASN A . n 
A 1 61  HIS 61  100 100 HIS HIS A . n 
A 1 62  ARG 62  101 101 ARG ARG A . n 
A 1 63  TRP 63  102 102 TRP TRP A . n 
A 1 64  LYS 64  103 103 LYS LYS A . n 
A 1 65  TYR 65  104 104 TYR TYR A . n 
A 1 66  VAL 66  105 105 VAL VAL A . n 
A 1 67  ASN 67  106 106 ASN ASN A . n 
A 1 68  GLY 68  107 107 GLY GLY A . n 
A 1 69  GLU 69  108 108 GLU GLU A . n 
A 1 70  TRP 70  109 109 TRP TRP A . n 
A 1 71  VAL 71  110 110 VAL VAL A . n 
A 1 72  PRO 72  111 111 PRO PRO A . n 
A 1 73  GLY 73  112 112 GLY GLY A . n 
A 1 74  GLY 74  113 113 GLY GLY A . n 
A 1 75  LYS 75  114 114 LYS LYS A . n 
A 1 76  PRO 76  115 115 PRO PRO A . n 
A 1 77  GLU 77  116 116 GLU GLU A . n 
A 1 78  PRO 78  117 117 PRO PRO A . n 
A 1 79  GLN 79  118 118 GLN GLN A . n 
A 1 80  ALA 80  119 119 ALA ALA A . n 
A 1 81  PRO 81  120 120 PRO PRO A . n 
A 1 82  SER 82  121 121 SER SER A . n 
A 1 83  CYS 83  122 122 CYS CYS A . n 
A 1 84  VAL 84  123 123 VAL VAL A . n 
A 1 85  TYR 85  124 124 TYR TYR A . n 
A 1 86  ILE 86  125 125 ILE ILE A . n 
A 1 87  HIS 87  126 126 HIS HIS A . n 
A 1 88  PRO 88  127 127 PRO PRO A . n 
A 1 89  ASP 89  128 128 ASP ASP A . n 
A 1 90  SER 90  129 129 SER SER A . n 
A 1 91  PRO 91  130 130 PRO PRO A . n 
A 1 92  ASN 92  131 131 ASN ASN A . n 
A 1 93  PHE 93  132 132 PHE PHE A . n 
A 1 94  GLY 94  133 133 GLY GLY A . n 
A 1 95  ALA 95  134 134 ALA ALA A . n 
A 1 96  HIS 96  135 135 HIS HIS A . n 
A 1 97  TRP 97  136 136 TRP TRP A . n 
A 1 98  MET 98  137 137 MET MET A . n 
A 1 99  LYS 99  138 138 LYS LYS A . n 
A 1 100 ALA 100 139 139 ALA ALA A . n 
A 1 101 PRO 101 140 140 PRO PRO A . n 
A 1 102 VAL 102 141 141 VAL VAL A . n 
A 1 103 SER 103 142 142 SER SER A . n 
A 1 104 PHE 104 143 143 PHE PHE A . n 
A 1 105 SER 105 144 144 SER SER A . n 
A 1 106 LYS 106 145 145 LYS LYS A . n 
A 1 107 VAL 107 146 146 VAL VAL A . n 
A 1 108 LYS 108 147 147 LYS LYS A . n 
A 1 109 LEU 109 148 148 LEU LEU A . n 
A 1 110 THR 110 149 149 THR THR A . n 
A 1 111 ASN 111 150 150 ASN ASN A . n 
A 1 112 LYS 112 151 151 LYS LYS A . n 
A 1 113 LEU 113 152 152 LEU LEU A . n 
A 1 114 ASN 114 153 153 ASN ASN A . n 
A 1 115 GLY 115 154 154 GLY GLY A . n 
A 1 116 GLY 116 155 155 GLY GLY A . n 
A 1 117 GLY 117 156 156 GLY GLY A . n 
A 1 118 GLN 118 157 157 GLN GLN A . n 
A 1 119 ILE 119 158 158 ILE ILE A . n 
A 1 120 MET 120 159 159 MET MET A . n 
A 1 121 LEU 121 160 160 LEU LEU A . n 
A 1 122 ASN 122 161 161 ASN ASN A . n 
A 1 123 SER 123 162 162 SER SER A . n 
A 1 124 LEU 124 163 163 LEU LEU A . n 
A 1 125 HIS 125 164 164 HIS HIS A . n 
A 1 126 LYS 126 165 165 LYS LYS A . n 
A 1 127 TYR 127 166 166 TYR TYR A . n 
A 1 128 GLU 128 167 167 GLU GLU A . n 
A 1 129 PRO 129 168 168 PRO PRO A . n 
A 1 130 ARG 130 169 169 ARG ARG A . n 
A 1 131 ILE 131 170 170 ILE ILE A . n 
A 1 132 HIS 132 171 171 HIS HIS A . n 
A 1 133 ILE 133 172 172 ILE ILE A . n 
A 1 134 VAL 134 173 173 VAL VAL A . n 
A 1 135 ARG 135 174 174 ARG ARG A . n 
A 1 136 VAL 136 175 175 VAL VAL A . n 
A 1 137 GLY 137 176 176 GLY GLY A . n 
A 1 138 ASP 138 177 177 ASP ASP A . n 
A 1 139 PRO 139 178 178 PRO PRO A . n 
A 1 140 GLN 140 179 179 GLN GLN A . n 
A 1 141 ARG 141 180 180 ARG ARG A . n 
A 1 142 MET 142 181 181 MET MET A . n 
A 1 143 ILE 143 182 182 ILE ILE A . n 
A 1 144 THR 144 183 183 THR THR A . n 
A 1 145 SER 145 184 184 SER SER A . n 
A 1 146 HIS 146 185 185 HIS HIS A . n 
A 1 147 CYS 147 186 186 CYS CYS A . n 
A 1 148 PHE 148 187 187 PHE PHE A . n 
A 1 149 PRO 149 188 188 PRO PRO A . n 
A 1 150 GLU 150 189 189 GLU GLU A . n 
A 1 151 THR 151 190 190 THR THR A . n 
A 1 152 GLN 152 191 191 GLN GLN A . n 
A 1 153 PHE 153 192 192 PHE PHE A . n 
A 1 154 ILE 154 193 193 ILE ILE A . n 
A 1 155 ALA 155 194 194 ALA ALA A . n 
A 1 156 VAL 156 195 195 VAL VAL A . n 
A 1 157 THR 157 196 196 THR THR A . n 
A 1 158 ALA 158 197 197 ALA ALA A . n 
A 1 159 TYR 159 198 198 TYR TYR A . n 
A 1 160 GLN 160 199 199 GLN GLN A . n 
A 1 161 ASN 161 200 200 ASN ASN A . n 
A 1 162 GLU 162 201 201 GLU GLU A . n 
A 1 163 GLU 163 202 202 GLU GLU A . n 
A 1 164 ILE 164 203 203 ILE ILE A . n 
A 1 165 THR 165 204 204 THR THR A . n 
A 1 166 ALA 166 205 205 ALA ALA A . n 
A 1 167 LEU 167 206 206 LEU LEU A . n 
A 1 168 LYS 168 207 207 LYS LYS A . n 
A 1 169 ILE 169 208 208 ILE ILE A . n 
A 1 170 LYS 170 209 209 LYS LYS A . n 
A 1 171 TYR 171 210 210 TYR TYR A . n 
A 1 172 ASN 172 211 211 ASN ASN A . n 
# 
loop_
_pdbx_nonpoly_scheme.asym_id 
_pdbx_nonpoly_scheme.entity_id 
_pdbx_nonpoly_scheme.mon_id 
_pdbx_nonpoly_scheme.ndb_seq_num 
_pdbx_nonpoly_scheme.pdb_seq_num 
_pdbx_nonpoly_scheme.auth_seq_num 
_pdbx_nonpoly_scheme.pdb_mon_id 
_pdbx_nonpoly_scheme.auth_mon_id 
_pdbx_nonpoly_scheme.pdb_strand_id 
_pdbx_nonpoly_scheme.pdb_ins_code 
B 2 O0Y 1   301 301 O0Y LIG A . 
C 3 HOH 1   401 105 HOH HOH A . 
C 3 HOH 2   402 77  HOH HOH A . 
C 3 HOH 3   403 106 HOH HOH A . 
C 3 HOH 4   404 133 HOH HOH A . 
C 3 HOH 5   405 166 HOH HOH A . 
C 3 HOH 6   406 4   HOH HOH A . 
C 3 HOH 7   407 187 HOH HOH A . 
C 3 HOH 8   408 191 HOH HOH A . 
C 3 HOH 9   409 27  HOH HOH A . 
C 3 HOH 10  410 221 HOH HOH A . 
C 3 HOH 11  411 152 HOH HOH A . 
C 3 HOH 12  412 45  HOH HOH A . 
C 3 HOH 13  413 107 HOH HOH A . 
C 3 HOH 14  414 26  HOH HOH A . 
C 3 HOH 15  415 195 HOH HOH A . 
C 3 HOH 16  416 182 HOH HOH A . 
C 3 HOH 17  417 194 HOH HOH A . 
C 3 HOH 18  418 125 HOH HOH A . 
C 3 HOH 19  419 68  HOH HOH A . 
C 3 HOH 20  420 232 HOH HOH A . 
C 3 HOH 21  421 183 HOH HOH A . 
C 3 HOH 22  422 231 HOH HOH A . 
C 3 HOH 23  423 95  HOH HOH A . 
C 3 HOH 24  424 76  HOH HOH A . 
C 3 HOH 25  425 111 HOH HOH A . 
C 3 HOH 26  426 32  HOH HOH A . 
C 3 HOH 27  427 167 HOH HOH A . 
C 3 HOH 28  428 228 HOH HOH A . 
C 3 HOH 29  429 123 HOH HOH A . 
C 3 HOH 30  430 118 HOH HOH A . 
C 3 HOH 31  431 78  HOH HOH A . 
C 3 HOH 32  432 108 HOH HOH A . 
C 3 HOH 33  433 22  HOH HOH A . 
C 3 HOH 34  434 149 HOH HOH A . 
C 3 HOH 35  435 57  HOH HOH A . 
C 3 HOH 36  436 83  HOH HOH A . 
C 3 HOH 37  437 14  HOH HOH A . 
C 3 HOH 38  438 113 HOH HOH A . 
C 3 HOH 39  439 157 HOH HOH A . 
C 3 HOH 40  440 12  HOH HOH A . 
C 3 HOH 41  441 104 HOH HOH A . 
C 3 HOH 42  442 8   HOH HOH A . 
C 3 HOH 43  443 62  HOH HOH A . 
C 3 HOH 44  444 48  HOH HOH A . 
C 3 HOH 45  445 17  HOH HOH A . 
C 3 HOH 46  446 16  HOH HOH A . 
C 3 HOH 47  447 59  HOH HOH A . 
C 3 HOH 48  448 198 HOH HOH A . 
C 3 HOH 49  449 50  HOH HOH A . 
C 3 HOH 50  450 5   HOH HOH A . 
C 3 HOH 51  451 31  HOH HOH A . 
C 3 HOH 52  452 6   HOH HOH A . 
C 3 HOH 53  453 154 HOH HOH A . 
C 3 HOH 54  454 72  HOH HOH A . 
C 3 HOH 55  455 61  HOH HOH A . 
C 3 HOH 56  456 233 HOH HOH A . 
C 3 HOH 57  457 9   HOH HOH A . 
C 3 HOH 58  458 90  HOH HOH A . 
C 3 HOH 59  459 141 HOH HOH A . 
C 3 HOH 60  460 36  HOH HOH A . 
C 3 HOH 61  461 150 HOH HOH A . 
C 3 HOH 62  462 92  HOH HOH A . 
C 3 HOH 63  463 23  HOH HOH A . 
C 3 HOH 64  464 164 HOH HOH A . 
C 3 HOH 65  465 209 HOH HOH A . 
C 3 HOH 66  466 176 HOH HOH A . 
C 3 HOH 67  467 44  HOH HOH A . 
C 3 HOH 68  468 174 HOH HOH A . 
C 3 HOH 69  469 170 HOH HOH A . 
C 3 HOH 70  470 70  HOH HOH A . 
C 3 HOH 71  471 35  HOH HOH A . 
C 3 HOH 72  472 180 HOH HOH A . 
C 3 HOH 73  473 101 HOH HOH A . 
C 3 HOH 74  474 81  HOH HOH A . 
C 3 HOH 75  475 38  HOH HOH A . 
C 3 HOH 76  476 103 HOH HOH A . 
C 3 HOH 77  477 88  HOH HOH A . 
C 3 HOH 78  478 96  HOH HOH A . 
C 3 HOH 79  479 3   HOH HOH A . 
C 3 HOH 80  480 42  HOH HOH A . 
C 3 HOH 81  481 89  HOH HOH A . 
C 3 HOH 82  482 158 HOH HOH A . 
C 3 HOH 83  483 47  HOH HOH A . 
C 3 HOH 84  484 207 HOH HOH A . 
C 3 HOH 85  485 64  HOH HOH A . 
C 3 HOH 86  486 1   HOH HOH A . 
C 3 HOH 87  487 2   HOH HOH A . 
C 3 HOH 88  488 87  HOH HOH A . 
C 3 HOH 89  489 124 HOH HOH A . 
C 3 HOH 90  490 20  HOH HOH A . 
C 3 HOH 91  491 94  HOH HOH A . 
C 3 HOH 92  492 165 HOH HOH A . 
C 3 HOH 93  493 52  HOH HOH A . 
C 3 HOH 94  494 171 HOH HOH A . 
C 3 HOH 95  495 181 HOH HOH A . 
C 3 HOH 96  496 43  HOH HOH A . 
C 3 HOH 97  497 151 HOH HOH A . 
C 3 HOH 98  498 41  HOH HOH A . 
C 3 HOH 99  499 86  HOH HOH A . 
C 3 HOH 100 500 160 HOH HOH A . 
C 3 HOH 101 501 33  HOH HOH A . 
C 3 HOH 102 502 13  HOH HOH A . 
C 3 HOH 103 503 114 HOH HOH A . 
C 3 HOH 104 504 159 HOH HOH A . 
C 3 HOH 105 505 184 HOH HOH A . 
C 3 HOH 106 506 60  HOH HOH A . 
C 3 HOH 107 507 122 HOH HOH A . 
C 3 HOH 108 508 25  HOH HOH A . 
C 3 HOH 109 509 11  HOH HOH A . 
C 3 HOH 110 510 205 HOH HOH A . 
C 3 HOH 111 511 39  HOH HOH A . 
C 3 HOH 112 512 227 HOH HOH A . 
C 3 HOH 113 513 40  HOH HOH A . 
C 3 HOH 114 514 56  HOH HOH A . 
C 3 HOH 115 515 93  HOH HOH A . 
C 3 HOH 116 516 67  HOH HOH A . 
C 3 HOH 117 517 37  HOH HOH A . 
C 3 HOH 118 518 199 HOH HOH A . 
C 3 HOH 119 519 28  HOH HOH A . 
C 3 HOH 120 520 138 HOH HOH A . 
C 3 HOH 121 521 85  HOH HOH A . 
C 3 HOH 122 522 82  HOH HOH A . 
C 3 HOH 123 523 7   HOH HOH A . 
C 3 HOH 124 524 223 HOH HOH A . 
C 3 HOH 125 525 66  HOH HOH A . 
C 3 HOH 126 526 161 HOH HOH A . 
C 3 HOH 127 527 58  HOH HOH A . 
C 3 HOH 128 528 215 HOH HOH A . 
C 3 HOH 129 529 214 HOH HOH A . 
C 3 HOH 130 530 168 HOH HOH A . 
C 3 HOH 131 531 202 HOH HOH A . 
C 3 HOH 132 532 100 HOH HOH A . 
C 3 HOH 133 533 24  HOH HOH A . 
C 3 HOH 134 534 109 HOH HOH A . 
C 3 HOH 135 535 179 HOH HOH A . 
C 3 HOH 136 536 54  HOH HOH A . 
C 3 HOH 137 537 117 HOH HOH A . 
C 3 HOH 138 538 99  HOH HOH A . 
C 3 HOH 139 539 189 HOH HOH A . 
C 3 HOH 140 540 163 HOH HOH A . 
C 3 HOH 141 541 188 HOH HOH A . 
C 3 HOH 142 542 127 HOH HOH A . 
C 3 HOH 143 543 175 HOH HOH A . 
C 3 HOH 144 544 15  HOH HOH A . 
C 3 HOH 145 545 225 HOH HOH A . 
C 3 HOH 146 546 135 HOH HOH A . 
C 3 HOH 147 547 186 HOH HOH A . 
C 3 HOH 148 548 139 HOH HOH A . 
C 3 HOH 149 549 213 HOH HOH A . 
C 3 HOH 150 550 84  HOH HOH A . 
C 3 HOH 151 551 143 HOH HOH A . 
C 3 HOH 152 552 208 HOH HOH A . 
C 3 HOH 153 553 178 HOH HOH A . 
C 3 HOH 154 554 121 HOH HOH A . 
C 3 HOH 155 555 190 HOH HOH A . 
C 3 HOH 156 556 156 HOH HOH A . 
C 3 HOH 157 557 200 HOH HOH A . 
C 3 HOH 158 558 19  HOH HOH A . 
C 3 HOH 159 559 201 HOH HOH A . 
C 3 HOH 160 560 98  HOH HOH A . 
C 3 HOH 161 561 129 HOH HOH A . 
C 3 HOH 162 562 137 HOH HOH A . 
C 3 HOH 163 563 144 HOH HOH A . 
C 3 HOH 164 564 193 HOH HOH A . 
C 3 HOH 165 565 136 HOH HOH A . 
C 3 HOH 166 566 120 HOH HOH A . 
C 3 HOH 167 567 80  HOH HOH A . 
C 3 HOH 168 568 172 HOH HOH A . 
C 3 HOH 169 569 131 HOH HOH A . 
C 3 HOH 170 570 206 HOH HOH A . 
C 3 HOH 171 571 197 HOH HOH A . 
C 3 HOH 172 572 65  HOH HOH A . 
C 3 HOH 173 573 74  HOH HOH A . 
C 3 HOH 174 574 102 HOH HOH A . 
C 3 HOH 175 575 173 HOH HOH A . 
C 3 HOH 176 576 116 HOH HOH A . 
C 3 HOH 177 577 55  HOH HOH A . 
C 3 HOH 178 578 204 HOH HOH A . 
C 3 HOH 179 579 222 HOH HOH A . 
C 3 HOH 180 580 155 HOH HOH A . 
C 3 HOH 181 581 234 HOH HOH A . 
C 3 HOH 182 582 21  HOH HOH A . 
C 3 HOH 183 583 219 HOH HOH A . 
C 3 HOH 184 584 132 HOH HOH A . 
C 3 HOH 185 585 71  HOH HOH A . 
C 3 HOH 186 586 79  HOH HOH A . 
C 3 HOH 187 587 230 HOH HOH A . 
C 3 HOH 188 588 126 HOH HOH A . 
C 3 HOH 189 589 130 HOH HOH A . 
C 3 HOH 190 590 217 HOH HOH A . 
C 3 HOH 191 591 210 HOH HOH A . 
C 3 HOH 192 592 115 HOH HOH A . 
C 3 HOH 193 593 91  HOH HOH A . 
C 3 HOH 194 594 63  HOH HOH A . 
C 3 HOH 195 595 49  HOH HOH A . 
C 3 HOH 196 596 110 HOH HOH A . 
C 3 HOH 197 597 112 HOH HOH A . 
C 3 HOH 198 598 142 HOH HOH A . 
C 3 HOH 199 599 153 HOH HOH A . 
C 3 HOH 200 600 73  HOH HOH A . 
C 3 HOH 201 601 75  HOH HOH A . 
C 3 HOH 202 602 128 HOH HOH A . 
C 3 HOH 203 603 211 HOH HOH A . 
C 3 HOH 204 604 148 HOH HOH A . 
C 3 HOH 205 605 134 HOH HOH A . 
C 3 HOH 206 606 147 HOH HOH A . 
C 3 HOH 207 607 145 HOH HOH A . 
C 3 HOH 208 608 146 HOH HOH A . 
C 3 HOH 209 609 203 HOH HOH A . 
# 
loop_
_software.pdbx_ordinal 
_software.name 
_software.version 
_software.date 
_software.type 
_software.contact_author 
_software.contact_author_email 
_software.classification 
_software.location 
_software.language 
_software.citation_id 
1 REFMAC      5.8.0238 ?               program 'Garib N. Murshudov' garib@ysbl.york.ac.uk    refinement        
http://www.ccp4.ac.uk/dist/html/refmac5.html        Fortran_77 ? 
2 Aimless     0.7.3    15/08/18        program 'Phil Evans'         ?                        'data scaling'    
http://www.mrc-lmb.cam.ac.uk/harry/pre/aimless.html ?          ? 
3 PDB_EXTRACT 3.23     'SEP. 23, 2016' package PDB                  deposit@deposit.rcsb.org 'data extraction' 
http://sw-tools.pdb.org/apps/PDB_EXTRACT/           C++        ? 
4 XDS         .        ?               program ?                    ?                        'data reduction'  ? ?          ? 
5 REFMAC      .        ?               program ?                    ?                        phasing           ? ?          ? 
# 
_cell.entry_id           5QSF 
_cell.length_a           99.837 
_cell.length_b           99.837 
_cell.length_c           99.014 
_cell.angle_alpha        90.000 
_cell.angle_beta         90.000 
_cell.angle_gamma        120.000 
_cell.Z_PDB              18 
_cell.pdbx_unique_axis   ? 
# 
_symmetry.entry_id                         5QSF 
_symmetry.Int_Tables_number                155 
_symmetry.space_group_name_H-M             'H 3 2' 
_symmetry.pdbx_full_space_group_name_H-M   ? 
_symmetry.cell_setting                     ? 
# 
_exptl.crystals_number   1 
_exptl.entry_id          5QSF 
_exptl.method            'X-RAY DIFFRACTION' 
# 
_exptl_crystal.id                    1 
_exptl_crystal.pdbx_mosaicity        0.000 
_exptl_crystal.pdbx_mosaicity_esd    ? 
_exptl_crystal.density_Matthews      2.42 
_exptl_crystal.density_diffrn        ? 
_exptl_crystal.density_meas          ? 
_exptl_crystal.density_meas_temp     ? 
_exptl_crystal.density_percent_sol   49.08 
_exptl_crystal.size_max              ? 
_exptl_crystal.size_mid              ? 
_exptl_crystal.size_min              ? 
_exptl_crystal.size_rad              ? 
_exptl_crystal.description           ? 
# 
_exptl_crystal_grow.crystal_id      1 
_exptl_crystal_grow.method          'VAPOR DIFFUSION, SITTING DROP' 
_exptl_crystal_grow.pH              7 
_exptl_crystal_grow.temp            298 
_exptl_crystal_grow.pdbx_details    '0.1 M SPG pH 7.0, 30 % PEG 1000' 
_exptl_crystal_grow.temp_details    ? 
_exptl_crystal_grow.pdbx_pH_range   ? 
# 
_diffrn.id                               1 
_diffrn.ambient_temp                     100 
_diffrn.crystal_id                       1 
_diffrn.ambient_temp_details             ? 
_diffrn.pdbx_serial_crystal_experiment   ? 
# 
_diffrn_detector.detector               PIXEL 
_diffrn_detector.type                   'DECTRIS PILATUS 6M' 
_diffrn_detector.pdbx_collection_date   2018-12-09 
_diffrn_detector.diffrn_id              1 
_diffrn_detector.details                ? 
# 
_diffrn_radiation.diffrn_id                        1 
_diffrn_radiation.wavelength_id                    1 
_diffrn_radiation.pdbx_diffrn_protocol             'SINGLE WAVELENGTH' 
_diffrn_radiation.pdbx_monochromatic_or_laue_m_l   M 
_diffrn_radiation.monochromator                    ? 
_diffrn_radiation.pdbx_scattering_type             x-ray 
# 
_diffrn_radiation_wavelength.id           1 
_diffrn_radiation_wavelength.wavelength   0.91587 
_diffrn_radiation_wavelength.wt           1.0 
# 
_diffrn_source.diffrn_id                   1 
_diffrn_source.source                      SYNCHROTRON 
_diffrn_source.type                        'DIAMOND BEAMLINE I04-1' 
_diffrn_source.pdbx_wavelength_list        0.91587 
_diffrn_source.pdbx_synchrotron_site       Diamond 
_diffrn_source.pdbx_synchrotron_beamline   I04-1 
_diffrn_source.pdbx_wavelength             ? 
# 
_reflns.entry_id                     5QSF 
_reflns.pdbx_diffrn_id               1 
_reflns.pdbx_ordinal                 1 
_reflns.observed_criterion_sigma_I   ? 
_reflns.observed_criterion_sigma_F   ? 
_reflns.d_resolution_low             65.120 
_reflns.d_resolution_high            1.960 
_reflns.number_obs                   13810 
_reflns.number_all                   ? 
_reflns.percent_possible_obs         100.000 
_reflns.pdbx_Rmerge_I_obs            0.210 
_reflns.pdbx_Rsym_value              ? 
_reflns.pdbx_netI_over_sigmaI        9.200 
_reflns.B_iso_Wilson_estimate        ? 
_reflns.pdbx_redundancy              9.600 
_reflns.pdbx_Rrim_I_all              0.222 
_reflns.pdbx_Rpim_I_all              0.071 
_reflns.pdbx_CC_half                 0.997 
_reflns.pdbx_netI_over_av_sigmaI     ? 
_reflns.pdbx_number_measured_all     133103 
_reflns.pdbx_scaling_rejects         566 
_reflns.pdbx_chi_squared             ? 
_reflns.Rmerge_F_all                 ? 
_reflns.Rmerge_F_obs                 ? 
_reflns.observed_criterion_F_max     ? 
_reflns.observed_criterion_F_min     ? 
_reflns.observed_criterion_I_max     ? 
_reflns.observed_criterion_I_min     ? 
_reflns.pdbx_d_res_high_opt          ? 
_reflns.pdbx_d_res_low_opt           ? 
_reflns.details                      ? 
# 
loop_
_reflns_shell.pdbx_diffrn_id 
_reflns_shell.pdbx_ordinal 
_reflns_shell.d_res_high 
_reflns_shell.d_res_low 
_reflns_shell.number_measured_obs 
_reflns_shell.number_measured_all 
_reflns_shell.number_unique_obs 
_reflns_shell.pdbx_rejects 
_reflns_shell.Rmerge_I_obs 
_reflns_shell.meanI_over_sigI_obs 
_reflns_shell.pdbx_Rsym_value 
_reflns_shell.pdbx_chi_squared 
_reflns_shell.pdbx_redundancy 
_reflns_shell.percent_possible_obs 
_reflns_shell.pdbx_netI_over_sigmaI_obs 
_reflns_shell.number_possible 
_reflns_shell.number_unique_all 
_reflns_shell.Rmerge_F_all 
_reflns_shell.Rmerge_F_obs 
_reflns_shell.Rmerge_I_all 
_reflns_shell.meanI_over_sigI_all 
_reflns_shell.percent_possible_all 
_reflns_shell.pdbx_Rrim_I_all 
_reflns_shell.pdbx_Rpim_I_all 
_reflns_shell.pdbx_CC_half 
1 1 1.960 2.010  ? 9839 ? ? 3.227 ? ? ? 9.800 ? 1.200  ? 1002 ? ? ? ? 100.000 3.406 1.081 0.502 
1 2 8.770 65.120 ? 1658 ? ? 0.031 ? ? ? 9.400 ? 35.800 ? 177  ? ? ? ? 99.900  0.033 0.011 0.999 
# 
_refine.entry_id                                 5QSF 
_refine.pdbx_refine_id                           'X-RAY DIFFRACTION' 
_refine.ls_d_res_high                            1.9600 
_refine.ls_d_res_low                             65.1300 
_refine.pdbx_ls_sigma_F                          0.000 
_refine.pdbx_data_cutoff_high_absF               ? 
_refine.pdbx_data_cutoff_low_absF                ? 
_refine.ls_percent_reflns_obs                    98.8100 
_refine.ls_number_reflns_obs                     13024 
_refine.ls_number_reflns_all                     ? 
_refine.pdbx_ls_cross_valid_method               THROUGHOUT 
_refine.ls_matrix_type                           ? 
_refine.pdbx_R_Free_selection_details            RANDOM 
_refine.details                                  
'HYDROGENS HAVE BEEN ADDED IN THE RIDING POSITIONS U VALUES      : REFINED INDIVIDUALLY' 
_refine.ls_R_factor_all                          ? 
_refine.ls_R_factor_obs                          0.2039 
_refine.ls_R_factor_R_work                       0.2006 
_refine.ls_wR_factor_R_work                      ? 
_refine.ls_R_factor_R_free                       0.2690 
_refine.ls_wR_factor_R_free                      ? 
_refine.ls_percent_reflns_R_free                 4.6000 
_refine.ls_number_reflns_R_free                  626 
_refine.ls_number_reflns_R_work                  ? 
_refine.ls_R_factor_R_free_error                 ? 
_refine.B_iso_mean                               35.0070 
_refine.solvent_model_param_bsol                 ? 
_refine.solvent_model_param_ksol                 ? 
_refine.pdbx_isotropic_thermal_model             ? 
_refine.aniso_B[1][1]                            0.0100 
_refine.aniso_B[2][2]                            0.0100 
_refine.aniso_B[3][3]                            -0.0400 
_refine.aniso_B[1][2]                            0.0100 
_refine.aniso_B[1][3]                            -0.0000 
_refine.aniso_B[2][3]                            -0.0000 
_refine.correlation_coeff_Fo_to_Fc               0.9490 
_refine.correlation_coeff_Fo_to_Fc_free          0.9000 
_refine.overall_SU_R_Cruickshank_DPI             ? 
_refine.pdbx_overall_SU_R_free_Cruickshank_DPI   ? 
_refine.pdbx_overall_SU_R_Blow_DPI               ? 
_refine.pdbx_overall_SU_R_free_Blow_DPI          ? 
_refine.overall_SU_R_free                        ? 
_refine.pdbx_overall_ESU_R                       0.2240 
_refine.pdbx_overall_ESU_R_Free                  0.2000 
_refine.overall_SU_ML                            0.2150 
_refine.overall_SU_B                             8.5830 
_refine.solvent_model_details                    MASK 
_refine.pdbx_solvent_vdw_probe_radii             1.2000 
_refine.pdbx_solvent_ion_probe_radii             0.8000 
_refine.pdbx_solvent_shrinkage_radii             0.8000 
_refine.ls_number_parameters                     ? 
_refine.ls_number_restraints                     ? 
_refine.pdbx_starting_model                      6f58 
_refine.pdbx_method_to_determine_struct          'FOURIER SYNTHESIS' 
_refine.pdbx_stereochemistry_target_values       'MAXIMUM LIKELIHOOD' 
_refine.pdbx_stereochem_target_val_spec_case     ? 
_refine.overall_FOM_work_R_set                   ? 
_refine.B_iso_max                                120.580 
_refine.B_iso_min                                22.020 
_refine.pdbx_overall_phase_error                 ? 
_refine.occupancy_max                            ? 
_refine.occupancy_min                            ? 
_refine.pdbx_diffrn_id                           1 
_refine.pdbx_TLS_residual_ADP_flag               ? 
_refine.pdbx_ls_sigma_I                          ? 
_refine.pdbx_data_cutoff_high_rms_absF           ? 
_refine.ls_R_factor_R_free_error_details         ? 
# 
_refine_hist.cycle_id                         final 
_refine_hist.pdbx_refine_id                   'X-RAY DIFFRACTION' 
_refine_hist.d_res_high                       1.9600 
_refine_hist.d_res_low                        65.1300 
_refine_hist.pdbx_number_atoms_ligand         12 
_refine_hist.number_atoms_solvent             209 
_refine_hist.number_atoms_total               1601 
_refine_hist.pdbx_number_residues_total       171 
_refine_hist.pdbx_B_iso_mean_ligand           62.92 
_refine_hist.pdbx_B_iso_mean_solvent          47.80 
_refine_hist.pdbx_number_atoms_protein        1380 
_refine_hist.pdbx_number_atoms_nucleic_acid   0 
# 
loop_
_refine_ls_restr.pdbx_refine_id 
_refine_ls_restr.type 
_refine_ls_restr.number 
_refine_ls_restr.dev_ideal 
_refine_ls_restr.dev_ideal_target 
_refine_ls_restr.weight 
_refine_ls_restr.pdbx_restraint_function 
'X-RAY DIFFRACTION' r_bond_refined_d       1742 0.009  0.013  ? ? 
'X-RAY DIFFRACTION' r_bond_other_d         1498 0.001  0.017  ? ? 
'X-RAY DIFFRACTION' r_angle_refined_deg    2201 1.538  1.661  ? ? 
'X-RAY DIFFRACTION' r_angle_other_deg      3492 1.236  1.598  ? ? 
'X-RAY DIFFRACTION' r_dihedral_angle_1_deg 200  6.949  5.000  ? ? 
'X-RAY DIFFRACTION' r_dihedral_angle_2_deg 77   29.388 22.338 ? ? 
'X-RAY DIFFRACTION' r_dihedral_angle_3_deg 282  15.237 15.000 ? ? 
'X-RAY DIFFRACTION' r_dihedral_angle_4_deg 8    19.187 15.000 ? ? 
'X-RAY DIFFRACTION' r_chiral_restr         203  0.067  0.200  ? ? 
'X-RAY DIFFRACTION' r_gen_planes_refined   1896 0.007  0.020  ? ? 
'X-RAY DIFFRACTION' r_gen_planes_other     344  0.001  0.020  ? ? 
'X-RAY DIFFRACTION' r_mcbond_it            839  2.762  3.365  ? ? 
'X-RAY DIFFRACTION' r_mcbond_other         835  2.769  3.369  ? ? 
'X-RAY DIFFRACTION' r_mcangle_it           986  4.279  5.099  ? ? 
# 
_refine_ls_shell.d_res_high                       1.9600 
_refine_ls_shell.d_res_low                        2.0110 
_refine_ls_shell.pdbx_total_number_of_bins_used   20 
_refine_ls_shell.percent_reflns_obs               99.4000 
_refine_ls_shell.number_reflns_R_work             958 
_refine_ls_shell.R_factor_all                     ? 
_refine_ls_shell.R_factor_R_work                  0.3120 
_refine_ls_shell.R_factor_R_free                  0.3400 
_refine_ls_shell.percent_reflns_R_free            ? 
_refine_ls_shell.number_reflns_R_free             44 
_refine_ls_shell.R_factor_R_free_error            ? 
_refine_ls_shell.number_reflns_all                1002 
_refine_ls_shell.number_reflns_obs                ? 
_refine_ls_shell.pdbx_refine_id                   'X-RAY DIFFRACTION' 
# 
_struct.entry_id                  5QSF 
_struct.title                     
'PanDDA analysis group deposition -- Crystal Structure of human Brachyury G177D variant in complex with Z2856434814' 
_struct.pdbx_model_details        ? 
_struct.pdbx_CASP_flag            ? 
_struct.pdbx_model_type_details   ? 
# 
_struct_keywords.entry_id        5QSF 
_struct_keywords.text            'SGC - Diamond I04-1 fragment screening, PanDDA, XChemExplorer, TRANSCRIPTION' 
_struct_keywords.pdbx_keywords   TRANSCRIPTION 
# 
loop_
_struct_asym.id 
_struct_asym.pdbx_blank_PDB_chainid_flag 
_struct_asym.pdbx_modified 
_struct_asym.entity_id 
_struct_asym.details 
A N N 1 ? 
B N N 2 ? 
C N N 3 ? 
# 
_struct_ref.id                         1 
_struct_ref.db_name                    UNP 
_struct_ref.db_code                    TBXT_HUMAN 
_struct_ref.pdbx_db_accession          O15178 
_struct_ref.pdbx_db_isoform            ? 
_struct_ref.entity_id                  1 
_struct_ref.pdbx_seq_one_letter_code   
;ELRVGLEESELWLRFKELTNEMIVTKNGRRMFPVLKVNVSGLDPNAMYSFLLDFVAADNHRWKYVNGEWVPGGKPEPQAP
SCVYIHPDSPNFGAHWMKAPVSFSKVKLTNKLNGGGQIMLNSLHKYEPRIHIVRVGGPQRMITSHCFPETQFIAVTAYQN
EEITALKIKYN
;
_struct_ref.pdbx_align_begin           41 
# 
_struct_ref_seq.align_id                      1 
_struct_ref_seq.ref_id                        1 
_struct_ref_seq.pdbx_PDB_id_code              5QSF 
_struct_ref_seq.pdbx_strand_id                A 
_struct_ref_seq.seq_align_beg                 2 
_struct_ref_seq.pdbx_seq_align_beg_ins_code   ? 
_struct_ref_seq.seq_align_end                 172 
_struct_ref_seq.pdbx_seq_align_end_ins_code   ? 
_struct_ref_seq.pdbx_db_accession             O15178 
_struct_ref_seq.db_align_beg                  41 
_struct_ref_seq.pdbx_db_align_beg_ins_code    ? 
_struct_ref_seq.db_align_end                  211 
_struct_ref_seq.pdbx_db_align_end_ins_code    ? 
_struct_ref_seq.pdbx_auth_seq_align_beg       41 
_struct_ref_seq.pdbx_auth_seq_align_end       211 
# 
loop_
_struct_ref_seq_dif.align_id 
_struct_ref_seq_dif.pdbx_pdb_id_code 
_struct_ref_seq_dif.mon_id 
_struct_ref_seq_dif.pdbx_pdb_strand_id 
_struct_ref_seq_dif.seq_num 
_struct_ref_seq_dif.pdbx_pdb_ins_code 
_struct_ref_seq_dif.pdbx_seq_db_name 
_struct_ref_seq_dif.pdbx_seq_db_accession_code 
_struct_ref_seq_dif.db_mon_id 
_struct_ref_seq_dif.pdbx_seq_db_seq_num 
_struct_ref_seq_dif.details 
_struct_ref_seq_dif.pdbx_auth_seq_num 
_struct_ref_seq_dif.pdbx_ordinal 
1 5QSF GLY A 1   ? UNP O15178 ?   ?   'expression tag'      40  1 
1 5QSF ASP A 138 ? UNP O15178 GLY 177 'engineered mutation' 177 2 
# 
_pdbx_struct_assembly.id                   1 
_pdbx_struct_assembly.details              author_and_software_defined_assembly 
_pdbx_struct_assembly.method_details       PISA 
_pdbx_struct_assembly.oligomeric_details   monomeric 
_pdbx_struct_assembly.oligomeric_count     1 
# 
_pdbx_struct_assembly_gen.assembly_id       1 
_pdbx_struct_assembly_gen.oper_expression   1 
_pdbx_struct_assembly_gen.asym_id_list      A,B,C 
# 
_pdbx_struct_oper_list.id                   1 
_pdbx_struct_oper_list.type                 'identity operation' 
_pdbx_struct_oper_list.name                 1_555 
_pdbx_struct_oper_list.symmetry_operation   x,y,z 
_pdbx_struct_oper_list.matrix[1][1]         1.0000000000 
_pdbx_struct_oper_list.matrix[1][2]         0.0000000000 
_pdbx_struct_oper_list.matrix[1][3]         0.0000000000 
_pdbx_struct_oper_list.vector[1]            0.0000000000 
_pdbx_struct_oper_list.matrix[2][1]         0.0000000000 
_pdbx_struct_oper_list.matrix[2][2]         1.0000000000 
_pdbx_struct_oper_list.matrix[2][3]         0.0000000000 
_pdbx_struct_oper_list.vector[2]            0.0000000000 
_pdbx_struct_oper_list.matrix[3][1]         0.0000000000 
_pdbx_struct_oper_list.matrix[3][2]         0.0000000000 
_pdbx_struct_oper_list.matrix[3][3]         1.0000000000 
_pdbx_struct_oper_list.vector[3]            0.0000000000 
# 
loop_
_struct_conf.conf_type_id 
_struct_conf.id 
_struct_conf.pdbx_PDB_helix_id 
_struct_conf.beg_label_comp_id 
_struct_conf.beg_label_asym_id 
_struct_conf.beg_label_seq_id 
_struct_conf.pdbx_beg_PDB_ins_code 
_struct_conf.end_label_comp_id 
_struct_conf.end_label_asym_id 
_struct_conf.end_label_seq_id 
_struct_conf.pdbx_end_PDB_ins_code 
_struct_conf.beg_auth_comp_id 
_struct_conf.beg_auth_asym_id 
_struct_conf.beg_auth_seq_id 
_struct_conf.end_auth_comp_id 
_struct_conf.end_auth_asym_id 
_struct_conf.end_auth_seq_id 
_struct_conf.pdbx_PDB_helix_class 
_struct_conf.details 
_struct_conf.pdbx_PDB_helix_length 
HELX_P HELX_P1 AA1 GLU A 9   ? THR A 20  ? GLU A 48  THR A 59  1 ? 12 
HELX_P HELX_P2 AA2 GLY A 94  ? ALA A 100 ? GLY A 133 ALA A 139 1 ? 7  
HELX_P HELX_P3 AA3 PRO A 149 ? GLN A 152 ? PRO A 188 GLN A 191 5 ? 4  
HELX_P HELX_P4 AA4 ASN A 161 ? ASN A 172 ? ASN A 200 ASN A 211 1 ? 12 
# 
_struct_conf_type.id          HELX_P 
_struct_conf_type.criteria    ? 
_struct_conf_type.reference   ? 
# 
loop_
_struct_mon_prot_cis.pdbx_id 
_struct_mon_prot_cis.label_comp_id 
_struct_mon_prot_cis.label_seq_id 
_struct_mon_prot_cis.label_asym_id 
_struct_mon_prot_cis.label_alt_id 
_struct_mon_prot_cis.pdbx_PDB_ins_code 
_struct_mon_prot_cis.auth_comp_id 
_struct_mon_prot_cis.auth_seq_id 
_struct_mon_prot_cis.auth_asym_id 
_struct_mon_prot_cis.pdbx_label_comp_id_2 
_struct_mon_prot_cis.pdbx_label_seq_id_2 
_struct_mon_prot_cis.pdbx_label_asym_id_2 
_struct_mon_prot_cis.pdbx_PDB_ins_code_2 
_struct_mon_prot_cis.pdbx_auth_comp_id_2 
_struct_mon_prot_cis.pdbx_auth_seq_id_2 
_struct_mon_prot_cis.pdbx_auth_asym_id_2 
_struct_mon_prot_cis.pdbx_PDB_model_num 
_struct_mon_prot_cis.pdbx_omega_angle 
1 PHE 33 A . ? PHE 72  A PRO 34 A ? PRO 73  A 1 -4.93  
2 SER 90 A . ? SER 129 A PRO 91 A ? PRO 130 A 1 -17.52 
# 
loop_
_struct_sheet.id 
_struct_sheet.type 
_struct_sheet.number_strands 
_struct_sheet.details 
AA1 ? 3 ? 
AA2 ? 5 ? 
AA3 ? 4 ? 
AA4 ? 3 ? 
AA5 ? 2 ? 
# 
loop_
_struct_sheet_order.sheet_id 
_struct_sheet_order.range_id_1 
_struct_sheet_order.range_id_2 
_struct_sheet_order.offset 
_struct_sheet_order.sense 
AA1 1 2 ? anti-parallel 
AA1 2 3 ? anti-parallel 
AA2 1 2 ? parallel      
AA2 2 3 ? anti-parallel 
AA2 3 4 ? anti-parallel 
AA2 4 5 ? anti-parallel 
AA3 1 2 ? anti-parallel 
AA3 2 3 ? anti-parallel 
AA3 3 4 ? anti-parallel 
AA4 1 2 ? anti-parallel 
AA4 2 3 ? parallel      
AA5 1 2 ? anti-parallel 
# 
loop_
_struct_sheet_range.sheet_id 
_struct_sheet_range.id 
_struct_sheet_range.beg_label_comp_id 
_struct_sheet_range.beg_label_asym_id 
_struct_sheet_range.beg_label_seq_id 
_struct_sheet_range.pdbx_beg_PDB_ins_code 
_struct_sheet_range.end_label_comp_id 
_struct_sheet_range.end_label_asym_id 
_struct_sheet_range.end_label_seq_id 
_struct_sheet_range.pdbx_end_PDB_ins_code 
_struct_sheet_range.beg_auth_comp_id 
_struct_sheet_range.beg_auth_asym_id 
_struct_sheet_range.beg_auth_seq_id 
_struct_sheet_range.end_auth_comp_id 
_struct_sheet_range.end_auth_asym_id 
_struct_sheet_range.end_auth_seq_id 
AA1 1 ARG A 4   ? LEU A 7   ? ARG A 43  LEU A 46  
AA1 2 LYS A 37  ? SER A 41  ? LYS A 76  SER A 80  
AA1 3 VAL A 102 ? SER A 103 ? VAL A 141 SER A 142 
AA2 1 GLU A 22  ? ILE A 24  ? GLU A 61  ILE A 63  
AA2 2 PHE A 153 ? VAL A 156 ? PHE A 192 VAL A 195 
AA2 3 LYS A 126 ? ARG A 135 ? LYS A 165 ARG A 174 
AA2 4 MET A 48  ? ALA A 57  ? MET A 87  ALA A 96  
AA2 5 ASN A 92  ? PHE A 93  ? ASN A 131 PHE A 132 
AA3 1 TYR A 85  ? ILE A 86  ? TYR A 124 ILE A 125 
AA3 2 MET A 48  ? ALA A 57  ? MET A 87  ALA A 96  
AA3 3 LYS A 126 ? ARG A 135 ? LYS A 165 ARG A 174 
AA3 4 ILE A 143 ? CYS A 147 ? ILE A 182 CYS A 186 
AA4 1 ARG A 30  ? ARG A 31  ? ARG A 69  ARG A 70  
AA4 2 LYS A 108 ? THR A 110 ? LYS A 147 THR A 149 
AA4 3 ILE A 119 ? MET A 120 ? ILE A 158 MET A 159 
AA5 1 ARG A 62  ? VAL A 66  ? ARG A 101 VAL A 105 
AA5 2 GLU A 69  ? GLY A 74  ? GLU A 108 GLY A 113 
# 
loop_
_pdbx_struct_sheet_hbond.sheet_id 
_pdbx_struct_sheet_hbond.range_id_1 
_pdbx_struct_sheet_hbond.range_id_2 
_pdbx_struct_sheet_hbond.range_1_label_atom_id 
_pdbx_struct_sheet_hbond.range_1_label_comp_id 
_pdbx_struct_sheet_hbond.range_1_label_asym_id 
_pdbx_struct_sheet_hbond.range_1_label_seq_id 
_pdbx_struct_sheet_hbond.range_1_PDB_ins_code 
_pdbx_struct_sheet_hbond.range_1_auth_atom_id 
_pdbx_struct_sheet_hbond.range_1_auth_comp_id 
_pdbx_struct_sheet_hbond.range_1_auth_asym_id 
_pdbx_struct_sheet_hbond.range_1_auth_seq_id 
_pdbx_struct_sheet_hbond.range_2_label_atom_id 
_pdbx_struct_sheet_hbond.range_2_label_comp_id 
_pdbx_struct_sheet_hbond.range_2_label_asym_id 
_pdbx_struct_sheet_hbond.range_2_label_seq_id 
_pdbx_struct_sheet_hbond.range_2_PDB_ins_code 
_pdbx_struct_sheet_hbond.range_2_auth_atom_id 
_pdbx_struct_sheet_hbond.range_2_auth_comp_id 
_pdbx_struct_sheet_hbond.range_2_auth_asym_id 
_pdbx_struct_sheet_hbond.range_2_auth_seq_id 
AA1 1 2 N ARG A 4   ? N ARG A 43  O SER A 41  ? O SER A 80  
AA1 2 3 N VAL A 38  ? N VAL A 77  O VAL A 102 ? O VAL A 141 
AA2 1 2 N MET A 23  ? N MET A 62  O VAL A 156 ? O VAL A 195 
AA2 2 3 O PHE A 153 ? O PHE A 192 N TYR A 127 ? N TYR A 166 
AA2 3 4 O VAL A 134 ? O VAL A 173 N SER A 50  ? N SER A 89  
AA2 4 5 N TYR A 49  ? N TYR A 88  O ASN A 92  ? O ASN A 131 
AA3 1 2 O TYR A 85  ? O TYR A 124 N LEU A 53  ? N LEU A 92  
AA3 2 3 N SER A 50  ? N SER A 89  O VAL A 134 ? O VAL A 173 
AA3 3 4 N ILE A 131 ? N ILE A 170 O HIS A 146 ? O HIS A 185 
AA4 1 2 N ARG A 30  ? N ARG A 69  O LEU A 109 ? O LEU A 148 
AA4 2 3 N LYS A 108 ? N LYS A 147 O ILE A 119 ? O ILE A 158 
AA5 1 2 N LYS A 64  ? N LYS A 103 O VAL A 71  ? O VAL A 110 
# 
_struct_site.id                   AC1 
_struct_site.pdbx_evidence_code   Software 
_struct_site.pdbx_auth_asym_id    A 
_struct_site.pdbx_auth_comp_id    O0Y 
_struct_site.pdbx_auth_seq_id     301 
_struct_site.pdbx_auth_ins_code   ? 
_struct_site.pdbx_num_residues    6 
_struct_site.details              'binding site for residue O0Y A 301' 
# 
loop_
_struct_site_gen.id 
_struct_site_gen.site_id 
_struct_site_gen.pdbx_num_res 
_struct_site_gen.label_comp_id 
_struct_site_gen.label_asym_id 
_struct_site_gen.label_seq_id 
_struct_site_gen.pdbx_auth_ins_code 
_struct_site_gen.auth_comp_id 
_struct_site_gen.auth_asym_id 
_struct_site_gen.auth_seq_id 
_struct_site_gen.label_atom_id 
_struct_site_gen.label_alt_id 
_struct_site_gen.symmetry 
_struct_site_gen.details 
1 AC1 6 GLU A 9  ? GLU A 48 . ? 4_555 ? 
2 AC1 6 GLU A 9  ? GLU A 48 . ? 1_555 ? 
3 AC1 6 GLU A 11 ? GLU A 50 . ? 1_555 ? 
4 AC1 6 LEU A 12 ? LEU A 51 . ? 1_555 ? 
5 AC1 6 ARG A 15 ? ARG A 54 . ? 1_555 ? 
6 AC1 6 LYS A 37 ? LYS A 76 . ? 4_555 ? 
# 
_pdbx_validate_symm_contact.id                1 
_pdbx_validate_symm_contact.PDB_model_num     1 
_pdbx_validate_symm_contact.auth_atom_id_1    O 
_pdbx_validate_symm_contact.auth_asym_id_1    A 
_pdbx_validate_symm_contact.auth_comp_id_1    HOH 
_pdbx_validate_symm_contact.auth_seq_id_1     510 
_pdbx_validate_symm_contact.PDB_ins_code_1    ? 
_pdbx_validate_symm_contact.label_alt_id_1    ? 
_pdbx_validate_symm_contact.site_symmetry_1   1_555 
_pdbx_validate_symm_contact.auth_atom_id_2    O 
_pdbx_validate_symm_contact.auth_asym_id_2    A 
_pdbx_validate_symm_contact.auth_comp_id_2    HOH 
_pdbx_validate_symm_contact.auth_seq_id_2     510 
_pdbx_validate_symm_contact.PDB_ins_code_2    ? 
_pdbx_validate_symm_contact.label_alt_id_2    ? 
_pdbx_validate_symm_contact.site_symmetry_2   6_555 
_pdbx_validate_symm_contact.dist              1.65 
# 
_pdbx_validate_rmsd_angle.id                         1 
_pdbx_validate_rmsd_angle.PDB_model_num              1 
_pdbx_validate_rmsd_angle.auth_atom_id_1             CG 
_pdbx_validate_rmsd_angle.auth_asym_id_1             A 
_pdbx_validate_rmsd_angle.auth_comp_id_1             ARG 
_pdbx_validate_rmsd_angle.auth_seq_id_1              180 
_pdbx_validate_rmsd_angle.PDB_ins_code_1             ? 
_pdbx_validate_rmsd_angle.label_alt_id_1             ? 
_pdbx_validate_rmsd_angle.auth_atom_id_2             CD 
_pdbx_validate_rmsd_angle.auth_asym_id_2             A 
_pdbx_validate_rmsd_angle.auth_comp_id_2             ARG 
_pdbx_validate_rmsd_angle.auth_seq_id_2              180 
_pdbx_validate_rmsd_angle.PDB_ins_code_2             ? 
_pdbx_validate_rmsd_angle.label_alt_id_2             ? 
_pdbx_validate_rmsd_angle.auth_atom_id_3             NE 
_pdbx_validate_rmsd_angle.auth_asym_id_3             A 
_pdbx_validate_rmsd_angle.auth_comp_id_3             ARG 
_pdbx_validate_rmsd_angle.auth_seq_id_3              180 
_pdbx_validate_rmsd_angle.PDB_ins_code_3             ? 
_pdbx_validate_rmsd_angle.label_alt_id_3             ? 
_pdbx_validate_rmsd_angle.angle_value                95.94 
_pdbx_validate_rmsd_angle.angle_target_value         111.80 
_pdbx_validate_rmsd_angle.angle_deviation            -15.86 
_pdbx_validate_rmsd_angle.angle_standard_deviation   2.10 
_pdbx_validate_rmsd_angle.linker_flag                N 
# 
loop_
_pdbx_validate_torsion.id 
_pdbx_validate_torsion.PDB_model_num 
_pdbx_validate_torsion.auth_comp_id 
_pdbx_validate_torsion.auth_asym_id 
_pdbx_validate_torsion.auth_seq_id 
_pdbx_validate_torsion.PDB_ins_code 
_pdbx_validate_torsion.label_alt_id 
_pdbx_validate_torsion.phi 
_pdbx_validate_torsion.psi 
1 1 THR A 59  ? ? 73.58  112.39 
2 1 SER A 121 ? ? -56.88 85.71  
3 1 PHE A 143 ? ? -98.71 55.16  
4 1 PHE A 143 ? ? -99.38 55.16  
5 1 LEU A 152 ? ? -64.72 52.63  
# 
loop_
_pdbx_struct_special_symmetry.id 
_pdbx_struct_special_symmetry.PDB_model_num 
_pdbx_struct_special_symmetry.auth_asym_id 
_pdbx_struct_special_symmetry.auth_comp_id 
_pdbx_struct_special_symmetry.auth_seq_id 
_pdbx_struct_special_symmetry.PDB_ins_code 
_pdbx_struct_special_symmetry.label_asym_id 
_pdbx_struct_special_symmetry.label_comp_id 
_pdbx_struct_special_symmetry.label_seq_id 
1 1 A O0Y 301 ? B O0Y . 
2 1 A O0Y 301 ? B O0Y . 
# 
_phasing.method   MR 
# 
_pdbx_entry_details.entry_id                 5QSF 
_pdbx_entry_details.has_ligand_of_interest   Y 
_pdbx_entry_details.compound_details         ? 
_pdbx_entry_details.source_details           ? 
_pdbx_entry_details.nonpolymer_details       ? 
_pdbx_entry_details.sequence_details         ? 
# 
loop_
_pdbx_distant_solvent_atoms.id 
_pdbx_distant_solvent_atoms.PDB_model_num 
_pdbx_distant_solvent_atoms.auth_atom_id 
_pdbx_distant_solvent_atoms.label_alt_id 
_pdbx_distant_solvent_atoms.auth_asym_id 
_pdbx_distant_solvent_atoms.auth_comp_id 
_pdbx_distant_solvent_atoms.auth_seq_id 
_pdbx_distant_solvent_atoms.PDB_ins_code 
_pdbx_distant_solvent_atoms.neighbor_macromolecule_distance 
_pdbx_distant_solvent_atoms.neighbor_ligand_distance 
1 1 O ? A HOH 606 ? 5.86 . 
2 1 O ? A HOH 607 ? 6.56 . 
3 1 O ? A HOH 608 ? 7.28 . 
4 1 O ? A HOH 609 ? 7.86 . 
# 
_pdbx_unobs_or_zero_occ_residues.id               1 
_pdbx_unobs_or_zero_occ_residues.PDB_model_num    1 
_pdbx_unobs_or_zero_occ_residues.polymer_flag     Y 
_pdbx_unobs_or_zero_occ_residues.occupancy_flag   1 
_pdbx_unobs_or_zero_occ_residues.auth_asym_id     A 
_pdbx_unobs_or_zero_occ_residues.auth_comp_id     GLY 
_pdbx_unobs_or_zero_occ_residues.auth_seq_id      40 
_pdbx_unobs_or_zero_occ_residues.PDB_ins_code     ? 
_pdbx_unobs_or_zero_occ_residues.label_asym_id    A 
_pdbx_unobs_or_zero_occ_residues.label_comp_id    GLY 
_pdbx_unobs_or_zero_occ_residues.label_seq_id     1 
# 
loop_
_chem_comp_atom.comp_id 
_chem_comp_atom.atom_id 
_chem_comp_atom.type_symbol 
_chem_comp_atom.pdbx_aromatic_flag 
_chem_comp_atom.pdbx_stereo_config 
_chem_comp_atom.pdbx_ordinal 
ALA N    N N N 1   
ALA CA   C N S 2   
ALA C    C N N 3   
ALA O    O N N 4   
ALA CB   C N N 5   
ALA OXT  O N N 6   
ALA H    H N N 7   
ALA H2   H N N 8   
ALA HA   H N N 9   
ALA HB1  H N N 10  
ALA HB2  H N N 11  
ALA HB3  H N N 12  
ALA HXT  H N N 13  
ARG N    N N N 14  
ARG CA   C N S 15  
ARG C    C N N 16  
ARG O    O N N 17  
ARG CB   C N N 18  
ARG CG   C N N 19  
ARG CD   C N N 20  
ARG NE   N N N 21  
ARG CZ   C N N 22  
ARG NH1  N N N 23  
ARG NH2  N N N 24  
ARG OXT  O N N 25  
ARG H    H N N 26  
ARG H2   H N N 27  
ARG HA   H N N 28  
ARG HB2  H N N 29  
ARG HB3  H N N 30  
ARG HG2  H N N 31  
ARG HG3  H N N 32  
ARG HD2  H N N 33  
ARG HD3  H N N 34  
ARG HE   H N N 35  
ARG HH11 H N N 36  
ARG HH12 H N N 37  
ARG HH21 H N N 38  
ARG HH22 H N N 39  
ARG HXT  H N N 40  
ASN N    N N N 41  
ASN CA   C N S 42  
ASN C    C N N 43  
ASN O    O N N 44  
ASN CB   C N N 45  
ASN CG   C N N 46  
ASN OD1  O N N 47  
ASN ND2  N N N 48  
ASN OXT  O N N 49  
ASN H    H N N 50  
ASN H2   H N N 51  
ASN HA   H N N 52  
ASN HB2  H N N 53  
ASN HB3  H N N 54  
ASN HD21 H N N 55  
ASN HD22 H N N 56  
ASN HXT  H N N 57  
ASP N    N N N 58  
ASP CA   C N S 59  
ASP C    C N N 60  
ASP O    O N N 61  
ASP CB   C N N 62  
ASP CG   C N N 63  
ASP OD1  O N N 64  
ASP OD2  O N N 65  
ASP OXT  O N N 66  
ASP H    H N N 67  
ASP H2   H N N 68  
ASP HA   H N N 69  
ASP HB2  H N N 70  
ASP HB3  H N N 71  
ASP HD2  H N N 72  
ASP HXT  H N N 73  
CYS N    N N N 74  
CYS CA   C N R 75  
CYS C    C N N 76  
CYS O    O N N 77  
CYS CB   C N N 78  
CYS SG   S N N 79  
CYS OXT  O N N 80  
CYS H    H N N 81  
CYS H2   H N N 82  
CYS HA   H N N 83  
CYS HB2  H N N 84  
CYS HB3  H N N 85  
CYS HG   H N N 86  
CYS HXT  H N N 87  
GLN N    N N N 88  
GLN CA   C N S 89  
GLN C    C N N 90  
GLN O    O N N 91  
GLN CB   C N N 92  
GLN CG   C N N 93  
GLN CD   C N N 94  
GLN OE1  O N N 95  
GLN NE2  N N N 96  
GLN OXT  O N N 97  
GLN H    H N N 98  
GLN H2   H N N 99  
GLN HA   H N N 100 
GLN HB2  H N N 101 
GLN HB3  H N N 102 
GLN HG2  H N N 103 
GLN HG3  H N N 104 
GLN HE21 H N N 105 
GLN HE22 H N N 106 
GLN HXT  H N N 107 
GLU N    N N N 108 
GLU CA   C N S 109 
GLU C    C N N 110 
GLU O    O N N 111 
GLU CB   C N N 112 
GLU CG   C N N 113 
GLU CD   C N N 114 
GLU OE1  O N N 115 
GLU OE2  O N N 116 
GLU OXT  O N N 117 
GLU H    H N N 118 
GLU H2   H N N 119 
GLU HA   H N N 120 
GLU HB2  H N N 121 
GLU HB3  H N N 122 
GLU HG2  H N N 123 
GLU HG3  H N N 124 
GLU HE2  H N N 125 
GLU HXT  H N N 126 
GLY N    N N N 127 
GLY CA   C N N 128 
GLY C    C N N 129 
GLY O    O N N 130 
GLY OXT  O N N 131 
GLY H    H N N 132 
GLY H2   H N N 133 
GLY HA2  H N N 134 
GLY HA3  H N N 135 
GLY HXT  H N N 136 
HIS N    N N N 137 
HIS CA   C N S 138 
HIS C    C N N 139 
HIS O    O N N 140 
HIS CB   C N N 141 
HIS CG   C Y N 142 
HIS ND1  N Y N 143 
HIS CD2  C Y N 144 
HIS CE1  C Y N 145 
HIS NE2  N Y N 146 
HIS OXT  O N N 147 
HIS H    H N N 148 
HIS H2   H N N 149 
HIS HA   H N N 150 
HIS HB2  H N N 151 
HIS HB3  H N N 152 
HIS HD1  H N N 153 
HIS HD2  H N N 154 
HIS HE1  H N N 155 
HIS HE2  H N N 156 
HIS HXT  H N N 157 
HOH O    O N N 158 
HOH H1   H N N 159 
HOH H2   H N N 160 
ILE N    N N N 161 
ILE CA   C N S 162 
ILE C    C N N 163 
ILE O    O N N 164 
ILE CB   C N S 165 
ILE CG1  C N N 166 
ILE CG2  C N N 167 
ILE CD1  C N N 168 
ILE OXT  O N N 169 
ILE H    H N N 170 
ILE H2   H N N 171 
ILE HA   H N N 172 
ILE HB   H N N 173 
ILE HG12 H N N 174 
ILE HG13 H N N 175 
ILE HG21 H N N 176 
ILE HG22 H N N 177 
ILE HG23 H N N 178 
ILE HD11 H N N 179 
ILE HD12 H N N 180 
ILE HD13 H N N 181 
ILE HXT  H N N 182 
LEU N    N N N 183 
LEU CA   C N S 184 
LEU C    C N N 185 
LEU O    O N N 186 
LEU CB   C N N 187 
LEU CG   C N N 188 
LEU CD1  C N N 189 
LEU CD2  C N N 190 
LEU OXT  O N N 191 
LEU H    H N N 192 
LEU H2   H N N 193 
LEU HA   H N N 194 
LEU HB2  H N N 195 
LEU HB3  H N N 196 
LEU HG   H N N 197 
LEU HD11 H N N 198 
LEU HD12 H N N 199 
LEU HD13 H N N 200 
LEU HD21 H N N 201 
LEU HD22 H N N 202 
LEU HD23 H N N 203 
LEU HXT  H N N 204 
LYS N    N N N 205 
LYS CA   C N S 206 
LYS C    C N N 207 
LYS O    O N N 208 
LYS CB   C N N 209 
LYS CG   C N N 210 
LYS CD   C N N 211 
LYS CE   C N N 212 
LYS NZ   N N N 213 
LYS OXT  O N N 214 
LYS H    H N N 215 
LYS H2   H N N 216 
LYS HA   H N N 217 
LYS HB2  H N N 218 
LYS HB3  H N N 219 
LYS HG2  H N N 220 
LYS HG3  H N N 221 
LYS HD2  H N N 222 
LYS HD3  H N N 223 
LYS HE2  H N N 224 
LYS HE3  H N N 225 
LYS HZ1  H N N 226 
LYS HZ2  H N N 227 
LYS HZ3  H N N 228 
LYS HXT  H N N 229 
MET N    N N N 230 
MET CA   C N S 231 
MET C    C N N 232 
MET O    O N N 233 
MET CB   C N N 234 
MET CG   C N N 235 
MET SD   S N N 236 
MET CE   C N N 237 
MET OXT  O N N 238 
MET H    H N N 239 
MET H2   H N N 240 
MET HA   H N N 241 
MET HB2  H N N 242 
MET HB3  H N N 243 
MET HG2  H N N 244 
MET HG3  H N N 245 
MET HE1  H N N 246 
MET HE2  H N N 247 
MET HE3  H N N 248 
MET HXT  H N N 249 
O0Y C4   C Y N 250 
O0Y C5   C Y N 251 
O0Y C6   C Y N 252 
O0Y C7   C Y N 253 
O0Y C8   C Y N 254 
O0Y N    N N N 255 
O0Y C    C N N 256 
O0Y O    O N N 257 
O0Y C1   C N N 258 
O0Y C2   C N N 259 
O0Y C3   C N N 260 
O0Y C9   C Y N 261 
O0Y H1   H N N 262 
O0Y H2   H N N 263 
O0Y H3   H N N 264 
O0Y H4   H N N 265 
O0Y H5   H N N 266 
O0Y H6   H N N 267 
O0Y H7   H N N 268 
O0Y H8   H N N 269 
O0Y H9   H N N 270 
O0Y H10  H N N 271 
O0Y H11  H N N 272 
O0Y H12  H N N 273 
O0Y H13  H N N 274 
O0Y H14  H N N 275 
O0Y H15  H N N 276 
PHE N    N N N 277 
PHE CA   C N S 278 
PHE C    C N N 279 
PHE O    O N N 280 
PHE CB   C N N 281 
PHE CG   C Y N 282 
PHE CD1  C Y N 283 
PHE CD2  C Y N 284 
PHE CE1  C Y N 285 
PHE CE2  C Y N 286 
PHE CZ   C Y N 287 
PHE OXT  O N N 288 
PHE H    H N N 289 
PHE H2   H N N 290 
PHE HA   H N N 291 
PHE HB2  H N N 292 
PHE HB3  H N N 293 
PHE HD1  H N N 294 
PHE HD2  H N N 295 
PHE HE1  H N N 296 
PHE HE2  H N N 297 
PHE HZ   H N N 298 
PHE HXT  H N N 299 
PRO N    N N N 300 
PRO CA   C N S 301 
PRO C    C N N 302 
PRO O    O N N 303 
PRO CB   C N N 304 
PRO CG   C N N 305 
PRO CD   C N N 306 
PRO OXT  O N N 307 
PRO H    H N N 308 
PRO HA   H N N 309 
PRO HB2  H N N 310 
PRO HB3  H N N 311 
PRO HG2  H N N 312 
PRO HG3  H N N 313 
PRO HD2  H N N 314 
PRO HD3  H N N 315 
PRO HXT  H N N 316 
SER N    N N N 317 
SER CA   C N S 318 
SER C    C N N 319 
SER O    O N N 320 
SER CB   C N N 321 
SER OG   O N N 322 
SER OXT  O N N 323 
SER H    H N N 324 
SER H2   H N N 325 
SER HA   H N N 326 
SER HB2  H N N 327 
SER HB3  H N N 328 
SER HG   H N N 329 
SER HXT  H N N 330 
THR N    N N N 331 
THR CA   C N S 332 
THR C    C N N 333 
THR O    O N N 334 
THR CB   C N R 335 
THR OG1  O N N 336 
THR CG2  C N N 337 
THR OXT  O N N 338 
THR H    H N N 339 
THR H2   H N N 340 
THR HA   H N N 341 
THR HB   H N N 342 
THR HG1  H N N 343 
THR HG21 H N N 344 
THR HG22 H N N 345 
THR HG23 H N N 346 
THR HXT  H N N 347 
TRP N    N N N 348 
TRP CA   C N S 349 
TRP C    C N N 350 
TRP O    O N N 351 
TRP CB   C N N 352 
TRP CG   C Y N 353 
TRP CD1  C Y N 354 
TRP CD2  C Y N 355 
TRP NE1  N Y N 356 
TRP CE2  C Y N 357 
TRP CE3  C Y N 358 
TRP CZ2  C Y N 359 
TRP CZ3  C Y N 360 
TRP CH2  C Y N 361 
TRP OXT  O N N 362 
TRP H    H N N 363 
TRP H2   H N N 364 
TRP HA   H N N 365 
TRP HB2  H N N 366 
TRP HB3  H N N 367 
TRP HD1  H N N 368 
TRP HE1  H N N 369 
TRP HE3  H N N 370 
TRP HZ2  H N N 371 
TRP HZ3  H N N 372 
TRP HH2  H N N 373 
TRP HXT  H N N 374 
TYR N    N N N 375 
TYR CA   C N S 376 
TYR C    C N N 377 
TYR O    O N N 378 
TYR CB   C N N 379 
TYR CG   C Y N 380 
TYR CD1  C Y N 381 
TYR CD2  C Y N 382 
TYR CE1  C Y N 383 
TYR CE2  C Y N 384 
TYR CZ   C Y N 385 
TYR OH   O N N 386 
TYR OXT  O N N 387 
TYR H    H N N 388 
TYR H2   H N N 389 
TYR HA   H N N 390 
TYR HB2  H N N 391 
TYR HB3  H N N 392 
TYR HD1  H N N 393 
TYR HD2  H N N 394 
TYR HE1  H N N 395 
TYR HE2  H N N 396 
TYR HH   H N N 397 
TYR HXT  H N N 398 
VAL N    N N N 399 
VAL CA   C N S 400 
VAL C    C N N 401 
VAL O    O N N 402 
VAL CB   C N N 403 
VAL CG1  C N N 404 
VAL CG2  C N N 405 
VAL OXT  O N N 406 
VAL H    H N N 407 
VAL H2   H N N 408 
VAL HA   H N N 409 
VAL HB   H N N 410 
VAL HG11 H N N 411 
VAL HG12 H N N 412 
VAL HG13 H N N 413 
VAL HG21 H N N 414 
VAL HG22 H N N 415 
VAL HG23 H N N 416 
VAL HXT  H N N 417 
# 
loop_
_chem_comp_bond.comp_id 
_chem_comp_bond.atom_id_1 
_chem_comp_bond.atom_id_2 
_chem_comp_bond.value_order 
_chem_comp_bond.pdbx_aromatic_flag 
_chem_comp_bond.pdbx_stereo_config 
_chem_comp_bond.pdbx_ordinal 
ALA N   CA   sing N N 1   
ALA N   H    sing N N 2   
ALA N   H2   sing N N 3   
ALA CA  C    sing N N 4   
ALA CA  CB   sing N N 5   
ALA CA  HA   sing N N 6   
ALA C   O    doub N N 7   
ALA C   OXT  sing N N 8   
ALA CB  HB1  sing N N 9   
ALA CB  HB2  sing N N 10  
ALA CB  HB3  sing N N 11  
ALA OXT HXT  sing N N 12  
ARG N   CA   sing N N 13  
ARG N   H    sing N N 14  
ARG N   H2   sing N N 15  
ARG CA  C    sing N N 16  
ARG CA  CB   sing N N 17  
ARG CA  HA   sing N N 18  
ARG C   O    doub N N 19  
ARG C   OXT  sing N N 20  
ARG CB  CG   sing N N 21  
ARG CB  HB2  sing N N 22  
ARG CB  HB3  sing N N 23  
ARG CG  CD   sing N N 24  
ARG CG  HG2  sing N N 25  
ARG CG  HG3  sing N N 26  
ARG CD  NE   sing N N 27  
ARG CD  HD2  sing N N 28  
ARG CD  HD3  sing N N 29  
ARG NE  CZ   sing N N 30  
ARG NE  HE   sing N N 31  
ARG CZ  NH1  sing N N 32  
ARG CZ  NH2  doub N N 33  
ARG NH1 HH11 sing N N 34  
ARG NH1 HH12 sing N N 35  
ARG NH2 HH21 sing N N 36  
ARG NH2 HH22 sing N N 37  
ARG OXT HXT  sing N N 38  
ASN N   CA   sing N N 39  
ASN N   H    sing N N 40  
ASN N   H2   sing N N 41  
ASN CA  C    sing N N 42  
ASN CA  CB   sing N N 43  
ASN CA  HA   sing N N 44  
ASN C   O    doub N N 45  
ASN C   OXT  sing N N 46  
ASN CB  CG   sing N N 47  
ASN CB  HB2  sing N N 48  
ASN CB  HB3  sing N N 49  
ASN CG  OD1  doub N N 50  
ASN CG  ND2  sing N N 51  
ASN ND2 HD21 sing N N 52  
ASN ND2 HD22 sing N N 53  
ASN OXT HXT  sing N N 54  
ASP N   CA   sing N N 55  
ASP N   H    sing N N 56  
ASP N   H2   sing N N 57  
ASP CA  C    sing N N 58  
ASP CA  CB   sing N N 59  
ASP CA  HA   sing N N 60  
ASP C   O    doub N N 61  
ASP C   OXT  sing N N 62  
ASP CB  CG   sing N N 63  
ASP CB  HB2  sing N N 64  
ASP CB  HB3  sing N N 65  
ASP CG  OD1  doub N N 66  
ASP CG  OD2  sing N N 67  
ASP OD2 HD2  sing N N 68  
ASP OXT HXT  sing N N 69  
CYS N   CA   sing N N 70  
CYS N   H    sing N N 71  
CYS N   H2   sing N N 72  
CYS CA  C    sing N N 73  
CYS CA  CB   sing N N 74  
CYS CA  HA   sing N N 75  
CYS C   O    doub N N 76  
CYS C   OXT  sing N N 77  
CYS CB  SG   sing N N 78  
CYS CB  HB2  sing N N 79  
CYS CB  HB3  sing N N 80  
CYS SG  HG   sing N N 81  
CYS OXT HXT  sing N N 82  
GLN N   CA   sing N N 83  
GLN N   H    sing N N 84  
GLN N   H2   sing N N 85  
GLN CA  C    sing N N 86  
GLN CA  CB   sing N N 87  
GLN CA  HA   sing N N 88  
GLN C   O    doub N N 89  
GLN C   OXT  sing N N 90  
GLN CB  CG   sing N N 91  
GLN CB  HB2  sing N N 92  
GLN CB  HB3  sing N N 93  
GLN CG  CD   sing N N 94  
GLN CG  HG2  sing N N 95  
GLN CG  HG3  sing N N 96  
GLN CD  OE1  doub N N 97  
GLN CD  NE2  sing N N 98  
GLN NE2 HE21 sing N N 99  
GLN NE2 HE22 sing N N 100 
GLN OXT HXT  sing N N 101 
GLU N   CA   sing N N 102 
GLU N   H    sing N N 103 
GLU N   H2   sing N N 104 
GLU CA  C    sing N N 105 
GLU CA  CB   sing N N 106 
GLU CA  HA   sing N N 107 
GLU C   O    doub N N 108 
GLU C   OXT  sing N N 109 
GLU CB  CG   sing N N 110 
GLU CB  HB2  sing N N 111 
GLU CB  HB3  sing N N 112 
GLU CG  CD   sing N N 113 
GLU CG  HG2  sing N N 114 
GLU CG  HG3  sing N N 115 
GLU CD  OE1  doub N N 116 
GLU CD  OE2  sing N N 117 
GLU OE2 HE2  sing N N 118 
GLU OXT HXT  sing N N 119 
GLY N   CA   sing N N 120 
GLY N   H    sing N N 121 
GLY N   H2   sing N N 122 
GLY CA  C    sing N N 123 
GLY CA  HA2  sing N N 124 
GLY CA  HA3  sing N N 125 
GLY C   O    doub N N 126 
GLY C   OXT  sing N N 127 
GLY OXT HXT  sing N N 128 
HIS N   CA   sing N N 129 
HIS N   H    sing N N 130 
HIS N   H2   sing N N 131 
HIS CA  C    sing N N 132 
HIS CA  CB   sing N N 133 
HIS CA  HA   sing N N 134 
HIS C   O    doub N N 135 
HIS C   OXT  sing N N 136 
HIS CB  CG   sing N N 137 
HIS CB  HB2  sing N N 138 
HIS CB  HB3  sing N N 139 
HIS CG  ND1  sing Y N 140 
HIS CG  CD2  doub Y N 141 
HIS ND1 CE1  doub Y N 142 
HIS ND1 HD1  sing N N 143 
HIS CD2 NE2  sing Y N 144 
HIS CD2 HD2  sing N N 145 
HIS CE1 NE2  sing Y N 146 
HIS CE1 HE1  sing N N 147 
HIS NE2 HE2  sing N N 148 
HIS OXT HXT  sing N N 149 
HOH O   H1   sing N N 150 
HOH O   H2   sing N N 151 
ILE N   CA   sing N N 152 
ILE N   H    sing N N 153 
ILE N   H2   sing N N 154 
ILE CA  C    sing N N 155 
ILE CA  CB   sing N N 156 
ILE CA  HA   sing N N 157 
ILE C   O    doub N N 158 
ILE C   OXT  sing N N 159 
ILE CB  CG1  sing N N 160 
ILE CB  CG2  sing N N 161 
ILE CB  HB   sing N N 162 
ILE CG1 CD1  sing N N 163 
ILE CG1 HG12 sing N N 164 
ILE CG1 HG13 sing N N 165 
ILE CG2 HG21 sing N N 166 
ILE CG2 HG22 sing N N 167 
ILE CG2 HG23 sing N N 168 
ILE CD1 HD11 sing N N 169 
ILE CD1 HD12 sing N N 170 
ILE CD1 HD13 sing N N 171 
ILE OXT HXT  sing N N 172 
LEU N   CA   sing N N 173 
LEU N   H    sing N N 174 
LEU N   H2   sing N N 175 
LEU CA  C    sing N N 176 
LEU CA  CB   sing N N 177 
LEU CA  HA   sing N N 178 
LEU C   O    doub N N 179 
LEU C   OXT  sing N N 180 
LEU CB  CG   sing N N 181 
LEU CB  HB2  sing N N 182 
LEU CB  HB3  sing N N 183 
LEU CG  CD1  sing N N 184 
LEU CG  CD2  sing N N 185 
LEU CG  HG   sing N N 186 
LEU CD1 HD11 sing N N 187 
LEU CD1 HD12 sing N N 188 
LEU CD1 HD13 sing N N 189 
LEU CD2 HD21 sing N N 190 
LEU CD2 HD22 sing N N 191 
LEU CD2 HD23 sing N N 192 
LEU OXT HXT  sing N N 193 
LYS N   CA   sing N N 194 
LYS N   H    sing N N 195 
LYS N   H2   sing N N 196 
LYS CA  C    sing N N 197 
LYS CA  CB   sing N N 198 
LYS CA  HA   sing N N 199 
LYS C   O    doub N N 200 
LYS C   OXT  sing N N 201 
LYS CB  CG   sing N N 202 
LYS CB  HB2  sing N N 203 
LYS CB  HB3  sing N N 204 
LYS CG  CD   sing N N 205 
LYS CG  HG2  sing N N 206 
LYS CG  HG3  sing N N 207 
LYS CD  CE   sing N N 208 
LYS CD  HD2  sing N N 209 
LYS CD  HD3  sing N N 210 
LYS CE  NZ   sing N N 211 
LYS CE  HE2  sing N N 212 
LYS CE  HE3  sing N N 213 
LYS NZ  HZ1  sing N N 214 
LYS NZ  HZ2  sing N N 215 
LYS NZ  HZ3  sing N N 216 
LYS OXT HXT  sing N N 217 
MET N   CA   sing N N 218 
MET N   H    sing N N 219 
MET N   H2   sing N N 220 
MET CA  C    sing N N 221 
MET CA  CB   sing N N 222 
MET CA  HA   sing N N 223 
MET C   O    doub N N 224 
MET C   OXT  sing N N 225 
MET CB  CG   sing N N 226 
MET CB  HB2  sing N N 227 
MET CB  HB3  sing N N 228 
MET CG  SD   sing N N 229 
MET CG  HG2  sing N N 230 
MET CG  HG3  sing N N 231 
MET SD  CE   sing N N 232 
MET CE  HE1  sing N N 233 
MET CE  HE2  sing N N 234 
MET CE  HE3  sing N N 235 
MET OXT HXT  sing N N 236 
O0Y C7  C6   doub Y N 237 
O0Y C7  C8   sing Y N 238 
O0Y O   C8   sing N N 239 
O0Y C6  C5   sing Y N 240 
O0Y C8  C9   doub Y N 241 
O0Y C5  C4   doub Y N 242 
O0Y C9  C4   sing Y N 243 
O0Y C4  N    sing N N 244 
O0Y N   C2   sing N N 245 
O0Y N   C1   sing N N 246 
O0Y C2  C3   sing N N 247 
O0Y C   C1   sing N N 248 
O0Y C5  H1   sing N N 249 
O0Y C6  H2   sing N N 250 
O0Y C7  H3   sing N N 251 
O0Y C   H4   sing N N 252 
O0Y C   H5   sing N N 253 
O0Y C   H6   sing N N 254 
O0Y O   H7   sing N N 255 
O0Y C1  H8   sing N N 256 
O0Y C1  H9   sing N N 257 
O0Y C2  H10  sing N N 258 
O0Y C2  H11  sing N N 259 
O0Y C3  H12  sing N N 260 
O0Y C3  H13  sing N N 261 
O0Y C3  H14  sing N N 262 
O0Y C9  H15  sing N N 263 
PHE N   CA   sing N N 264 
PHE N   H    sing N N 265 
PHE N   H2   sing N N 266 
PHE CA  C    sing N N 267 
PHE CA  CB   sing N N 268 
PHE CA  HA   sing N N 269 
PHE C   O    doub N N 270 
PHE C   OXT  sing N N 271 
PHE CB  CG   sing N N 272 
PHE CB  HB2  sing N N 273 
PHE CB  HB3  sing N N 274 
PHE CG  CD1  doub Y N 275 
PHE CG  CD2  sing Y N 276 
PHE CD1 CE1  sing Y N 277 
PHE CD1 HD1  sing N N 278 
PHE CD2 CE2  doub Y N 279 
PHE CD2 HD2  sing N N 280 
PHE CE1 CZ   doub Y N 281 
PHE CE1 HE1  sing N N 282 
PHE CE2 CZ   sing Y N 283 
PHE CE2 HE2  sing N N 284 
PHE CZ  HZ   sing N N 285 
PHE OXT HXT  sing N N 286 
PRO N   CA   sing N N 287 
PRO N   CD   sing N N 288 
PRO N   H    sing N N 289 
PRO CA  C    sing N N 290 
PRO CA  CB   sing N N 291 
PRO CA  HA   sing N N 292 
PRO C   O    doub N N 293 
PRO C   OXT  sing N N 294 
PRO CB  CG   sing N N 295 
PRO CB  HB2  sing N N 296 
PRO CB  HB3  sing N N 297 
PRO CG  CD   sing N N 298 
PRO CG  HG2  sing N N 299 
PRO CG  HG3  sing N N 300 
PRO CD  HD2  sing N N 301 
PRO CD  HD3  sing N N 302 
PRO OXT HXT  sing N N 303 
SER N   CA   sing N N 304 
SER N   H    sing N N 305 
SER N   H2   sing N N 306 
SER CA  C    sing N N 307 
SER CA  CB   sing N N 308 
SER CA  HA   sing N N 309 
SER C   O    doub N N 310 
SER C   OXT  sing N N 311 
SER CB  OG   sing N N 312 
SER CB  HB2  sing N N 313 
SER CB  HB3  sing N N 314 
SER OG  HG   sing N N 315 
SER OXT HXT  sing N N 316 
THR N   CA   sing N N 317 
THR N   H    sing N N 318 
THR N   H2   sing N N 319 
THR CA  C    sing N N 320 
THR CA  CB   sing N N 321 
THR CA  HA   sing N N 322 
THR C   O    doub N N 323 
THR C   OXT  sing N N 324 
THR CB  OG1  sing N N 325 
THR CB  CG2  sing N N 326 
THR CB  HB   sing N N 327 
THR OG1 HG1  sing N N 328 
THR CG2 HG21 sing N N 329 
THR CG2 HG22 sing N N 330 
THR CG2 HG23 sing N N 331 
THR OXT HXT  sing N N 332 
TRP N   CA   sing N N 333 
TRP N   H    sing N N 334 
TRP N   H2   sing N N 335 
TRP CA  C    sing N N 336 
TRP CA  CB   sing N N 337 
TRP CA  HA   sing N N 338 
TRP C   O    doub N N 339 
TRP C   OXT  sing N N 340 
TRP CB  CG   sing N N 341 
TRP CB  HB2  sing N N 342 
TRP CB  HB3  sing N N 343 
TRP CG  CD1  doub Y N 344 
TRP CG  CD2  sing Y N 345 
TRP CD1 NE1  sing Y N 346 
TRP CD1 HD1  sing N N 347 
TRP CD2 CE2  doub Y N 348 
TRP CD2 CE3  sing Y N 349 
TRP NE1 CE2  sing Y N 350 
TRP NE1 HE1  sing N N 351 
TRP CE2 CZ2  sing Y N 352 
TRP CE3 CZ3  doub Y N 353 
TRP CE3 HE3  sing N N 354 
TRP CZ2 CH2  doub Y N 355 
TRP CZ2 HZ2  sing N N 356 
TRP CZ3 CH2  sing Y N 357 
TRP CZ3 HZ3  sing N N 358 
TRP CH2 HH2  sing N N 359 
TRP OXT HXT  sing N N 360 
TYR N   CA   sing N N 361 
TYR N   H    sing N N 362 
TYR N   H2   sing N N 363 
TYR CA  C    sing N N 364 
TYR CA  CB   sing N N 365 
TYR CA  HA   sing N N 366 
TYR C   O    doub N N 367 
TYR C   OXT  sing N N 368 
TYR CB  CG   sing N N 369 
TYR CB  HB2  sing N N 370 
TYR CB  HB3  sing N N 371 
TYR CG  CD1  doub Y N 372 
TYR CG  CD2  sing Y N 373 
TYR CD1 CE1  sing Y N 374 
TYR CD1 HD1  sing N N 375 
TYR CD2 CE2  doub Y N 376 
TYR CD2 HD2  sing N N 377 
TYR CE1 CZ   doub Y N 378 
TYR CE1 HE1  sing N N 379 
TYR CE2 CZ   sing Y N 380 
TYR CE2 HE2  sing N N 381 
TYR CZ  OH   sing N N 382 
TYR OH  HH   sing N N 383 
TYR OXT HXT  sing N N 384 
VAL N   CA   sing N N 385 
VAL N   H    sing N N 386 
VAL N   H2   sing N N 387 
VAL CA  C    sing N N 388 
VAL CA  CB   sing N N 389 
VAL CA  HA   sing N N 390 
VAL C   O    doub N N 391 
VAL C   OXT  sing N N 392 
VAL CB  CG1  sing N N 393 
VAL CB  CG2  sing N N 394 
VAL CB  HB   sing N N 395 
VAL CG1 HG11 sing N N 396 
VAL CG1 HG12 sing N N 397 
VAL CG1 HG13 sing N N 398 
VAL CG2 HG21 sing N N 399 
VAL CG2 HG22 sing N N 400 
VAL CG2 HG23 sing N N 401 
VAL OXT HXT  sing N N 402 
# 
_pdbx_deposit_group.group_id            G_1002081 
_pdbx_deposit_group.group_description   
;Human Brachyury G177D variant screened against the DSI-poised Fragment Library by X-ray Crystallography at the XChem facility of Diamond Light Source beamline I04-1
;
_pdbx_deposit_group.group_title         'PanDDA analysis group deposition' 
_pdbx_deposit_group.group_type          'changed state' 
# 
_pdbx_entity_instance_feature.ordinal        1 
_pdbx_entity_instance_feature.comp_id        O0Y 
_pdbx_entity_instance_feature.asym_id        ? 
_pdbx_entity_instance_feature.seq_num        ? 
_pdbx_entity_instance_feature.auth_comp_id   O0Y 
_pdbx_entity_instance_feature.auth_asym_id   ? 
_pdbx_entity_instance_feature.auth_seq_num   ? 
_pdbx_entity_instance_feature.feature_type   'SUBJECT OF INVESTIGATION' 
_pdbx_entity_instance_feature.details        ? 
# 
_atom_sites.entry_id                    5QSF 
_atom_sites.fract_transf_matrix[1][1]   0.00883990 
_atom_sites.fract_transf_matrix[1][2]   -0.00129273 
_atom_sites.fract_transf_matrix[1][3]   -0.00734496 
_atom_sites.fract_transf_matrix[2][1]   -0.00080724 
_atom_sites.fract_transf_matrix[2][2]   -0.00751420 
_atom_sites.fract_transf_matrix[2][3]   -0.00875543 
_atom_sites.fract_transf_matrix[3][1]   -0.00382509 
_atom_sites.fract_transf_matrix[3][2]   0.00726483 
_atom_sites.fract_transf_matrix[3][3]   -0.00588225 
_atom_sites.fract_transf_vector[1]      -0.176405 
_atom_sites.fract_transf_vector[2]      -0.361552 
_atom_sites.fract_transf_vector[3]      -0.017725 
# 
loop_
_atom_type.symbol 
C 
N 
O 
S 
# 
loop_
_atom_site.group_PDB 
_atom_site.id 
_atom_site.type_symbol 
_atom_site.label_atom_id 
_atom_site.label_alt_id 
_atom_site.label_comp_id 
_atom_site.label_asym_id 
_atom_site.label_entity_id 
_atom_site.label_seq_id 
_atom_site.pdbx_PDB_ins_code 
_atom_site.Cartn_x 
_atom_site.Cartn_y 
_atom_site.Cartn_z 
_atom_site.occupancy 
_atom_site.B_iso_or_equiv 
_atom_site.pdbx_formal_charge 
_atom_site.auth_seq_id 
_atom_site.auth_comp_id 
_atom_site.auth_asym_id 
_atom_site.auth_atom_id 
_atom_site.pdbx_PDB_model_num 
ATOM   1    N N   . GLU A 1 2   ? -2.753  -13.786 -20.047 1.00 52.91  ? 41  GLU A N   1 
ATOM   2    C CA  . GLU A 1 2   ? -2.387  -12.386 -19.780 1.00 46.40  ? 41  GLU A CA  1 
ATOM   3    C C   . GLU A 1 2   ? -2.445  -12.095 -18.267 1.00 43.12  ? 41  GLU A C   1 
ATOM   4    O O   . GLU A 1 2   ? -3.514  -12.344 -17.641 1.00 43.49  ? 41  GLU A O   1 
ATOM   5    C CB  . GLU A 1 2   ? -3.342  -11.479 -20.539 1.00 55.90  ? 41  GLU A CB  1 
ATOM   6    C CG  . GLU A 1 2   ? -3.002  -10.010 -20.411 1.00 66.55  ? 41  GLU A CG  1 
ATOM   7    C CD  . GLU A 1 2   ? -2.277  -9.476  -21.627 1.00 72.16  ? 41  GLU A CD  1 
ATOM   8    O OE1 . GLU A 1 2   ? -1.213  -8.854  -21.446 1.00 68.92  ? 41  GLU A OE1 1 
ATOM   9    O OE2 . GLU A 1 2   ? -2.790  -9.698  -22.749 1.00 76.35  ? 41  GLU A OE2 1 
ATOM   10   N N   . LEU A 1 3   ? -1.372  -11.514 -17.717 1.00 33.72  ? 42  LEU A N   1 
ATOM   11   C CA  . LEU A 1 3   ? -1.239  -11.212 -16.266 1.00 32.83  ? 42  LEU A CA  1 
ATOM   12   C C   . LEU A 1 3   ? -2.232  -10.105 -15.907 1.00 31.57  ? 42  LEU A C   1 
ATOM   13   O O   . LEU A 1 3   ? -2.126  -9.013  -16.457 1.00 34.64  ? 42  LEU A O   1 
ATOM   14   C CB  . LEU A 1 3   ? 0.185   -10.792 -15.902 1.00 29.67  ? 42  LEU A CB  1 
ATOM   15   C CG  . LEU A 1 3   ? 0.345   -10.289 -14.468 1.00 31.21  ? 42  LEU A CG  1 
ATOM   16   C CD1 . LEU A 1 3   ? -0.020  -11.363 -13.460 1.00 33.52  ? 42  LEU A CD1 1 
ATOM   17   C CD2 . LEU A 1 3   ? 1.733   -9.805  -14.202 1.00 32.39  ? 42  LEU A CD2 1 
ATOM   18   N N   . ARG A 1 4   ? -3.145  -10.382 -14.991 1.00 32.28  ? 43  ARG A N   1 
ATOM   19   C CA  . ARG A 1 4   ? -4.103  -9.382  -14.448 1.00 36.69  ? 43  ARG A CA  1 
ATOM   20   C C   . ARG A 1 4   ? -3.977  -9.373  -12.918 1.00 31.86  ? 43  ARG A C   1 
ATOM   21   O O   . ARG A 1 4   ? -4.066  -10.440 -12.288 1.00 32.72  ? 43  ARG A O   1 
ATOM   22   C CB  . ARG A 1 4   ? -5.526  -9.715  -14.915 1.00 42.41  ? 43  ARG A CB  1 
ATOM   23   C CG  . ARG A 1 4   ? -5.759  -9.528  -16.409 1.00 48.70  ? 43  ARG A CG  1 
ATOM   24   C CD  . ARG A 1 4   ? -6.892  -10.393 -16.945 1.00 56.73  ? 43  ARG A CD  1 
ATOM   25   N NE  . ARG A 1 4   ? -8.140  -10.142 -16.227 1.00 63.99  ? 43  ARG A NE  1 
ATOM   26   C CZ  . ARG A 1 4   ? -9.180  -9.443  -16.684 1.00 64.54  ? 43  ARG A CZ  1 
ATOM   27   N NH1 . ARG A 1 4   ? -10.249 -9.288  -15.921 1.00 60.07  ? 43  ARG A NH1 1 
ATOM   28   N NH2 . ARG A 1 4   ? -9.160  -8.905  -17.893 1.00 71.06  ? 43  ARG A NH2 1 
ATOM   29   N N   . VAL A 1 5   ? -3.713  -8.211  -12.340 1.00 30.73  ? 44  VAL A N   1 
ATOM   30   C CA  . VAL A 1 5   ? -3.737  -8.024  -10.866 1.00 28.59  ? 44  VAL A CA  1 
ATOM   31   C C   . VAL A 1 5   ? -4.856  -7.038  -10.566 1.00 28.30  ? 44  VAL A C   1 
ATOM   32   O O   . VAL A 1 5   ? -4.694  -5.864  -10.900 1.00 30.30  ? 44  VAL A O   1 
ATOM   33   C CB  . VAL A 1 5   ? -2.373  -7.549  -10.359 1.00 29.06  ? 44  VAL A CB  1 
ATOM   34   C CG1 . VAL A 1 5   ? -2.347  -7.436  -8.849  1.00 33.39  ? 44  VAL A CG1 1 
ATOM   35   C CG2 . VAL A 1 5   ? -1.251  -8.464  -10.836 1.00 29.30  ? 44  VAL A CG2 1 
ATOM   36   N N   . GLY A 1 6   ? -5.943  -7.514  -9.955  1.00 29.84  ? 45  GLY A N   1 
ATOM   37   C CA  . GLY A 1 6   ? -7.153  -6.699  -9.713  1.00 27.71  ? 45  GLY A CA  1 
ATOM   38   C C   . GLY A 1 6   ? -7.328  -6.410  -8.227  1.00 27.34  ? 45  GLY A C   1 
ATOM   39   O O   . GLY A 1 6   ? -7.127  -7.333  -7.405  1.00 26.15  ? 45  GLY A O   1 
ATOM   40   N N   . LEU A 1 7   ? -7.702  -5.168  -7.903  1.00 27.14  ? 46  LEU A N   1 
ATOM   41   C CA  . LEU A 1 7   ? -7.991  -4.706  -6.523  1.00 26.66  ? 46  LEU A CA  1 
ATOM   42   C C   . LEU A 1 7   ? -9.295  -5.357  -6.038  1.00 27.20  ? 46  LEU A C   1 
ATOM   43   O O   . LEU A 1 7   ? -10.339 -5.244  -6.736  1.00 27.66  ? 46  LEU A O   1 
ATOM   44   C CB  . LEU A 1 7   ? -8.082  -3.178  -6.489  1.00 26.17  ? 46  LEU A CB  1 
ATOM   45   C CG  . LEU A 1 7   ? -8.359  -2.557  -5.124  1.00 25.16  ? 46  LEU A CG  1 
ATOM   46   C CD1 . LEU A 1 7   ? -7.246  -2.842  -4.133  1.00 24.39  ? 46  LEU A CD1 1 
ATOM   47   C CD2 . LEU A 1 7   ? -8.588  -1.057  -5.243  1.00 26.33  ? 46  LEU A CD2 1 
ATOM   48   N N   . GLU A 1 8   ? -9.191  -6.055  -4.907  1.00 28.42  ? 47  GLU A N   1 
ATOM   49   C CA  . GLU A 1 8   ? -10.333 -6.547  -4.110  1.00 29.83  ? 47  GLU A CA  1 
ATOM   50   C C   . GLU A 1 8   ? -10.918 -5.380  -3.314  1.00 29.37  ? 47  GLU A C   1 
ATOM   51   O O   . GLU A 1 8   ? -10.138 -4.489  -2.841  1.00 28.27  ? 47  GLU A O   1 
ATOM   52   C CB  . GLU A 1 8   ? -9.899  -7.637  -3.136  1.00 31.42  ? 47  GLU A CB  1 
ATOM   53   C CG  . GLU A 1 8   ? -9.460  -8.893  -3.847  1.00 31.74  ? 47  GLU A CG  1 
ATOM   54   C CD  . GLU A 1 8   ? -10.577 -9.795  -4.309  1.00 33.59  ? 47  GLU A CD  1 
ATOM   55   O OE1 . GLU A 1 8   ? -10.408 -10.437 -5.388  1.00 35.27  ? 47  GLU A OE1 1 
ATOM   56   O OE2 . GLU A 1 8   ? -11.589 -9.893  -3.571  1.00 35.27  ? 47  GLU A OE2 1 
ATOM   57   N N   . GLU A 1 9   ? -12.242 -5.394  -3.202  1.00 30.55  ? 48  GLU A N   1 
ATOM   58   C CA  . GLU A 1 9   ? -13.010 -4.504  -2.318  1.00 32.96  ? 48  GLU A CA  1 
ATOM   59   C C   . GLU A 1 9   ? -12.761 -3.072  -2.790  1.00 32.61  ? 48  GLU A C   1 
ATOM   60   O O   . GLU A 1 9   ? -12.598 -2.217  -1.933  1.00 32.60  ? 48  GLU A O   1 
ATOM   61   C CB  . GLU A 1 9   ? -12.609 -4.745  -0.858  1.00 35.24  ? 48  GLU A CB  1 
ATOM   62   C CG  . GLU A 1 9   ? -12.791 -6.182  -0.415  1.00 38.04  ? 48  GLU A CG  1 
ATOM   63   C CD  . GLU A 1 9   ? -12.270 -6.538  0.969   1.00 44.85  ? 48  GLU A CD  1 
ATOM   64   O OE1 . GLU A 1 9   ? -11.578 -5.714  1.566   1.00 51.40  ? 48  GLU A OE1 1 
ATOM   65   O OE2 . GLU A 1 9   ? -12.521 -7.669  1.428   1.00 52.75  ? 48  GLU A OE2 1 
ATOM   66   N N   . SER A 1 10  ? -12.695 -2.844  -4.102  1.00 29.73  ? 49  SER A N   1 
ATOM   67   C CA  . SER A 1 10  ? -12.488 -1.506  -4.708  1.00 33.58  ? 49  SER A CA  1 
ATOM   68   C C   . SER A 1 10  ? -13.592 -0.530  -4.272  1.00 35.89  ? 49  SER A C   1 
ATOM   69   O O   . SER A 1 10  ? -13.291 0.674   -4.146  1.00 35.66  ? 49  SER A O   1 
ATOM   70   C CB  . SER A 1 10  ? -12.435 -1.588  -6.203  1.00 30.64  ? 49  SER A CB  1 
ATOM   71   O OG  . SER A 1 10  ? -13.523 -2.341  -6.651  1.00 32.76  ? 49  SER A OG  1 
ATOM   72   N N   . GLU A 1 11  ? -14.813 -1.021  -4.060  1.00 34.19  ? 50  GLU A N   1 
ATOM   73   C CA  . GLU A 1 11  ? -15.962 -0.181  -3.635  1.00 36.99  ? 50  GLU A CA  1 
ATOM   74   C C   . GLU A 1 11  ? -15.673 0.339   -2.226  1.00 31.80  ? 50  GLU A C   1 
ATOM   75   O O   . GLU A 1 11  ? -15.999 1.485   -1.969  1.00 34.85  ? 50  GLU A O   1 
ATOM   76   C CB  . GLU A 1 11  ? -17.255 -0.994  -3.680  1.00 42.36  ? 50  GLU A CB  1 
ATOM   77   C CG  . GLU A 1 11  ? -18.435 -0.259  -4.271  1.00 52.75  ? 50  GLU A CG  1 
ATOM   78   C CD  . GLU A 1 11  ? -19.537 -1.231  -4.660  1.00 61.00  ? 50  GLU A CD  1 
ATOM   79   O OE1 . GLU A 1 11  ? -19.427 -1.829  -5.756  1.00 65.57  ? 50  GLU A OE1 1 
ATOM   80   O OE2 . GLU A 1 11  ? -20.460 -1.442  -3.843  1.00 69.21  ? 50  GLU A OE2 1 
ATOM   81   N N   . LEU A 1 12  ? -15.094 -0.496  -1.369  1.00 29.76  ? 51  LEU A N   1 
ATOM   82   C CA  . LEU A 1 12  ? -14.718 -0.167  0.034   1.00 30.18  ? 51  LEU A CA  1 
ATOM   83   C C   . LEU A 1 12  ? -13.628 0.892   0.033   1.00 31.71  ? 51  LEU A C   1 
ATOM   84   O O   . LEU A 1 12  ? -13.773 1.901   0.774   1.00 30.95  ? 51  LEU A O   1 
ATOM   85   C CB  . LEU A 1 12  ? -14.208 -1.412  0.766   1.00 32.64  ? 51  LEU A CB  1 
ATOM   86   C CG  . LEU A 1 12  ? -13.690 -1.160  2.189   1.00 35.03  ? 51  LEU A CG  1 
ATOM   87   C CD1 . LEU A 1 12  ? -14.747 -0.467  3.048   1.00 37.99  ? 51  LEU A CD1 1 
ATOM   88   C CD2 . LEU A 1 12  ? -13.182 -2.429  2.861   1.00 33.86  ? 51  LEU A CD2 1 
ATOM   89   N N   . TRP A 1 13  ? -12.592 0.680   -0.787  1.00 28.43  ? 52  TRP A N   1 
ATOM   90   C CA  . TRP A 1 13  ? -11.517 1.679   -0.981  1.00 30.30  ? 52  TRP A CA  1 
ATOM   91   C C   . TRP A 1 13  ? -12.107 2.993   -1.504  1.00 29.44  ? 52  TRP A C   1 
ATOM   92   O O   . TRP A 1 13  ? -11.698 4.048   -0.990  1.00 27.04  ? 52  TRP A O   1 
ATOM   93   C CB  . TRP A 1 13  ? -10.410 1.148   -1.901  1.00 29.98  ? 52  TRP A CB  1 
ATOM   94   C CG  . TRP A 1 13  ? -9.473  0.207   -1.215  1.00 28.14  ? 52  TRP A CG  1 
ATOM   95   C CD1 . TRP A 1 13  ? -9.490  -1.157  -1.295  1.00 26.87  ? 52  TRP A CD1 1 
ATOM   96   C CD2 . TRP A 1 13  ? -8.376  0.552   -0.345  1.00 29.41  ? 52  TRP A CD2 1 
ATOM   97   N NE1 . TRP A 1 13  ? -8.514  -1.686  -0.498  1.00 28.42  ? 52  TRP A NE1 1 
ATOM   98   C CE2 . TRP A 1 13  ? -7.800  -0.668  0.085   1.00 28.90  ? 52  TRP A CE2 1 
ATOM   99   C CE3 . TRP A 1 13  ? -7.855  1.752   0.159   1.00 27.08  ? 52  TRP A CE3 1 
ATOM   100  C CZ2 . TRP A 1 13  ? -6.706  -0.716  0.951   1.00 29.25  ? 52  TRP A CZ2 1 
ATOM   101  C CZ3 . TRP A 1 13  ? -6.757  1.698   0.995   1.00 27.79  ? 52  TRP A CZ3 1 
ATOM   102  C CH2 . TRP A 1 13  ? -6.188  0.485   1.381   1.00 28.20  ? 52  TRP A CH2 1 
ATOM   103  N N   . LEU A 1 14  ? -12.986 2.956   -2.508  1.00 33.12  ? 53  LEU A N   1 
ATOM   104  C CA  . LEU A 1 14  ? -13.470 4.212   -3.156  1.00 34.91  ? 53  LEU A CA  1 
ATOM   105  C C   . LEU A 1 14  ? -14.255 5.056   -2.141  1.00 32.72  ? 53  LEU A C   1 
ATOM   106  O O   . LEU A 1 14  ? -14.225 6.280   -2.279  1.00 29.30  ? 53  LEU A O   1 
ATOM   107  C CB  . LEU A 1 14  ? -14.302 3.910   -4.407  1.00 39.88  ? 53  LEU A CB  1 
ATOM   108  C CG  . LEU A 1 14  ? -13.566 3.912   -5.760  1.00 46.79  ? 53  LEU A CG  1 
ATOM   109  C CD1 . LEU A 1 14  ? -12.213 4.631   -5.715  1.00 48.52  ? 53  LEU A CD1 1 
ATOM   110  C CD2 . LEU A 1 14  ? -13.384 2.504   -6.300  1.00 48.80  ? 53  LEU A CD2 1 
ATOM   111  N N   . ARG A 1 15  ? -14.901 4.432   -1.157  1.00 33.60  ? 54  ARG A N   1 
ATOM   112  C CA  . ARG A 1 15  ? -15.639 5.138   -0.075  1.00 35.99  ? 54  ARG A CA  1 
ATOM   113  C C   . ARG A 1 15  ? -14.664 5.938   0.781   1.00 34.76  ? 54  ARG A C   1 
ATOM   114  O O   . ARG A 1 15  ? -15.002 7.076   1.141   1.00 32.98  ? 54  ARG A O   1 
ATOM   115  C CB  . ARG A 1 15  ? -16.469 4.162   0.762   1.00 41.26  ? 54  ARG A CB  1 
ATOM   116  C CG  . ARG A 1 15  ? -17.808 3.910   0.100   1.00 48.86  ? 54  ARG A CG  1 
ATOM   117  C CD  . ARG A 1 15  ? -18.836 3.144   0.893   1.00 67.99  ? 54  ARG A CD  1 
ATOM   118  N NE  . ARG A 1 15  ? -19.646 2.414   -0.087  1.00 79.52  ? 54  ARG A NE  1 
ATOM   119  C CZ  . ARG A 1 15  ? -20.958 2.516   -0.266  1.00 77.78  ? 54  ARG A CZ  1 
ATOM   120  N NH1 . ARG A 1 15  ? -21.693 3.286   0.519   1.00 82.05  ? 54  ARG A NH1 1 
ATOM   121  N NH2 . ARG A 1 15  ? -21.531 1.804   -1.223  1.00 79.29  ? 54  ARG A NH2 1 
ATOM   122  N N   . PHE A 1 16  ? -13.491 5.379   1.072   1.00 33.86  ? 55  PHE A N   1 
ATOM   123  C CA  . PHE A 1 16  ? -12.441 6.092   1.836   1.00 31.10  ? 55  PHE A CA  1 
ATOM   124  C C   . PHE A 1 16  ? -11.852 7.159   0.921   1.00 31.91  ? 55  PHE A C   1 
ATOM   125  O O   . PHE A 1 16  ? -11.704 8.326   1.383   1.00 28.36  ? 55  PHE A O   1 
ATOM   126  C CB  . PHE A 1 16  ? -11.396 5.128   2.410   1.00 29.13  ? 55  PHE A CB  1 
ATOM   127  C CG  . PHE A 1 16  ? -11.870 4.325   3.593   1.00 29.40  ? 55  PHE A CG  1 
ATOM   128  C CD1 . PHE A 1 16  ? -11.663 4.777   4.893   1.00 31.90  ? 55  PHE A CD1 1 
ATOM   129  C CD2 . PHE A 1 16  ? -12.531 3.117   3.424   1.00 30.23  ? 55  PHE A CD2 1 
ATOM   130  C CE1 . PHE A 1 16  ? -12.111 4.043   5.991   1.00 34.49  ? 55  PHE A CE1 1 
ATOM   131  C CE2 . PHE A 1 16  ? -12.959 2.372   4.525   1.00 32.47  ? 55  PHE A CE2 1 
ATOM   132  C CZ  . PHE A 1 16  ? -12.771 2.838   5.808   1.00 30.70  ? 55  PHE A CZ  1 
ATOM   133  N N   . LYS A 1 17  ? -11.550 6.791   -0.334  1.00 29.38  ? 56  LYS A N   1 
ATOM   134  C CA  . LYS A 1 17  ? -10.886 7.723   -1.266  1.00 31.32  ? 56  LYS A CA  1 
ATOM   135  C C   . LYS A 1 17  ? -11.781 8.947   -1.457  1.00 32.64  ? 56  LYS A C   1 
ATOM   136  O O   . LYS A 1 17  ? -11.238 10.063  -1.632  1.00 30.66  ? 56  LYS A O   1 
ATOM   137  C CB  . LYS A 1 17  ? -10.558 7.108   -2.630  1.00 31.75  ? 56  LYS A CB  1 
ATOM   138  C CG  . LYS A 1 17  ? -9.884  8.099   -3.580  1.00 34.46  ? 56  LYS A CG  1 
ATOM   139  C CD  . LYS A 1 17  ? -8.957  7.484   -4.617  1.00 36.80  ? 56  LYS A CD  1 
ATOM   140  C CE  . LYS A 1 17  ? -8.391  8.506   -5.580  1.00 37.82  ? 56  LYS A CE  1 
ATOM   141  N NZ  . LYS A 1 17  ? -7.528  7.869   -6.606  1.00 39.84  ? 56  LYS A NZ  1 
ATOM   142  N N   . GLU A 1 18  ? -13.101 8.805   -1.424  1.00 35.53  ? 57  GLU A N   1 
ATOM   143  C CA  . GLU A 1 18  ? -13.917 10.000  -1.757  1.00 39.78  ? 57  GLU A CA  1 
ATOM   144  C C   . GLU A 1 18  ? -13.845 10.983  -0.581  1.00 36.25  ? 57  GLU A C   1 
ATOM   145  O O   . GLU A 1 18  ? -14.020 12.168  -0.829  1.00 38.55  ? 57  GLU A O   1 
ATOM   146  C CB  . GLU A 1 18  ? -15.290 9.617   -2.307  1.00 44.59  ? 57  GLU A CB  1 
ATOM   147  C CG  . GLU A 1 18  ? -16.335 9.315   -1.280  1.00 54.35  ? 57  GLU A CG  1 
ATOM   148  C CD  . GLU A 1 18  ? -17.386 8.345   -1.817  1.00 67.81  ? 57  GLU A CD  1 
ATOM   149  O OE1 . GLU A 1 18  ? -17.397 8.104   -3.062  1.00 70.31  ? 57  GLU A OE1 1 
ATOM   150  O OE2 . GLU A 1 18  ? -18.175 7.808   -1.000  1.00 65.17  ? 57  GLU A OE2 1 
ATOM   151  N N   . LEU A 1 19  ? -13.495 10.539  0.625   1.00 30.76  ? 58  LEU A N   1 
ATOM   152  C CA  . LEU A 1 19  ? -13.306 11.440  1.789   1.00 30.61  ? 58  LEU A CA  1 
ATOM   153  C C   . LEU A 1 19  ? -11.867 11.972  1.821   1.00 30.59  ? 58  LEU A C   1 
ATOM   154  O O   . LEU A 1 19  ? -11.581 12.861  2.632   1.00 29.36  ? 58  LEU A O   1 
ATOM   155  C CB  . LEU A 1 19  ? -13.596 10.669  3.080   1.00 33.48  ? 58  LEU A CB  1 
ATOM   156  C CG  . LEU A 1 19  ? -14.972 10.024  3.191   1.00 35.83  ? 58  LEU A CG  1 
ATOM   157  C CD1 . LEU A 1 19  ? -15.136 9.410   4.569   1.00 39.27  ? 58  LEU A CD1 1 
ATOM   158  C CD2 . LEU A 1 19  ? -16.070 11.033  2.901   1.00 35.94  ? 58  LEU A CD2 1 
ATOM   159  N N   . THR A 1 20  ? -10.995 11.403  0.988   1.00 28.64  ? 59  THR A N   1 
ATOM   160  C CA  . THR A 1 20  ? -9.528  11.409  1.126   1.00 27.31  ? 59  THR A CA  1 
ATOM   161  C C   . THR A 1 20  ? -9.171  10.449  2.252   1.00 26.93  ? 59  THR A C   1 
ATOM   162  O O   . THR A 1 20  ? -9.422  10.748  3.435   1.00 25.54  ? 59  THR A O   1 
ATOM   163  C CB  . THR A 1 20  ? -8.973  12.823  1.319   1.00 29.39  ? 59  THR A CB  1 
ATOM   164  O OG1 . THR A 1 20  ? -9.418  13.613  0.219   1.00 27.81  ? 59  THR A OG1 1 
ATOM   165  C CG2 . THR A 1 20  ? -7.469  12.843  1.425   1.00 30.53  ? 59  THR A CG2 1 
ATOM   166  N N   . ASN A 1 21  ? -8.524  9.355   1.879   1.00 28.16  ? 60  ASN A N   1 
ATOM   167  C CA  . ASN A 1 21  ? -8.129  8.278   2.809   1.00 26.37  ? 60  ASN A CA  1 
ATOM   168  C C   . ASN A 1 21  ? -6.951  8.775   3.640   1.00 26.23  ? 60  ASN A C   1 
ATOM   169  O O   . ASN A 1 21  ? -6.150  9.585   3.121   1.00 26.11  ? 60  ASN A O   1 
ATOM   170  C CB  . ASN A 1 21  ? -7.810  7.002   2.037   1.00 28.14  ? 60  ASN A CB  1 
ATOM   171  C CG  . ASN A 1 21  ? -8.046  5.727   2.813   1.00 27.69  ? 60  ASN A CG  1 
ATOM   172  O OD1 . ASN A 1 21  ? -8.295  5.749   4.020   1.00 27.34  ? 60  ASN A OD1 1 
ATOM   173  N ND2 . ASN A 1 21  ? -7.962  4.610   2.100   1.00 30.07  ? 60  ASN A ND2 1 
ATOM   174  N N   . GLU A 1 22  ? -6.884  8.294   4.878   1.00 25.60  ? 61  GLU A N   1 
ATOM   175  C CA  . GLU A 1 22  ? -5.850  8.592   5.884   1.00 25.27  ? 61  GLU A CA  1 
ATOM   176  C C   . GLU A 1 22  ? -5.433  7.256   6.489   1.00 25.45  ? 61  GLU A C   1 
ATOM   177  O O   . GLU A 1 22  ? -6.355  6.449   6.720   1.00 29.13  ? 61  GLU A O   1 
ATOM   178  C CB  . GLU A 1 22  ? -6.412  9.509   6.983   1.00 24.87  ? 61  GLU A CB  1 
ATOM   179  C CG  . GLU A 1 22  ? -6.913  10.844  6.475   1.00 23.60  ? 61  GLU A CG  1 
ATOM   180  C CD  . GLU A 1 22  ? -7.429  11.762  7.568   1.00 25.16  ? 61  GLU A CD  1 
ATOM   181  O OE1 . GLU A 1 22  ? -8.422  12.503  7.322   1.00 26.12  ? 61  GLU A OE1 1 
ATOM   182  O OE2 . GLU A 1 22  ? -6.827  11.759  8.665   1.00 25.22  ? 61  GLU A OE2 1 
ATOM   183  N N   . MET A 1 23  ? -4.133  7.023   6.713   1.00 25.00  ? 62  MET A N   1 
ATOM   184  C CA  . MET A 1 23  ? -3.649  5.867   7.505   1.00 27.91  ? 62  MET A CA  1 
ATOM   185  C C   . MET A 1 23  ? -2.794  6.394   8.651   1.00 30.03  ? 62  MET A C   1 
ATOM   186  O O   . MET A 1 23  ? -1.951  7.270   8.408   1.00 31.08  ? 62  MET A O   1 
ATOM   187  C CB  . MET A 1 23  ? -2.812  4.886   6.680   1.00 29.94  ? 62  MET A CB  1 
ATOM   188  C CG  . MET A 1 23  ? -3.564  4.294   5.481   1.00 32.83  ? 62  MET A CG  1 
ATOM   189  S SD  . MET A 1 23  ? -4.676  2.926   5.947   1.00 27.09  ? 62  MET A SD  1 
ATOM   190  C CE  . MET A 1 23  ? -5.551  2.696   4.405   1.00 26.50  ? 62  MET A CE  1 
ATOM   191  N N   . ILE A 1 24  ? -3.009  5.847   9.844   1.00 31.59  ? 63  ILE A N   1 
ATOM   192  C CA  . ILE A 1 24  ? -2.246  6.175   11.077  1.00 35.31  ? 63  ILE A CA  1 
ATOM   193  C C   . ILE A 1 24  ? -0.843  5.600   10.922  1.00 32.79  ? 63  ILE A C   1 
ATOM   194  O O   . ILE A 1 24  ? -0.744  4.433   10.516  1.00 35.52  ? 63  ILE A O   1 
ATOM   195  C CB  . ILE A 1 24  ? -2.915  5.599   12.333  1.00 39.96  ? 63  ILE A CB  1 
ATOM   196  C CG1 . ILE A 1 24  ? -4.345  6.107   12.533  1.00 42.91  ? 63  ILE A CG1 1 
ATOM   197  C CG2 . ILE A 1 24  ? -2.037  5.860   13.546  1.00 39.94  ? 63  ILE A CG2 1 
ATOM   198  C CD1 . ILE A 1 24  ? -4.409  7.497   13.076  1.00 44.63  ? 63  ILE A CD1 1 
ATOM   199  N N   . VAL A 1 25  ? 0.179   6.389   11.270  1.00 34.64  ? 64  VAL A N   1 
ATOM   200  C CA  . VAL A 1 25  ? 1.587   5.923   11.447  1.00 34.75  ? 64  VAL A CA  1 
ATOM   201  C C   . VAL A 1 25  ? 1.958   6.159   12.909  1.00 36.33  ? 64  VAL A C   1 
ATOM   202  O O   . VAL A 1 25  ? 1.570   7.208   13.448  1.00 35.03  ? 64  VAL A O   1 
ATOM   203  C CB  . VAL A 1 25  ? 2.574   6.593   10.473  1.00 34.50  ? 64  VAL A CB  1 
ATOM   204  C CG1 . VAL A 1 25  ? 2.349   6.119   9.043   1.00 36.65  ? 64  VAL A CG1 1 
ATOM   205  C CG2 . VAL A 1 25  ? 2.547   8.112   10.540  1.00 35.96  ? 64  VAL A CG2 1 
ATOM   206  N N   . THR A 1 26  ? 2.622   5.188   13.532  1.00 37.43  ? 65  THR A N   1 
ATOM   207  C CA  . THR A 1 26  ? 3.047   5.232   14.956  1.00 37.51  ? 65  THR A CA  1 
ATOM   208  C C   . THR A 1 26  ? 4.514   4.814   15.041  1.00 42.50  ? 65  THR A C   1 
ATOM   209  O O   . THR A 1 26  ? 5.062   4.325   14.023  1.00 38.00  ? 65  THR A O   1 
ATOM   210  C CB  . THR A 1 26  ? 2.166   4.364   15.862  1.00 34.26  ? 65  THR A CB  1 
ATOM   211  O OG1 . THR A 1 26  ? 2.280   3.000   15.457  1.00 34.98  ? 65  THR A OG1 1 
ATOM   212  C CG2 . THR A 1 26  ? 0.706   4.768   15.830  1.00 34.71  ? 65  THR A CG2 1 
ATOM   213  N N   . LYS A 1 27  ? 5.117   5.058   16.203  1.00 45.38  ? 66  LYS A N   1 
ATOM   214  C CA  . LYS A 1 27  ? 6.483   4.613   16.559  1.00 48.12  ? 66  LYS A CA  1 
ATOM   215  C C   . LYS A 1 27  ? 6.636   3.130   16.209  1.00 41.66  ? 66  LYS A C   1 
ATOM   216  O O   . LYS A 1 27  ? 7.622   2.773   15.522  1.00 41.79  ? 66  LYS A O   1 
ATOM   217  C CB  . LYS A 1 27  ? 6.697   4.831   18.060  1.00 52.15  ? 66  LYS A CB  1 
ATOM   218  C CG  . LYS A 1 27  ? 8.092   4.531   18.586  1.00 62.59  ? 66  LYS A CG  1 
ATOM   219  C CD  . LYS A 1 27  ? 8.189   4.684   20.093  1.00 68.84  ? 66  LYS A CD  1 
ATOM   220  C CE  . LYS A 1 27  ? 9.610   4.786   20.594  1.00 80.78  ? 66  LYS A CE  1 
ATOM   221  N NZ  . LYS A 1 27  ? 10.395  3.576   20.254  1.00 87.36  ? 66  LYS A NZ  1 
ATOM   222  N N   . ASN A 1 28  ? 5.702   2.306   16.679  1.00 39.18  ? 67  ASN A N   1 
ATOM   223  C CA  . ASN A 1 28  ? 5.830   0.825   16.660  1.00 46.31  ? 67  ASN A CA  1 
ATOM   224  C C   . ASN A 1 28  ? 5.181   0.219   15.403  1.00 47.89  ? 67  ASN A C   1 
ATOM   225  O O   . ASN A 1 28  ? 5.390   -0.988  15.149  1.00 51.65  ? 67  ASN A O   1 
ATOM   226  C CB  . ASN A 1 28  ? 5.293   0.236   17.961  1.00 49.18  ? 67  ASN A CB  1 
ATOM   227  C CG  . ASN A 1 28  ? 6.122   0.675   19.156  1.00 49.38  ? 67  ASN A CG  1 
ATOM   228  O OD1 . ASN A 1 28  ? 7.320   0.953   19.028  1.00 50.41  ? 67  ASN A OD1 1 
ATOM   229  N ND2 . ASN A 1 28  ? 5.487   0.762   20.316  1.00 45.86  ? 67  ASN A ND2 1 
ATOM   230  N N   . GLY A 1 29  ? 4.476   1.032   14.619  1.00 46.38  ? 68  GLY A N   1 
ATOM   231  C CA  . GLY A 1 29  ? 3.890   0.626   13.333  1.00 43.96  ? 68  GLY A CA  1 
ATOM   232  C C   . GLY A 1 29  ? 2.448   0.224   13.529  1.00 37.31  ? 68  GLY A C   1 
ATOM   233  O O   . GLY A 1 29  ? 2.178   -0.475  14.513  1.00 37.35  ? 68  GLY A O   1 
ATOM   234  N N   . ARG A 1 30  ? 1.575   0.669   12.630  1.00 31.50  ? 69  ARG A N   1 
ATOM   235  C CA  . ARG A 1 30  ? 0.127   0.392   12.623  1.00 34.51  ? 69  ARG A CA  1 
ATOM   236  C C   . ARG A 1 30  ? -0.277  -0.341  11.327  1.00 35.89  ? 69  ARG A C   1 
ATOM   237  O O   . ARG A 1 30  ? 0.111   0.091   10.216  1.00 34.65  ? 69  ARG A O   1 
ATOM   238  C CB  . ARG A 1 30  ? -0.640  1.703   12.786  1.00 36.51  ? 69  ARG A CB  1 
ATOM   239  C CG  . ARG A 1 30  ? -2.143  1.506   12.864  1.00 40.26  ? 69  ARG A CG  1 
ATOM   240  C CD  . ARG A 1 30  ? -2.544  0.861   14.174  1.00 46.14  ? 69  ARG A CD  1 
ATOM   241  N NE  . ARG A 1 30  ? -2.161  1.665   15.331  1.00 45.74  ? 69  ARG A NE  1 
ATOM   242  C CZ  . ARG A 1 30  ? -2.809  2.756   15.741  1.00 50.22  ? 69  ARG A CZ  1 
ATOM   243  N NH1 . ARG A 1 30  ? -2.389  3.405   16.818  1.00 50.20  ? 69  ARG A NH1 1 
ATOM   244  N NH2 . ARG A 1 30  ? -3.860  3.210   15.069  1.00 51.97  ? 69  ARG A NH2 1 
ATOM   245  N N   . ARG A 1 31  ? -1.047  -1.418  11.473  1.00 35.07  ? 70  ARG A N   1 
ATOM   246  C CA  . ARG A 1 31  ? -1.647  -2.166  10.347  1.00 34.59  ? 70  ARG A CA  1 
ATOM   247  C C   . ARG A 1 31  ? -2.623  -1.237  9.620   1.00 36.55  ? 70  ARG A C   1 
ATOM   248  O O   . ARG A 1 31  ? -3.200  -0.321  10.258  1.00 33.77  ? 70  ARG A O   1 
ATOM   249  C CB  . ARG A 1 31  ? -2.320  -3.453  10.831  1.00 36.44  ? 70  ARG A CB  1 
ATOM   250  C CG  . ARG A 1 31  ? -1.368  -4.639  10.891  1.00 42.02  ? 70  ARG A CG  1 
ATOM   251  C CD  . ARG A 1 31  ? -2.001  -5.940  11.384  1.00 45.19  ? 70  ARG A CD  1 
ATOM   252  N NE  . ARG A 1 31  ? -2.706  -5.753  12.628  1.00 50.27  ? 70  ARG A NE  1 
ATOM   253  C CZ  . ARG A 1 31  ? -2.117  -5.595  13.816  1.00 59.49  ? 70  ARG A CZ  1 
ATOM   254  N NH1 . ARG A 1 31  ? -0.795  -5.627  13.925  1.00 60.11  ? 70  ARG A NH1 1 
ATOM   255  N NH2 . ARG A 1 31  ? -2.860  -5.420  14.901  1.00 59.76  ? 70  ARG A NH2 1 
ATOM   256  N N   . MET A 1 32  ? -2.806  -1.482  8.324   1.00 32.79  ? 71  MET A N   1 
ATOM   257  C CA  . MET A 1 32  ? -3.696  -0.665  7.476   1.00 32.34  ? 71  MET A CA  1 
ATOM   258  C C   . MET A 1 32  ? -5.146  -1.103  7.636   1.00 33.49  ? 71  MET A C   1 
ATOM   259  O O   . MET A 1 32  ? -5.415  -2.319  7.793   1.00 32.00  ? 71  MET A O   1 
ATOM   260  C CB  . MET A 1 32  ? -3.296  -0.774  6.007   1.00 30.17  ? 71  MET A CB  1 
ATOM   261  C CG  . MET A 1 32  ? -1.919  -0.152  5.746   1.00 30.79  ? 71  MET A CG  1 
ATOM   262  S SD  . MET A 1 32  ? -1.374  -0.561  4.081   1.00 28.69  ? 71  MET A SD  1 
ATOM   263  C CE  . MET A 1 32  ? -2.705  0.203   3.155   1.00 31.38  ? 71  MET A CE  1 
ATOM   264  N N   . PHE A 1 33  ? -6.049  -0.136  7.478   1.00 31.54  ? 72  PHE A N   1 
ATOM   265  C CA  . PHE A 1 33  ? -7.476  -0.410  7.229   1.00 32.82  ? 72  PHE A CA  1 
ATOM   266  C C   . PHE A 1 33  ? -8.013  0.584   6.225   1.00 28.09  ? 72  PHE A C   1 
ATOM   267  O O   . PHE A 1 33  ? -7.921  1.776   6.451   1.00 30.15  ? 72  PHE A O   1 
ATOM   268  C CB  . PHE A 1 33  ? -8.351  -0.320  8.479   1.00 34.35  ? 72  PHE A CB  1 
ATOM   269  C CG  . PHE A 1 33  ? -9.709  -0.861  8.152   1.00 36.38  ? 72  PHE A CG  1 
ATOM   270  C CD1 . PHE A 1 33  ? -9.928  -2.233  8.170   1.00 38.99  ? 72  PHE A CD1 1 
ATOM   271  C CD2 . PHE A 1 33  ? -10.708 -0.028  7.679   1.00 35.80  ? 72  PHE A CD2 1 
ATOM   272  C CE1 . PHE A 1 33  ? -11.164 -2.748  7.825   1.00 38.57  ? 72  PHE A CE1 1 
ATOM   273  C CE2 . PHE A 1 33  ? -11.936 -0.549  7.312   1.00 38.63  ? 72  PHE A CE2 1 
ATOM   274  C CZ  . PHE A 1 33  ? -12.168 -1.902  7.403   1.00 41.86  ? 72  PHE A CZ  1 
ATOM   275  N N   . PRO A 1 34  ? -8.603  0.141   5.100   1.00 29.05  ? 73  PRO A N   1 
ATOM   276  C CA  . PRO A 1 34  ? -8.665  -1.269  4.739   1.00 30.58  ? 73  PRO A CA  1 
ATOM   277  C C   . PRO A 1 34  ? -7.296  -1.926  4.474   1.00 30.67  ? 73  PRO A C   1 
ATOM   278  O O   . PRO A 1 34  ? -6.316  -1.256  4.215   1.00 26.76  ? 73  PRO A O   1 
ATOM   279  C CB  . PRO A 1 34  ? -9.481  -1.283  3.430   1.00 32.83  ? 73  PRO A CB  1 
ATOM   280  C CG  . PRO A 1 34  ? -10.133 0.096   3.313   1.00 32.63  ? 73  PRO A CG  1 
ATOM   281  C CD  . PRO A 1 34  ? -9.249  1.022   4.112   1.00 30.00  ? 73  PRO A CD  1 
ATOM   282  N N   . VAL A 1 35  ? -7.248  -3.255  4.537   1.00 35.25  ? 74  VAL A N   1 
ATOM   283  C CA  . VAL A 1 35  ? -6.059  -4.037  4.086   1.00 35.06  ? 74  VAL A CA  1 
ATOM   284  C C   . VAL A 1 35  ? -6.050  -4.085  2.549   1.00 33.71  ? 74  VAL A C   1 
ATOM   285  O O   . VAL A 1 35  ? -7.116  -4.371  1.920   1.00 30.59  ? 74  VAL A O   1 
ATOM   286  C CB  . VAL A 1 35  ? -6.057  -5.440  4.710   1.00 42.07  ? 74  VAL A CB  1 
ATOM   287  C CG1 . VAL A 1 35  ? -5.019  -6.346  4.051   1.00 44.47  ? 74  VAL A CG1 1 
ATOM   288  C CG2 . VAL A 1 35  ? -5.845  -5.365  6.224   1.00 44.29  ? 74  VAL A CG2 1 
ATOM   289  N N   . LEU A 1 36  ? -4.873  -3.891  1.955   1.00 33.67  ? 75  LEU A N   1 
ATOM   290  C CA  . LEU A 1 36  ? -4.677  -4.103  0.496   1.00 30.86  ? 75  LEU A CA  1 
ATOM   291  C C   . LEU A 1 36  ? -4.774  -5.600  0.154   1.00 29.73  ? 75  LEU A C   1 
ATOM   292  O O   . LEU A 1 36  ? -3.974  -6.445  0.692   1.00 25.78  ? 75  LEU A O   1 
ATOM   293  C CB  . LEU A 1 36  ? -3.348  -3.519  0.050   1.00 33.44  ? 75  LEU A CB  1 
ATOM   294  C CG  . LEU A 1 36  ? -3.102  -3.676  -1.443  1.00 40.76  ? 75  LEU A CG  1 
ATOM   295  C CD1 . LEU A 1 36  ? -4.057  -2.813  -2.244  1.00 44.97  ? 75  LEU A CD1 1 
ATOM   296  C CD2 . LEU A 1 36  ? -1.657  -3.352  -1.781  1.00 46.50  ? 75  LEU A CD2 1 
ATOM   297  N N   . LYS A 1 37  ? -5.701  -5.916  -0.744  1.00 27.64  ? 76  LYS A N   1 
ATOM   298  C CA  . LYS A 1 37  ? -5.962  -7.296  -1.214  1.00 26.99  ? 76  LYS A CA  1 
ATOM   299  C C   . LYS A 1 37  ? -6.069  -7.269  -2.727  1.00 25.80  ? 76  LYS A C   1 
ATOM   300  O O   . LYS A 1 37  ? -6.772  -6.393  -3.268  1.00 23.52  ? 76  LYS A O   1 
ATOM   301  C CB  . LYS A 1 37  ? -7.246  -7.833  -0.597  1.00 29.46  ? 76  LYS A CB  1 
ATOM   302  C CG  . LYS A 1 37  ? -7.280  -7.794  0.912   1.00 34.75  ? 76  LYS A CG  1 
ATOM   303  C CD  . LYS A 1 37  ? -8.466  -8.554  1.490   1.00 38.03  ? 76  LYS A CD  1 
ATOM   304  C CE  . LYS A 1 37  ? -8.742  -8.165  2.921   1.00 43.41  ? 76  LYS A CE  1 
ATOM   305  N NZ  . LYS A 1 37  ? -9.198  -6.756  2.989   1.00 49.44  ? 76  LYS A NZ  1 
ATOM   306  N N   . VAL A 1 38  ? -5.435  -8.226  -3.395  1.00 25.77  ? 77  VAL A N   1 
ATOM   307  C CA  . VAL A 1 38  ? -5.532  -8.302  -4.876  1.00 28.22  ? 77  VAL A CA  1 
ATOM   308  C C   . VAL A 1 38  ? -5.813  -9.742  -5.300  1.00 27.75  ? 77  VAL A C   1 
ATOM   309  O O   . VAL A 1 38  ? -5.477  -10.700 -4.561  1.00 28.74  ? 77  VAL A O   1 
ATOM   310  C CB  . VAL A 1 38  ? -4.278  -7.701  -5.542  1.00 27.65  ? 77  VAL A CB  1 
ATOM   311  C CG1 . VAL A 1 38  ? -4.121  -6.234  -5.152  1.00 25.43  ? 77  VAL A CG1 1 
ATOM   312  C CG2 . VAL A 1 38  ? -3.010  -8.492  -5.234  1.00 26.07  ? 77  VAL A CG2 1 
ATOM   313  N N   . ASN A 1 39  ? -6.491  -9.861  -6.427  1.00 29.55  ? 78  ASN A N   1 
ATOM   314  C CA  . ASN A 1 39  ? -6.679  -11.150 -7.125  1.00 31.18  ? 78  ASN A CA  1 
ATOM   315  C C   . ASN A 1 39  ? -5.703  -11.166 -8.310  1.00 31.81  ? 78  ASN A C   1 
ATOM   316  O O   . ASN A 1 39  ? -5.414  -10.086 -8.905  1.00 28.83  ? 78  ASN A O   1 
ATOM   317  C CB  . ASN A 1 39  ? -8.148  -11.385 -7.467  1.00 33.45  ? 78  ASN A CB  1 
ATOM   318  C CG  . ASN A 1 39  ? -8.752  -10.272 -8.278  1.00 34.90  ? 78  ASN A CG  1 
ATOM   319  O OD1 . ASN A 1 39  ? -8.327  -10.043 -9.410  1.00 39.96  ? 78  ASN A OD1 1 
ATOM   320  N ND2 . ASN A 1 39  ? -9.729  -9.579  -7.710  1.00 37.65  ? 78  ASN A ND2 1 
ATOM   321  N N   . VAL A 1 40  ? -5.153  -12.339 -8.595  1.00 28.93  ? 79  VAL A N   1 
ATOM   322  C CA  . VAL A 1 40  ? -4.137  -12.484 -9.665  1.00 28.43  ? 79  VAL A CA  1 
ATOM   323  C C   . VAL A 1 40  ? -4.601  -13.544 -10.644 1.00 26.95  ? 79  VAL A C   1 
ATOM   324  O O   . VAL A 1 40  ? -5.040  -14.597 -10.209 1.00 30.67  ? 79  VAL A O   1 
ATOM   325  C CB  . VAL A 1 40  ? -2.783  -12.849 -9.055  1.00 28.22  ? 79  VAL A CB  1 
ATOM   326  C CG1 . VAL A 1 40  ? -1.717  -12.953 -10.121 1.00 30.73  ? 79  VAL A CG1 1 
ATOM   327  C CG2 . VAL A 1 40  ? -2.409  -11.874 -7.965  1.00 28.81  ? 79  VAL A CG2 1 
ATOM   328  N N   . SER A 1 41  ? -4.489  -13.255 -11.928 1.00 29.89  ? 80  SER A N   1 
ATOM   329  C CA  . SER A 1 41  ? -4.624  -14.272 -12.995 1.00 28.90  ? 80  SER A CA  1 
ATOM   330  C C   . SER A 1 41  ? -3.490  -14.075 -13.983 1.00 25.77  ? 80  SER A C   1 
ATOM   331  O O   . SER A 1 41  ? -2.974  -12.972 -14.023 1.00 27.56  ? 80  SER A O   1 
ATOM   332  C CB  . SER A 1 41  ? -5.974  -14.194 -13.653 1.00 29.42  ? 80  SER A CB  1 
ATOM   333  O OG  . SER A 1 41  ? -6.180  -12.914 -14.221 1.00 36.10  ? 80  SER A OG  1 
ATOM   334  N N   . GLY A 1 42  ? -3.105  -15.135 -14.693 1.00 27.71  ? 81  GLY A N   1 
ATOM   335  C CA  . GLY A 1 42  ? -2.172  -15.084 -15.832 1.00 25.92  ? 81  GLY A CA  1 
ATOM   336  C C   . GLY A 1 42  ? -0.734  -15.183 -15.410 1.00 27.14  ? 81  GLY A C   1 
ATOM   337  O O   . GLY A 1 42  ? 0.148   -14.870 -16.228 1.00 30.25  ? 81  GLY A O   1 
ATOM   338  N N   . LEU A 1 43  ? -0.482  -15.590 -14.171 1.00 27.97  ? 82  LEU A N   1 
ATOM   339  C CA  . LEU A 1 43  ? 0.835   -16.132 -13.765 1.00 27.94  ? 82  LEU A CA  1 
ATOM   340  C C   . LEU A 1 43  ? 1.018   -17.548 -14.314 1.00 27.84  ? 82  LEU A C   1 
ATOM   341  O O   . LEU A 1 43  ? 0.016   -18.251 -14.644 1.00 27.69  ? 82  LEU A O   1 
ATOM   342  C CB  . LEU A 1 43  ? 0.927   -16.162 -12.245 1.00 29.04  ? 82  LEU A CB  1 
ATOM   343  C CG  . LEU A 1 43  ? 1.143   -14.811 -11.583 1.00 28.35  ? 82  LEU A CG  1 
ATOM   344  C CD1 . LEU A 1 43  ? 1.413   -15.001 -10.114 1.00 29.95  ? 82  LEU A CD1 1 
ATOM   345  C CD2 . LEU A 1 43  ? 2.283   -14.058 -12.240 1.00 30.41  ? 82  LEU A CD2 1 
ATOM   346  N N   . ASP A 1 44  ? 2.269   -17.982 -14.366 1.00 29.99  ? 83  ASP A N   1 
ATOM   347  C CA  . ASP A 1 44  ? 2.614   -19.382 -14.691 1.00 29.69  ? 83  ASP A CA  1 
ATOM   348  C C   . ASP A 1 44  ? 2.400   -20.162 -13.407 1.00 27.28  ? 83  ASP A C   1 
ATOM   349  O O   . ASP A 1 44  ? 3.093   -19.898 -12.434 1.00 27.73  ? 83  ASP A O   1 
ATOM   350  C CB  . ASP A 1 44  ? 4.035   -19.439 -15.246 1.00 32.17  ? 83  ASP A CB  1 
ATOM   351  C CG  . ASP A 1 44  ? 4.472   -20.828 -15.660 1.00 33.90  ? 83  ASP A CG  1 
ATOM   352  O OD1 . ASP A 1 44  ? 3.779   -21.784 -15.324 1.00 33.83  ? 83  ASP A OD1 1 
ATOM   353  O OD2 . ASP A 1 44  ? 5.502   -20.923 -16.335 1.00 42.84  ? 83  ASP A OD2 1 
ATOM   354  N N   . PRO A 1 45  ? 1.376   -21.044 -13.326 1.00 28.02  ? 84  PRO A N   1 
ATOM   355  C CA  . PRO A 1 45  ? 1.007   -21.675 -12.060 1.00 28.38  ? 84  PRO A CA  1 
ATOM   356  C C   . PRO A 1 45  ? 2.164   -22.484 -11.489 1.00 27.88  ? 84  PRO A C   1 
ATOM   357  O O   . PRO A 1 45  ? 2.252   -22.621 -10.295 1.00 32.80  ? 84  PRO A O   1 
ATOM   358  C CB  . PRO A 1 45  ? -0.169  -22.608 -12.379 1.00 28.58  ? 84  PRO A CB  1 
ATOM   359  C CG  . PRO A 1 45  ? -0.255  -22.642 -13.900 1.00 29.01  ? 84  PRO A CG  1 
ATOM   360  C CD  . PRO A 1 45  ? 0.461   -21.409 -14.420 1.00 28.27  ? 84  PRO A CD  1 
ATOM   361  N N   . ASN A 1 46  ? 3.016   -22.976 -12.388 1.00 29.62  ? 85  ASN A N   1 
ATOM   362  C CA  . ASN A 1 46  ? 4.190   -23.833 -12.098 1.00 27.47  ? 85  ASN A CA  1 
ATOM   363  C C   . ASN A 1 46  ? 5.393   -23.029 -11.590 1.00 28.30  ? 85  ASN A C   1 
ATOM   364  O O   . ASN A 1 46  ? 6.300   -23.640 -10.995 1.00 34.86  ? 85  ASN A O   1 
ATOM   365  C CB  . ASN A 1 46  ? 4.618   -24.583 -13.355 1.00 31.98  ? 85  ASN A CB  1 
ATOM   366  C CG  . ASN A 1 46  ? 3.533   -25.465 -13.929 1.00 37.24  ? 85  ASN A CG  1 
ATOM   367  O OD1 . ASN A 1 46  ? 2.785   -26.110 -13.197 1.00 40.24  ? 85  ASN A OD1 1 
ATOM   368  N ND2 . ASN A 1 46  ? 3.444   -25.483 -15.249 1.00 43.27  ? 85  ASN A ND2 1 
ATOM   369  N N   . ALA A 1 47  ? 5.457   -21.732 -11.867 1.00 25.15  ? 86  ALA A N   1 
ATOM   370  C CA  . ALA A 1 47  ? 6.660   -20.908 -11.600 1.00 26.95  ? 86  ALA A CA  1 
ATOM   371  C C   . ALA A 1 47  ? 6.566   -20.415 -10.157 1.00 27.51  ? 86  ALA A C   1 
ATOM   372  O O   . ALA A 1 47  ? 5.455   -20.448 -9.601  1.00 29.00  ? 86  ALA A O   1 
ATOM   373  C CB  . ALA A 1 47  ? 6.808   -19.782 -12.613 1.00 25.93  ? 86  ALA A CB  1 
ATOM   374  N N   . MET A 1 48  ? 7.688   -20.016 -9.572  1.00 24.88  ? 87  MET A N   1 
ATOM   375  C CA  . MET A 1 48  ? 7.665   -19.420 -8.226  1.00 26.77  ? 87  MET A CA  1 
ATOM   376  C C   . MET A 1 48  ? 7.893   -17.919 -8.342  1.00 26.74  ? 87  MET A C   1 
ATOM   377  O O   . MET A 1 48  ? 8.612   -17.457 -9.267  1.00 28.88  ? 87  MET A O   1 
ATOM   378  C CB  . MET A 1 48  ? 8.682   -20.077 -7.303  1.00 31.49  ? 87  MET A CB  1 
ATOM   379  C CG  . MET A 1 48  ? 8.346   -21.533 -7.046  1.00 32.56  ? 87  MET A CG  1 
ATOM   380  S SD  . MET A 1 48  ? 9.319   -22.156 -5.702  1.00 38.39  ? 87  MET A SD  1 
ATOM   381  C CE  . MET A 1 48  ? 8.358   -21.473 -4.352  1.00 39.94  ? 87  MET A CE  1 
ATOM   382  N N   . TYR A 1 49  ? 7.185   -17.190 -7.487  1.00 26.79  ? 88  TYR A N   1 
ATOM   383  C CA  . TYR A 1 49  ? 7.187   -15.715 -7.433  1.00 25.61  ? 88  TYR A CA  1 
ATOM   384  C C   . TYR A 1 49  ? 7.176   -15.280 -5.981  1.00 25.85  ? 88  TYR A C   1 
ATOM   385  O O   . TYR A 1 49  ? 6.614   -16.013 -5.119  1.00 25.15  ? 88  TYR A O   1 
ATOM   386  C CB  . TYR A 1 49  ? 5.971   -15.102 -8.128  1.00 24.21  ? 88  TYR A CB  1 
ATOM   387  C CG  . TYR A 1 49  ? 5.724   -15.573 -9.532  1.00 25.30  ? 88  TYR A CG  1 
ATOM   388  C CD1 . TYR A 1 49  ? 6.175   -14.853 -10.632 1.00 25.45  ? 88  TYR A CD1 1 
ATOM   389  C CD2 . TYR A 1 49  ? 4.957   -16.702 -9.768  1.00 26.14  ? 88  TYR A CD2 1 
ATOM   390  C CE1 . TYR A 1 49  ? 5.909   -15.279 -11.927 1.00 27.55  ? 88  TYR A CE1 1 
ATOM   391  C CE2 . TYR A 1 49  ? 4.681   -17.141 -11.052 1.00 27.47  ? 88  TYR A CE2 1 
ATOM   392  C CZ  . TYR A 1 49  ? 5.155   -16.428 -12.140 1.00 28.42  ? 88  TYR A CZ  1 
ATOM   393  O OH  . TYR A 1 49  ? 4.841   -16.881 -13.391 1.00 28.68  ? 88  TYR A OH  1 
ATOM   394  N N   . SER A 1 50  ? 7.815   -14.137 -5.746  1.00 25.25  ? 89  SER A N   1 
ATOM   395  C CA  . SER A 1 50  ? 7.672   -13.312 -4.529  1.00 26.74  ? 89  SER A CA  1 
ATOM   396  C C   . SER A 1 50  ? 6.820   -12.075 -4.832  1.00 27.41  ? 89  SER A C   1 
ATOM   397  O O   . SER A 1 50  ? 6.888   -11.543 -5.964  1.00 32.38  ? 89  SER A O   1 
ATOM   398  C CB  . SER A 1 50  ? 9.012   -12.975 -3.994  1.00 27.83  ? 89  SER A CB  1 
ATOM   399  O OG  . SER A 1 50  ? 9.681   -14.179 -3.669  1.00 33.21  ? 89  SER A OG  1 
ATOM   400  N N   . PHE A 1 51  ? 6.028   -11.657 -3.847  1.00 25.62  ? 90  PHE A N   1 
ATOM   401  C CA  . PHE A 1 51  ? 5.136   -10.483 -3.916  1.00 25.42  ? 90  PHE A CA  1 
ATOM   402  C C   . PHE A 1 51  ? 5.718   -9.448  -2.957  1.00 28.65  ? 90  PHE A C   1 
ATOM   403  O O   . PHE A 1 51  ? 6.029   -9.792  -1.792  1.00 30.83  ? 90  PHE A O   1 
ATOM   404  C CB  . PHE A 1 51  ? 3.700   -10.846 -3.554  1.00 25.02  ? 90  PHE A CB  1 
ATOM   405  C CG  . PHE A 1 51  ? 2.854   -11.316 -4.706  1.00 23.59  ? 90  PHE A CG  1 
ATOM   406  C CD1 . PHE A 1 51  ? 1.656   -10.688 -5.013  1.00 23.79  ? 90  PHE A CD1 1 
ATOM   407  C CD2 . PHE A 1 51  ? 3.255   -12.395 -5.476  1.00 23.18  ? 90  PHE A CD2 1 
ATOM   408  C CE1 . PHE A 1 51  ? 0.865   -11.147 -6.059  1.00 25.14  ? 90  PHE A CE1 1 
ATOM   409  C CE2 . PHE A 1 51  ? 2.490   -12.835 -6.534  1.00 22.14  ? 90  PHE A CE2 1 
ATOM   410  C CZ  . PHE A 1 51  ? 1.287   -12.225 -6.816  1.00 24.30  ? 90  PHE A CZ  1 
ATOM   411  N N   . LEU A 1 52  ? 5.923   -8.242  -3.479  1.00 28.91  ? 91  LEU A N   1 
ATOM   412  C CA  . LEU A 1 52  ? 6.510   -7.097  -2.751  1.00 30.91  ? 91  LEU A CA  1 
ATOM   413  C C   . LEU A 1 52  ? 5.484   -5.974  -2.775  1.00 28.75  ? 91  LEU A C   1 
ATOM   414  O O   . LEU A 1 52  ? 4.729   -5.903  -3.732  1.00 28.38  ? 91  LEU A O   1 
ATOM   415  C CB  . LEU A 1 52  ? 7.798   -6.674  -3.456  1.00 36.65  ? 91  LEU A CB  1 
ATOM   416  C CG  . LEU A 1 52  ? 9.083   -7.434  -3.129  1.00 39.69  ? 91  LEU A CG  1 
ATOM   417  C CD1 . LEU A 1 52  ? 8.908   -8.924  -3.262  1.00 41.04  ? 91  LEU A CD1 1 
ATOM   418  C CD2 . LEU A 1 52  ? 10.203  -6.945  -4.045  1.00 43.65  ? 91  LEU A CD2 1 
ATOM   419  N N   . LEU A 1 53  ? 5.484   -5.148  -1.734  1.00 30.34  ? 92  LEU A N   1 
ATOM   420  C CA  . LEU A 1 53  ? 4.639   -3.939  -1.586  1.00 28.71  ? 92  LEU A CA  1 
ATOM   421  C C   . LEU A 1 53  ? 5.531   -2.790  -1.153  1.00 28.59  ? 92  LEU A C   1 
ATOM   422  O O   . LEU A 1 53  ? 6.229   -2.919  -0.130  1.00 29.71  ? 92  LEU A O   1 
ATOM   423  C CB  . LEU A 1 53  ? 3.557   -4.190  -0.546  1.00 31.06  ? 92  LEU A CB  1 
ATOM   424  C CG  . LEU A 1 53  ? 2.836   -2.947  -0.035  1.00 32.88  ? 92  LEU A CG  1 
ATOM   425  C CD1 . LEU A 1 53  ? 1.985   -2.316  -1.137  1.00 34.75  ? 92  LEU A CD1 1 
ATOM   426  C CD2 . LEU A 1 53  ? 2.000   -3.291  1.184   1.00 34.22  ? 92  LEU A CD2 1 
ATOM   427  N N   . ASP A 1 54  ? 5.500   -1.706  -1.908  1.00 27.76  ? 93  ASP A N   1 
ATOM   428  C CA  . ASP A 1 54  ? 6.073   -0.417  -1.449  1.00 27.15  ? 93  ASP A CA  1 
ATOM   429  C C   . ASP A 1 54  ? 5.038   0.673   -1.698  1.00 26.74  ? 93  ASP A C   1 
ATOM   430  O O   . ASP A 1 54  ? 3.963   0.372   -2.160  1.00 23.77  ? 93  ASP A O   1 
ATOM   431  C CB  . ASP A 1 54  ? 7.425   -0.121  -2.102  1.00 29.42  ? 93  ASP A CB  1 
ATOM   432  C CG  . ASP A 1 54  ? 7.399   0.098   -3.613  1.00 31.29  ? 93  ASP A CG  1 
ATOM   433  O OD1 . ASP A 1 54  ? 6.363   -0.123  -4.235  1.00 35.20  ? 93  ASP A OD1 1 
ATOM   434  O OD2 . ASP A 1 54  ? 8.436   0.478   -4.166  1.00 34.59  ? 93  ASP A OD2 1 
ATOM   435  N N   . PHE A 1 55  ? 5.391   1.911   -1.380  1.00 30.94  ? 94  PHE A N   1 
ATOM   436  C CA  . PHE A 1 55  ? 4.464   3.058   -1.265  1.00 28.73  ? 94  PHE A CA  1 
ATOM   437  C C   . PHE A 1 55  ? 5.131   4.221   -1.977  1.00 32.45  ? 94  PHE A C   1 
ATOM   438  O O   . PHE A 1 55  ? 6.244   4.630   -1.606  1.00 35.96  ? 94  PHE A O   1 
ATOM   439  C CB  . PHE A 1 55  ? 4.194   3.332   0.217   1.00 28.46  ? 94  PHE A CB  1 
ATOM   440  C CG  . PHE A 1 55  ? 3.329   2.312   0.909   1.00 26.46  ? 94  PHE A CG  1 
ATOM   441  C CD1 . PHE A 1 55  ? 1.948   2.478   0.985   1.00 27.62  ? 94  PHE A CD1 1 
ATOM   442  C CD2 . PHE A 1 55  ? 3.893   1.171   1.462   1.00 25.23  ? 94  PHE A CD2 1 
ATOM   443  C CE1 . PHE A 1 55  ? 1.155   1.539   1.618   1.00 26.55  ? 94  PHE A CE1 1 
ATOM   444  C CE2 . PHE A 1 55  ? 3.103   0.225   2.079   1.00 23.89  ? 94  PHE A CE2 1 
ATOM   445  C CZ  . PHE A 1 55  ? 1.742   0.424   2.182   1.00 28.61  ? 94  PHE A CZ  1 
ATOM   446  N N   . VAL A 1 56  ? 4.508   4.697   -3.032  1.00 33.81  ? 95  VAL A N   1 
ATOM   447  C CA  . VAL A 1 56  ? 5.116   5.738   -3.905  1.00 35.48  ? 95  VAL A CA  1 
ATOM   448  C C   . VAL A 1 56  ? 4.511   7.078   -3.510  1.00 34.10  ? 95  VAL A C   1 
ATOM   449  O O   . VAL A 1 56  ? 3.271   7.163   -3.384  1.00 29.53  ? 95  VAL A O   1 
ATOM   450  C CB  . VAL A 1 56  ? 4.867   5.392   -5.381  1.00 34.32  ? 95  VAL A CB  1 
ATOM   451  C CG1 . VAL A 1 56  ? 5.358   6.487   -6.305  1.00 36.88  ? 95  VAL A CG1 1 
ATOM   452  C CG2 . VAL A 1 56  ? 5.512   4.057   -5.708  1.00 32.06  ? 95  VAL A CG2 1 
ATOM   453  N N   . ALA A 1 57  ? 5.365   8.076   -3.332  1.00 34.92  ? 96  ALA A N   1 
ATOM   454  C CA  . ALA A 1 57  ? 4.966   9.453   -2.987  1.00 37.01  ? 96  ALA A CA  1 
ATOM   455  C C   . ALA A 1 57  ? 4.248   10.056  -4.190  1.00 36.86  ? 96  ALA A C   1 
ATOM   456  O O   . ALA A 1 57  ? 4.822   10.032  -5.284  1.00 38.53  ? 96  ALA A O   1 
ATOM   457  C CB  . ALA A 1 57  ? 6.173   10.257  -2.572  1.00 35.64  ? 96  ALA A CB  1 
ATOM   458  N N   . ALA A 1 58  ? 3.028   10.570  -3.988  1.00 37.57  ? 97  ALA A N   1 
ATOM   459  C CA  . ALA A 1 58  ? 2.153   11.049  -5.077  1.00 35.21  ? 97  ALA A CA  1 
ATOM   460  C C   . ALA A 1 58  ? 2.471   12.499  -5.478  1.00 38.11  ? 97  ALA A C   1 
ATOM   461  O O   . ALA A 1 58  ? 2.050   12.845  -6.582  1.00 43.56  ? 97  ALA A O   1 
ATOM   462  C CB  . ALA A 1 58  ? 0.708   10.861  -4.706  1.00 33.87  ? 97  ALA A CB  1 
ATOM   463  N N   . ASP A 1 59  ? 3.204   13.305  -4.686  1.00 36.80  ? 98  ASP A N   1 
ATOM   464  C CA  . ASP A 1 59  ? 3.237   14.781  -4.898  1.00 36.56  ? 98  ASP A CA  1 
ATOM   465  C C   . ASP A 1 59  ? 4.568   15.388  -4.469  1.00 40.52  ? 98  ASP A C   1 
ATOM   466  O O   . ASP A 1 59  ? 5.216   14.826  -3.556  1.00 39.55  ? 98  ASP A O   1 
ATOM   467  C CB  . ASP A 1 59  ? 2.201   15.541  -4.064  1.00 38.33  ? 98  ASP A CB  1 
ATOM   468  C CG  . ASP A 1 59  ? 0.821   14.922  -4.031  1.00 39.82  ? 98  ASP A CG  1 
ATOM   469  O OD1 . ASP A 1 59  ? 0.478   14.309  -2.993  1.00 42.63  ? 98  ASP A OD1 1 
ATOM   470  O OD2 . ASP A 1 59  ? 0.108   15.055  -5.028  1.00 44.56  ? 98  ASP A OD2 1 
ATOM   471  N N   . ASN A 1 60  ? 4.890   16.565  -5.020  1.00 41.55  ? 99  ASN A N   1 
ATOM   472  C CA  . ASN A 1 60  ? 6.112   17.326  -4.652  1.00 51.06  ? 99  ASN A CA  1 
ATOM   473  C C   . ASN A 1 60  ? 5.761   18.379  -3.585  1.00 48.68  ? 99  ASN A C   1 
ATOM   474  O O   . ASN A 1 60  ? 6.442   19.430  -3.542  1.00 52.63  ? 99  ASN A O   1 
ATOM   475  C CB  . ASN A 1 60  ? 6.799   17.919  -5.891  1.00 59.76  ? 99  ASN A CB  1 
ATOM   476  C CG  . ASN A 1 60  ? 6.095   19.133  -6.459  1.00 65.78  ? 99  ASN A CG  1 
ATOM   477  O OD1 . ASN A 1 60  ? 4.921   19.360  -6.178  1.00 73.54  ? 99  ASN A OD1 1 
ATOM   478  N ND2 . ASN A 1 60  ? 6.798   19.924  -7.257  1.00 66.42  ? 99  ASN A ND2 1 
ATOM   479  N N   . HIS A 1 61  ? 4.753   18.108  -2.748  1.00 43.28  ? 100 HIS A N   1 
ATOM   480  C CA  . HIS A 1 61  ? 4.292   18.988  -1.634  1.00 42.17  ? 100 HIS A CA  1 
ATOM   481  C C   . HIS A 1 61  ? 3.585   18.135  -0.576  1.00 37.30  ? 100 HIS A C   1 
ATOM   482  O O   . HIS A 1 61  ? 3.091   17.050  -0.913  1.00 37.50  ? 100 HIS A O   1 
ATOM   483  C CB  . HIS A 1 61  ? 3.369   20.106  -2.145  1.00 38.06  ? 100 HIS A CB  1 
ATOM   484  C CG  . HIS A 1 61  ? 2.052   19.593  -2.633  1.00 39.07  ? 100 HIS A CG  1 
ATOM   485  N ND1 . HIS A 1 61  ? 1.749   19.461  -3.979  1.00 37.26  ? 100 HIS A ND1 1 
ATOM   486  C CD2 . HIS A 1 61  ? 0.964   19.157  -1.963  1.00 40.22  ? 100 HIS A CD2 1 
ATOM   487  C CE1 . HIS A 1 61  ? 0.535   18.991  -4.120  1.00 35.96  ? 100 HIS A CE1 1 
ATOM   488  N NE2 . HIS A 1 61  ? 0.026   18.807  -2.896  1.00 42.41  ? 100 HIS A NE2 1 
ATOM   489  N N   . ARG A 1 62  ? 3.514   18.621  0.656   1.00 38.88  ? 101 ARG A N   1 
ATOM   490  C CA  . ARG A 1 62  ? 2.738   17.934  1.714   1.00 36.02  ? 101 ARG A CA  1 
ATOM   491  C C   . ARG A 1 62  ? 1.333   18.552  1.783   1.00 30.61  ? 101 ARG A C   1 
ATOM   492  O O   . ARG A 1 62  ? 1.002   19.472  0.983   1.00 28.14  ? 101 ARG A O   1 
ATOM   493  C CB  . ARG A 1 62  ? 3.541   17.917  3.013   1.00 39.27  ? 101 ARG A CB  1 
ATOM   494  C CG  . ARG A 1 62  ? 3.796   19.285  3.612   1.00 49.46  ? 101 ARG A CG  1 
ATOM   495  C CD  . ARG A 1 62  ? 4.525   19.110  4.924   1.00 51.57  ? 101 ARG A CD  1 
ATOM   496  N NE  . ARG A 1 62  ? 4.589   20.374  5.617   1.00 56.60  ? 101 ARG A NE  1 
ATOM   497  C CZ  . ARG A 1 62  ? 5.291   20.593  6.723   1.00 71.83  ? 101 ARG A CZ  1 
ATOM   498  N NH1 . ARG A 1 62  ? 5.274   21.789  7.292   1.00 69.37  ? 101 ARG A NH1 1 
ATOM   499  N NH2 . ARG A 1 62  ? 5.998   19.614  7.266   1.00 74.59  ? 101 ARG A NH2 1 
ATOM   500  N N   . TRP A 1 63  ? 0.498   17.988  2.642   1.00 27.46  ? 102 TRP A N   1 
ATOM   501  C CA  . TRP A 1 63  ? -0.950  18.288  2.691   1.00 29.70  ? 102 TRP A CA  1 
ATOM   502  C C   . TRP A 1 63  ? -1.269  18.765  4.097   1.00 30.83  ? 102 TRP A C   1 
ATOM   503  O O   . TRP A 1 63  ? -0.538  18.413  5.044   1.00 32.74  ? 102 TRP A O   1 
ATOM   504  C CB  . TRP A 1 63  ? -1.815  17.072  2.339   1.00 26.42  ? 102 TRP A CB  1 
ATOM   505  C CG  . TRP A 1 63  ? -1.719  16.672  0.910   1.00 25.68  ? 102 TRP A CG  1 
ATOM   506  C CD1 . TRP A 1 63  ? -0.844  15.768  0.377   1.00 25.77  ? 102 TRP A CD1 1 
ATOM   507  C CD2 . TRP A 1 63  ? -2.510  17.166  -0.180  1.00 23.95  ? 102 TRP A CD2 1 
ATOM   508  N NE1 . TRP A 1 63  ? -1.032  15.688  -0.971  1.00 26.32  ? 102 TRP A NE1 1 
ATOM   509  C CE2 . TRP A 1 63  ? -2.036  16.533  -1.347  1.00 24.63  ? 102 TRP A CE2 1 
ATOM   510  C CE3 . TRP A 1 63  ? -3.552  18.097  -0.297  1.00 26.77  ? 102 TRP A CE3 1 
ATOM   511  C CZ2 . TRP A 1 63  ? -2.588  16.780  -2.607  1.00 25.53  ? 102 TRP A CZ2 1 
ATOM   512  C CZ3 . TRP A 1 63  ? -4.099  18.336  -1.542  1.00 26.16  ? 102 TRP A CZ3 1 
ATOM   513  C CH2 . TRP A 1 63  ? -3.598  17.713  -2.689  1.00 23.84  ? 102 TRP A CH2 1 
ATOM   514  N N   A LYS A 1 64  ? -2.356  19.529  4.221   0.25 30.77  ? 103 LYS A N   1 
ATOM   515  N N   B LYS A 1 64  ? -2.327  19.564  4.234   0.25 31.08  ? 103 LYS A N   1 
ATOM   516  C CA  A LYS A 1 64  ? -2.881  20.052  5.507   0.25 32.02  ? 103 LYS A CA  1 
ATOM   517  C CA  B LYS A 1 64  ? -2.867  19.963  5.558   0.25 32.42  ? 103 LYS A CA  1 
ATOM   518  C C   A LYS A 1 64  ? -4.410  20.002  5.436   0.25 31.24  ? 103 LYS A C   1 
ATOM   519  C C   B LYS A 1 64  ? -4.393  20.015  5.452   0.25 31.51  ? 103 LYS A C   1 
ATOM   520  O O   A LYS A 1 64  ? -4.944  20.243  4.329   0.25 28.93  ? 103 LYS A O   1 
ATOM   521  O O   B LYS A 1 64  ? -4.900  20.321  4.347   0.25 29.24  ? 103 LYS A O   1 
ATOM   522  C CB  A LYS A 1 64  ? -2.356  21.471  5.751   0.25 33.39  ? 103 LYS A CB  1 
ATOM   523  C CB  B LYS A 1 64  ? -2.232  21.270  6.050   0.25 34.24  ? 103 LYS A CB  1 
ATOM   524  C CG  A LYS A 1 64  ? -2.466  21.968  7.186   0.25 35.07  ? 103 LYS A CG  1 
ATOM   525  C CG  B LYS A 1 64  ? -2.494  22.522  5.225   0.25 35.72  ? 103 LYS A CG  1 
ATOM   526  C CD  A LYS A 1 64  ? -1.842  23.330  7.397   0.25 35.66  ? 103 LYS A CD  1 
ATOM   527  C CD  B LYS A 1 64  ? -2.086  23.790  5.964   0.25 38.01  ? 103 LYS A CD  1 
ATOM   528  C CE  A LYS A 1 64  ? -2.267  23.992  8.691   0.25 35.31  ? 103 LYS A CE  1 
ATOM   529  C CE  B LYS A 1 64  ? -1.499  24.885  5.093   0.25 38.95  ? 103 LYS A CE  1 
ATOM   530  N NZ  A LYS A 1 64  ? -2.062  25.459  8.631   0.25 35.22  ? 103 LYS A NZ  1 
ATOM   531  N NZ  B LYS A 1 64  ? -2.295  25.121  3.868   0.25 39.96  ? 103 LYS A NZ  1 
ATOM   532  N N   . TYR A 1 65  ? -5.063  19.667  6.555   1.00 31.40  ? 104 TYR A N   1 
ATOM   533  C CA  . TYR A 1 65  ? -6.546  19.624  6.684   1.00 30.98  ? 104 TYR A CA  1 
ATOM   534  C C   . TYR A 1 65  ? -6.945  20.983  7.249   1.00 29.44  ? 104 TYR A C   1 
ATOM   535  O O   . TYR A 1 65  ? -6.574  21.273  8.383   1.00 26.99  ? 104 TYR A O   1 
ATOM   536  C CB  . TYR A 1 65  ? -6.995  18.468  7.584   1.00 30.98  ? 104 TYR A CB  1 
ATOM   537  C CG  . TYR A 1 65  ? -8.443  18.065  7.420   1.00 30.05  ? 104 TYR A CG  1 
ATOM   538  C CD1 . TYR A 1 65  ? -8.883  17.544  6.222   1.00 27.88  ? 104 TYR A CD1 1 
ATOM   539  C CD2 . TYR A 1 65  ? -9.371  18.151  8.457   1.00 29.63  ? 104 TYR A CD2 1 
ATOM   540  C CE1 . TYR A 1 65  ? -10.204 17.175  6.029   1.00 29.44  ? 104 TYR A CE1 1 
ATOM   541  C CE2 . TYR A 1 65  ? -10.698 17.762  8.284   1.00 27.55  ? 104 TYR A CE2 1 
ATOM   542  C CZ  . TYR A 1 65  ? -11.121 17.261  7.066   1.00 29.06  ? 104 TYR A CZ  1 
ATOM   543  O OH  . TYR A 1 65  ? -12.420 16.905  6.795   1.00 28.04  ? 104 TYR A OH  1 
ATOM   544  N N   . VAL A 1 66  ? -7.545  21.842  6.430   1.00 29.30  ? 105 VAL A N   1 
ATOM   545  C CA  . VAL A 1 66  ? -7.900  23.231  6.842   1.00 30.98  ? 105 VAL A CA  1 
ATOM   546  C C   . VAL A 1 66  ? -9.367  23.434  6.522   1.00 30.86  ? 105 VAL A C   1 
ATOM   547  O O   . VAL A 1 66  ? -9.739  23.244  5.346   1.00 29.76  ? 105 VAL A O   1 
ATOM   548  C CB  . VAL A 1 66  ? -7.019  24.292  6.148   1.00 32.50  ? 105 VAL A CB  1 
ATOM   549  C CG1 . VAL A 1 66  ? -7.485  25.703  6.466   1.00 32.41  ? 105 VAL A CG1 1 
ATOM   550  C CG2 . VAL A 1 66  ? -5.569  24.136  6.541   1.00 31.47  ? 105 VAL A CG2 1 
ATOM   551  N N   . ASN A 1 67  ? -10.171 23.774  7.533   1.00 32.28  ? 106 ASN A N   1 
ATOM   552  C CA  . ASN A 1 67  ? -11.616 24.079  7.345   1.00 30.00  ? 106 ASN A CA  1 
ATOM   553  C C   . ASN A 1 67  ? -12.316 22.900  6.657   1.00 28.93  ? 106 ASN A C   1 
ATOM   554  O O   . ASN A 1 67  ? -13.140 23.132  5.764   1.00 31.10  ? 106 ASN A O   1 
ATOM   555  C CB  . ASN A 1 67  ? -11.779 25.387  6.579   1.00 28.93  ? 106 ASN A CB  1 
ATOM   556  C CG  . ASN A 1 67  ? -11.161 26.554  7.313   1.00 29.35  ? 106 ASN A CG  1 
ATOM   557  O OD1 . ASN A 1 67  ? -11.069 26.552  8.545   1.00 30.57  ? 106 ASN A OD1 1 
ATOM   558  N ND2 . ASN A 1 67  ? -10.773 27.572  6.565   1.00 29.25  ? 106 ASN A ND2 1 
ATOM   559  N N   . GLY A 1 68  ? -11.996 21.675  7.084   1.00 34.58  ? 107 GLY A N   1 
ATOM   560  C CA  . GLY A 1 68  ? -12.609 20.418  6.614   1.00 33.54  ? 107 GLY A CA  1 
ATOM   561  C C   . GLY A 1 68  ? -12.278 20.109  5.165   1.00 34.45  ? 107 GLY A C   1 
ATOM   562  O O   . GLY A 1 68  ? -13.064 19.411  4.512   1.00 34.86  ? 107 GLY A O   1 
ATOM   563  N N   . GLU A 1 69  ? -11.156 20.623  4.673   1.00 33.94  ? 108 GLU A N   1 
ATOM   564  C CA  . GLU A 1 69  ? -10.675 20.476  3.266   1.00 35.69  ? 108 GLU A CA  1 
ATOM   565  C C   . GLU A 1 69  ? -9.196  20.079  3.345   1.00 35.70  ? 108 GLU A C   1 
ATOM   566  O O   . GLU A 1 69  ? -8.435  20.711  4.134   1.00 30.71  ? 108 GLU A O   1 
ATOM   567  C CB  . GLU A 1 69  ? -10.850 21.824  2.561   1.00 41.01  ? 108 GLU A CB  1 
ATOM   568  C CG  . GLU A 1 69  ? -11.121 21.769  1.073   1.00 49.86  ? 108 GLU A CG  1 
ATOM   569  C CD  . GLU A 1 69  ? -11.082 23.123  0.353   1.00 55.89  ? 108 GLU A CD  1 
ATOM   570  O OE1 . GLU A 1 69  ? -10.874 24.171  1.026   1.00 54.19  ? 108 GLU A OE1 1 
ATOM   571  O OE2 . GLU A 1 69  ? -11.250 23.139  -0.896  1.00 54.50  ? 108 GLU A OE2 1 
ATOM   572  N N   . TRP A 1 70  ? -8.752  19.082  2.589   1.00 33.04  ? 109 TRP A N   1 
ATOM   573  C CA  . TRP A 1 70  ? -7.290  18.869  2.448   1.00 32.61  ? 109 TRP A CA  1 
ATOM   574  C C   . TRP A 1 70  ? -6.713  19.864  1.433   1.00 29.39  ? 109 TRP A C   1 
ATOM   575  O O   . TRP A 1 70  ? -7.234  19.912  0.315   1.00 31.51  ? 109 TRP A O   1 
ATOM   576  C CB  . TRP A 1 70  ? -6.978  17.444  2.007   1.00 33.53  ? 109 TRP A CB  1 
ATOM   577  C CG  . TRP A 1 70  ? -7.062  16.444  3.107   1.00 31.60  ? 109 TRP A CG  1 
ATOM   578  C CD1 . TRP A 1 70  ? -8.106  15.603  3.354   1.00 29.06  ? 109 TRP A CD1 1 
ATOM   579  C CD2 . TRP A 1 70  ? -6.077  16.196  4.121   1.00 30.10  ? 109 TRP A CD2 1 
ATOM   580  N NE1 . TRP A 1 70  ? -7.811  14.838  4.439   1.00 30.43  ? 109 TRP A NE1 1 
ATOM   581  C CE2 . TRP A 1 70  ? -6.579  15.161  4.922   1.00 27.92  ? 109 TRP A CE2 1 
ATOM   582  C CE3 . TRP A 1 70  ? -4.816  16.717  4.415   1.00 31.15  ? 109 TRP A CE3 1 
ATOM   583  C CZ2 . TRP A 1 70  ? -5.875  14.640  5.993   1.00 31.47  ? 109 TRP A CZ2 1 
ATOM   584  C CZ3 . TRP A 1 70  ? -4.100  16.180  5.453   1.00 32.27  ? 109 TRP A CZ3 1 
ATOM   585  C CH2 . TRP A 1 70  ? -4.631  15.160  6.247   1.00 33.21  ? 109 TRP A CH2 1 
ATOM   586  N N   . VAL A 1 71  ? -5.668  20.602  1.780   1.00 28.13  ? 110 VAL A N   1 
ATOM   587  C CA  . VAL A 1 71  ? -5.007  21.573  0.842   1.00 29.87  ? 110 VAL A CA  1 
ATOM   588  C C   . VAL A 1 71  ? -3.506  21.365  0.865   1.00 29.75  ? 110 VAL A C   1 
ATOM   589  O O   . VAL A 1 71  ? -2.950  20.870  1.852   1.00 27.41  ? 110 VAL A O   1 
ATOM   590  C CB  . VAL A 1 71  ? -5.347  23.044  1.158   1.00 31.09  ? 110 VAL A CB  1 
ATOM   591  C CG1 . VAL A 1 71  ? -6.823  23.326  0.912   1.00 31.75  ? 110 VAL A CG1 1 
ATOM   592  C CG2 . VAL A 1 71  ? -4.977  23.429  2.580   1.00 29.32  ? 110 VAL A CG2 1 
ATOM   593  N N   . PRO A 1 72  ? -2.812  21.748  -0.233  1.00 31.67  ? 111 PRO A N   1 
ATOM   594  C CA  . PRO A 1 72  ? -1.354  21.822  -0.219  1.00 33.32  ? 111 PRO A CA  1 
ATOM   595  C C   . PRO A 1 72  ? -0.893  22.542  1.056   1.00 33.04  ? 111 PRO A C   1 
ATOM   596  O O   . PRO A 1 72  ? -1.445  23.588  1.358   1.00 32.73  ? 111 PRO A O   1 
ATOM   597  C CB  . PRO A 1 72  ? -1.042  22.576  -1.512  1.00 34.89  ? 111 PRO A CB  1 
ATOM   598  C CG  . PRO A 1 72  ? -2.154  22.164  -2.441  1.00 32.83  ? 111 PRO A CG  1 
ATOM   599  C CD  . PRO A 1 72  ? -3.380  22.050  -1.555  1.00 33.53  ? 111 PRO A CD  1 
ATOM   600  N N   . GLY A 1 73  ? 0.051   21.939  1.788   1.00 33.01  ? 112 GLY A N   1 
ATOM   601  C CA  . GLY A 1 73  ? 0.407   22.316  3.172   1.00 37.31  ? 112 GLY A CA  1 
ATOM   602  C C   . GLY A 1 73  ? 1.883   22.613  3.355   1.00 36.60  ? 112 GLY A C   1 
ATOM   603  O O   . GLY A 1 73  ? 2.345   22.709  4.518   1.00 44.10  ? 112 GLY A O   1 
ATOM   604  N N   . GLY A 1 74  ? 2.604   22.786  2.257   1.00 35.49  ? 113 GLY A N   1 
ATOM   605  C CA  . GLY A 1 74  ? 4.026   23.139  2.309   1.00 34.66  ? 113 GLY A CA  1 
ATOM   606  C C   . GLY A 1 74  ? 4.841   22.258  1.401   1.00 34.71  ? 113 GLY A C   1 
ATOM   607  O O   . GLY A 1 74  ? 4.276   21.429  0.670   1.00 34.39  ? 113 GLY A O   1 
ATOM   608  N N   . LYS A 1 75  ? 6.147   22.462  1.431   1.00 40.40  ? 114 LYS A N   1 
ATOM   609  C CA  . LYS A 1 75  ? 7.099   21.677  0.624   1.00 40.95  ? 114 LYS A CA  1 
ATOM   610  C C   . LYS A 1 75  ? 7.238   20.310  1.268   1.00 42.97  ? 114 LYS A C   1 
ATOM   611  O O   . LYS A 1 75  ? 7.077   20.157  2.477   1.00 42.35  ? 114 LYS A O   1 
ATOM   612  C CB  . LYS A 1 75  ? 8.434   22.416  0.537   1.00 45.74  ? 114 LYS A CB  1 
ATOM   613  C CG  . LYS A 1 75  ? 8.540   23.346  -0.662  1.00 43.99  ? 114 LYS A CG  1 
ATOM   614  C CD  . LYS A 1 75  ? 9.310   24.599  -0.378  1.00 44.87  ? 114 LYS A CD  1 
ATOM   615  C CE  . LYS A 1 75  ? 10.225  25.015  -1.504  1.00 40.58  ? 114 LYS A CE  1 
ATOM   616  N NZ  . LYS A 1 75  ? 9.600   24.835  -2.824  1.00 42.86  ? 114 LYS A NZ  1 
ATOM   617  N N   . PRO A 1 76  ? 7.614   19.299  0.472   1.00 46.55  ? 115 PRO A N   1 
ATOM   618  C CA  . PRO A 1 76  ? 7.800   17.949  0.989   1.00 48.54  ? 115 PRO A CA  1 
ATOM   619  C C   . PRO A 1 76  ? 9.029   17.887  1.896   1.00 52.81  ? 115 PRO A C   1 
ATOM   620  O O   . PRO A 1 76  ? 9.891   18.738  1.838   1.00 58.44  ? 115 PRO A O   1 
ATOM   621  C CB  . PRO A 1 76  ? 8.000   17.108  -0.270  1.00 48.48  ? 115 PRO A CB  1 
ATOM   622  C CG  . PRO A 1 76  ? 8.619   18.076  -1.251  1.00 50.12  ? 115 PRO A CG  1 
ATOM   623  C CD  . PRO A 1 76  ? 7.995   19.423  -0.938  1.00 49.75  ? 115 PRO A CD  1 
ATOM   624  N N   . GLU A 1 77  ? 9.042   16.892  2.767   1.00 53.74  ? 116 GLU A N   1 
ATOM   625  C CA  . GLU A 1 77  ? 10.262  16.464  3.476   1.00 57.68  ? 116 GLU A CA  1 
ATOM   626  C C   . GLU A 1 77  ? 11.050  15.571  2.519   1.00 55.82  ? 116 GLU A C   1 
ATOM   627  O O   . GLU A 1 77  ? 10.504  15.107  1.506   1.00 47.29  ? 116 GLU A O   1 
ATOM   628  C CB  . GLU A 1 77  ? 9.842   15.835  4.800   1.00 60.98  ? 116 GLU A CB  1 
ATOM   629  C CG  . GLU A 1 77  ? 9.112   16.830  5.683   1.00 61.68  ? 116 GLU A CG  1 
ATOM   630  C CD  . GLU A 1 77  ? 8.207   16.198  6.711   1.00 62.07  ? 116 GLU A CD  1 
ATOM   631  O OE1 . GLU A 1 77  ? 8.653   15.265  7.401   1.00 57.44  ? 116 GLU A OE1 1 
ATOM   632  O OE2 . GLU A 1 77  ? 7.054   16.630  6.793   1.00 70.44  ? 116 GLU A OE2 1 
ATOM   633  N N   . PRO A 1 78  ? 12.368  15.374  2.765   1.00 53.20  ? 117 PRO A N   1 
ATOM   634  C CA  . PRO A 1 78  ? 13.179  14.438  1.983   1.00 54.40  ? 117 PRO A CA  1 
ATOM   635  C C   . PRO A 1 78  ? 12.478  13.078  1.877   1.00 54.94  ? 117 PRO A C   1 
ATOM   636  O O   . PRO A 1 78  ? 11.958  12.635  2.901   1.00 50.84  ? 117 PRO A O   1 
ATOM   637  C CB  . PRO A 1 78  ? 14.462  14.304  2.810   1.00 50.63  ? 117 PRO A CB  1 
ATOM   638  C CG  . PRO A 1 78  ? 14.578  15.646  3.501   1.00 53.97  ? 117 PRO A CG  1 
ATOM   639  C CD  . PRO A 1 78  ? 13.150  16.048  3.814   1.00 55.11  ? 117 PRO A CD  1 
ATOM   640  N N   . GLN A 1 79  ? 12.449  12.480  0.677   1.00 54.45  ? 118 GLN A N   1 
ATOM   641  C CA  . GLN A 1 79  ? 11.762  11.182  0.423   1.00 58.33  ? 118 GLN A CA  1 
ATOM   642  C C   . GLN A 1 79  ? 12.110  10.213  1.564   1.00 60.06  ? 118 GLN A C   1 
ATOM   643  O O   . GLN A 1 79  ? 13.297  10.187  1.962   1.00 50.59  ? 118 GLN A O   1 
ATOM   644  C CB  . GLN A 1 79  ? 12.141  10.607  -0.945  1.00 65.25  ? 118 GLN A CB  1 
ATOM   645  C CG  . GLN A 1 79  ? 11.517  11.349  -2.130  1.00 77.72  ? 118 GLN A CG  1 
ATOM   646  C CD  . GLN A 1 79  ? 10.030  11.114  -2.311  1.00 79.36  ? 118 GLN A CD  1 
ATOM   647  O OE1 . GLN A 1 79  ? 9.511   10.036  -2.026  1.00 83.49  ? 118 GLN A OE1 1 
ATOM   648  N NE2 . GLN A 1 79  ? 9.327   12.124  -2.809  1.00 69.63  ? 118 GLN A NE2 1 
ATOM   649  N N   . ALA A 1 80  ? 11.095  9.499   2.084   1.00 63.26  ? 119 ALA A N   1 
ATOM   650  C CA  . ALA A 1 80  ? 11.186  8.339   3.009   1.00 65.46  ? 119 ALA A CA  1 
ATOM   651  C C   . ALA A 1 80  ? 12.149  7.302   2.431   1.00 71.46  ? 119 ALA A C   1 
ATOM   652  O O   . ALA A 1 80  ? 12.248  7.192   1.210   1.00 70.95  ? 119 ALA A O   1 
ATOM   653  C CB  . ALA A 1 80  ? 9.810   7.741   3.205   1.00 62.05  ? 119 ALA A CB  1 
ATOM   654  N N   . PRO A 1 81  ? 12.888  6.519   3.258   1.00 79.86  ? 120 PRO A N   1 
ATOM   655  C CA  . PRO A 1 81  ? 13.777  5.476   2.732   1.00 81.51  ? 120 PRO A CA  1 
ATOM   656  C C   . PRO A 1 81  ? 12.959  4.427   1.963   1.00 84.95  ? 120 PRO A C   1 
ATOM   657  O O   . PRO A 1 81  ? 11.893  4.060   2.445   1.00 102.63 ? 120 PRO A O   1 
ATOM   658  C CB  . PRO A 1 81  ? 14.464  4.878   3.971   1.00 78.61  ? 120 PRO A CB  1 
ATOM   659  C CG  . PRO A 1 81  ? 13.561  5.265   5.130   1.00 80.77  ? 120 PRO A CG  1 
ATOM   660  C CD  . PRO A 1 81  ? 12.910  6.575   4.728   1.00 78.97  ? 120 PRO A CD  1 
ATOM   661  N N   . SER A 1 82  ? 13.436  4.021   0.778   1.00 79.40  ? 121 SER A N   1 
ATOM   662  C CA  . SER A 1 82  ? 12.790  3.005   -0.102  1.00 77.73  ? 121 SER A CA  1 
ATOM   663  C C   . SER A 1 82  ? 12.611  1.695   0.673   1.00 67.30  ? 121 SER A C   1 
ATOM   664  O O   . SER A 1 82  ? 13.511  0.834   0.611   1.00 82.89  ? 121 SER A O   1 
ATOM   665  C CB  . SER A 1 82  ? 13.577  2.793   -1.372  1.00 76.15  ? 121 SER A CB  1 
ATOM   666  O OG  . SER A 1 82  ? 13.273  3.813   -2.308  1.00 78.55  ? 121 SER A OG  1 
ATOM   667  N N   . CYS A 1 83  ? 11.511  1.582   1.413   1.00 53.39  ? 122 CYS A N   1 
ATOM   668  C CA  . CYS A 1 83  ? 11.180  0.409   2.260   1.00 48.09  ? 122 CYS A CA  1 
ATOM   669  C C   . CYS A 1 83  ? 10.306  -0.547  1.439   1.00 42.55  ? 122 CYS A C   1 
ATOM   670  O O   . CYS A 1 83  ? 9.315   -0.087  0.821   1.00 38.73  ? 122 CYS A O   1 
ATOM   671  C CB  . CYS A 1 83  ? 10.451  0.826   3.529   1.00 50.10  ? 122 CYS A CB  1 
ATOM   672  S SG  . CYS A 1 83  ? 11.462  1.787   4.685   1.00 52.76  ? 122 CYS A SG  1 
ATOM   673  N N   . VAL A 1 84  ? 10.665  -1.825  1.413   1.00 36.68  ? 123 VAL A N   1 
ATOM   674  C CA  . VAL A 1 84  ? 9.879   -2.855  0.689   1.00 36.87  ? 123 VAL A CA  1 
ATOM   675  C C   . VAL A 1 84  ? 9.432   -3.910  1.696   1.00 36.65  ? 123 VAL A C   1 
ATOM   676  O O   . VAL A 1 84  ? 10.250  -4.360  2.500   1.00 44.59  ? 123 VAL A O   1 
ATOM   677  C CB  . VAL A 1 84  ? 10.646  -3.458  -0.501  1.00 38.22  ? 123 VAL A CB  1 
ATOM   678  C CG1 . VAL A 1 84  ? 9.819   -4.521  -1.188  1.00 40.14  ? 123 VAL A CG1 1 
ATOM   679  C CG2 . VAL A 1 84  ? 11.058  -2.392  -1.510  1.00 39.61  ? 123 VAL A CG2 1 
ATOM   680  N N   . TYR A 1 85  ? 8.147   -4.241  1.659   1.00 33.75  ? 124 TYR A N   1 
ATOM   681  C CA  . TYR A 1 85  ? 7.525   -5.299  2.471   1.00 30.30  ? 124 TYR A CA  1 
ATOM   682  C C   . TYR A 1 85  ? 7.385   -6.526  1.577   1.00 31.73  ? 124 TYR A C   1 
ATOM   683  O O   . TYR A 1 85  ? 6.922   -6.391  0.429   1.00 30.27  ? 124 TYR A O   1 
ATOM   684  C CB  . TYR A 1 85  ? 6.177   -4.842  3.003   1.00 29.13  ? 124 TYR A CB  1 
ATOM   685  C CG  . TYR A 1 85  ? 5.450   -5.900  3.778   1.00 28.80  ? 124 TYR A CG  1 
ATOM   686  C CD1 . TYR A 1 85  ? 5.802   -6.176  5.097   1.00 30.70  ? 124 TYR A CD1 1 
ATOM   687  C CD2 . TYR A 1 85  ? 4.429   -6.630  3.210   1.00 25.58  ? 124 TYR A CD2 1 
ATOM   688  C CE1 . TYR A 1 85  ? 5.148   -7.147  5.832   1.00 28.08  ? 124 TYR A CE1 1 
ATOM   689  C CE2 . TYR A 1 85  ? 3.769   -7.611  3.937   1.00 28.53  ? 124 TYR A CE2 1 
ATOM   690  C CZ  . TYR A 1 85  ? 4.124   -7.872  5.247   1.00 28.93  ? 124 TYR A CZ  1 
ATOM   691  O OH  . TYR A 1 85  ? 3.464   -8.846  5.949   1.00 30.69  ? 124 TYR A OH  1 
ATOM   692  N N   . ILE A 1 86  ? 7.854   -7.670  2.073   1.00 30.19  ? 125 ILE A N   1 
ATOM   693  C CA  . ILE A 1 86  ? 7.821   -8.962  1.351   1.00 29.64  ? 125 ILE A CA  1 
ATOM   694  C C   . ILE A 1 86  ? 6.620   -9.717  1.874   1.00 25.69  ? 125 ILE A C   1 
ATOM   695  O O   . ILE A 1 86  ? 6.600   -9.980  3.043   1.00 29.21  ? 125 ILE A O   1 
ATOM   696  C CB  . ILE A 1 86  ? 9.131   -9.742  1.574   1.00 32.85  ? 125 ILE A CB  1 
ATOM   697  C CG1 . ILE A 1 86  ? 10.351  -8.943  1.116   1.00 34.88  ? 125 ILE A CG1 1 
ATOM   698  C CG2 . ILE A 1 86  ? 9.060   -11.099 0.871   1.00 34.70  ? 125 ILE A CG2 1 
ATOM   699  C CD1 . ILE A 1 86  ? 11.647  -9.457  1.677   1.00 37.40  ? 125 ILE A CD1 1 
ATOM   700  N N   . HIS A 1 87  ? 5.646   -10.028 1.033   1.00 25.90  ? 126 HIS A N   1 
ATOM   701  C CA  . HIS A 1 87  ? 4.463   -10.804 1.469   1.00 28.61  ? 126 HIS A CA  1 
ATOM   702  C C   . HIS A 1 87  ? 4.970   -12.078 2.130   1.00 26.93  ? 126 HIS A C   1 
ATOM   703  O O   . HIS A 1 87  ? 5.835   -12.740 1.576   1.00 27.91  ? 126 HIS A O   1 
ATOM   704  C CB  . HIS A 1 87  ? 3.502   -11.083 0.317   1.00 26.14  ? 126 HIS A CB  1 
ATOM   705  C CG  . HIS A 1 87  ? 2.206   -11.603 0.806   1.00 24.58  ? 126 HIS A CG  1 
ATOM   706  N ND1 . HIS A 1 87  ? 2.044   -12.928 1.156   1.00 26.65  ? 126 HIS A ND1 1 
ATOM   707  C CD2 . HIS A 1 87  ? 1.016   -10.996 1.008   1.00 25.64  ? 126 HIS A CD2 1 
ATOM   708  C CE1 . HIS A 1 87  ? 0.795   -13.114 1.559   1.00 27.06  ? 126 HIS A CE1 1 
ATOM   709  N NE2 . HIS A 1 87  ? 0.142   -11.942 1.480   1.00 25.26  ? 126 HIS A NE2 1 
ATOM   710  N N   . PRO A 1 88  ? 4.522   -12.390 3.361   1.00 29.05  ? 127 PRO A N   1 
ATOM   711  C CA  . PRO A 1 88  ? 5.027   -13.555 4.087   1.00 32.07  ? 127 PRO A CA  1 
ATOM   712  C C   . PRO A 1 88  ? 4.840   -14.915 3.382   1.00 29.77  ? 127 PRO A C   1 
ATOM   713  O O   . PRO A 1 88  ? 5.526   -15.847 3.725   1.00 27.85  ? 127 PRO A O   1 
ATOM   714  C CB  . PRO A 1 88  ? 4.282   -13.530 5.434   1.00 32.55  ? 127 PRO A CB  1 
ATOM   715  C CG  . PRO A 1 88  ? 3.156   -12.521 5.267   1.00 32.22  ? 127 PRO A CG  1 
ATOM   716  C CD  . PRO A 1 88  ? 3.585   -11.577 4.160   1.00 32.49  ? 127 PRO A CD  1 
ATOM   717  N N   . ASP A 1 89  ? 3.998   -15.002 2.360   1.00 27.80  ? 128 ASP A N   1 
ATOM   718  C CA  . ASP A 1 89  ? 3.838   -16.273 1.604   1.00 29.30  ? 128 ASP A CA  1 
ATOM   719  C C   . ASP A 1 89  ? 4.994   -16.437 0.609   1.00 29.30  ? 128 ASP A C   1 
ATOM   720  O O   . ASP A 1 89  ? 5.139   -17.517 0.078   1.00 30.59  ? 128 ASP A O   1 
ATOM   721  C CB  . ASP A 1 89  ? 2.486   -16.353 0.900   1.00 28.14  ? 128 ASP A CB  1 
ATOM   722  C CG  . ASP A 1 89  ? 1.257   -16.483 1.795   1.00 30.40  ? 128 ASP A CG  1 
ATOM   723  O OD1 . ASP A 1 89  ? 1.406   -16.458 3.035   1.00 27.55  ? 128 ASP A OD1 1 
ATOM   724  O OD2 . ASP A 1 89  ? 0.139   -16.600 1.216   1.00 28.39  ? 128 ASP A OD2 1 
ATOM   725  N N   . SER A 1 90  ? 5.812   -15.417 0.360   1.00 29.84  ? 129 SER A N   1 
ATOM   726  C CA  . SER A 1 90  ? 6.924   -15.477 -0.623  1.00 30.97  ? 129 SER A CA  1 
ATOM   727  C C   . SER A 1 90  ? 7.988   -16.455 -0.136  1.00 32.84  ? 129 SER A C   1 
ATOM   728  O O   . SER A 1 90  ? 8.150   -16.636 1.069   1.00 36.26  ? 129 SER A O   1 
ATOM   729  C CB  . SER A 1 90  ? 7.510   -14.094 -0.858  1.00 28.89  ? 129 SER A CB  1 
ATOM   730  O OG  . SER A 1 90  ? 6.505   -13.202 -1.304  1.00 26.30  ? 129 SER A OG  1 
ATOM   731  N N   . PRO A 1 91  ? 8.740   -17.146 -1.020  1.00 33.06  ? 130 PRO A N   1 
ATOM   732  C CA  . PRO A 1 91  ? 8.388   -17.320 -2.431  1.00 32.97  ? 130 PRO A CA  1 
ATOM   733  C C   . PRO A 1 91  ? 7.318   -18.412 -2.570  1.00 30.80  ? 130 PRO A C   1 
ATOM   734  O O   . PRO A 1 91  ? 7.213   -19.234 -1.699  1.00 26.77  ? 130 PRO A O   1 
ATOM   735  C CB  . PRO A 1 91  ? 9.692   -17.816 -3.087  1.00 33.99  ? 130 PRO A CB  1 
ATOM   736  C CG  . PRO A 1 91  ? 10.387  -18.576 -1.951  1.00 33.48  ? 130 PRO A CG  1 
ATOM   737  C CD  . PRO A 1 91  ? 9.990   -17.847 -0.673  1.00 33.60  ? 130 PRO A CD  1 
ATOM   738  N N   . ASN A 1 92  ? 6.552   -18.421 -3.661  1.00 30.71  ? 131 ASN A N   1 
ATOM   739  C CA  . ASN A 1 92  ? 5.467   -19.415 -3.798  1.00 26.87  ? 131 ASN A CA  1 
ATOM   740  C C   . ASN A 1 92  ? 5.048   -19.579 -5.264  1.00 27.24  ? 131 ASN A C   1 
ATOM   741  O O   . ASN A 1 92  ? 5.278   -18.707 -6.098  1.00 23.77  ? 131 ASN A O   1 
ATOM   742  C CB  . ASN A 1 92  ? 4.301   -19.016 -2.895  1.00 26.88  ? 131 ASN A CB  1 
ATOM   743  C CG  . ASN A 1 92  ? 3.712   -20.201 -2.186  1.00 28.83  ? 131 ASN A CG  1 
ATOM   744  O OD1 . ASN A 1 92  ? 3.422   -21.213 -2.825  1.00 30.19  ? 131 ASN A OD1 1 
ATOM   745  N ND2 . ASN A 1 92  ? 3.561   -20.083 -0.877  1.00 29.04  ? 131 ASN A ND2 1 
ATOM   746  N N   . PHE A 1 93  ? 4.390   -20.680 -5.537  1.00 26.34  ? 132 PHE A N   1 
ATOM   747  C CA  . PHE A 1 93  ? 3.903   -21.049 -6.875  1.00 28.00  ? 132 PHE A CA  1 
ATOM   748  C C   . PHE A 1 93  ? 2.885   -20.013 -7.350  1.00 29.14  ? 132 PHE A C   1 
ATOM   749  O O   . PHE A 1 93  ? 2.139   -19.514 -6.515  1.00 27.81  ? 132 PHE A O   1 
ATOM   750  C CB  . PHE A 1 93  ? 3.291   -22.442 -6.787  1.00 28.24  ? 132 PHE A CB  1 
ATOM   751  C CG  . PHE A 1 93  ? 4.282   -23.548 -6.554  1.00 26.54  ? 132 PHE A CG  1 
ATOM   752  C CD1 . PHE A 1 93  ? 5.128   -23.954 -7.563  1.00 30.00  ? 132 PHE A CD1 1 
ATOM   753  C CD2 . PHE A 1 93  ? 4.378   -24.164 -5.327  1.00 30.03  ? 132 PHE A CD2 1 
ATOM   754  C CE1 . PHE A 1 93  ? 6.023   -24.990 -7.363  1.00 29.17  ? 132 PHE A CE1 1 
ATOM   755  C CE2 . PHE A 1 93  ? 5.280   -25.196 -5.125  1.00 27.73  ? 132 PHE A CE2 1 
ATOM   756  C CZ  . PHE A 1 93  ? 6.081   -25.612 -6.145  1.00 26.51  ? 132 PHE A CZ  1 
ATOM   757  N N   . GLY A 1 94  ? 2.830   -19.761 -8.665  1.00 29.27  ? 133 GLY A N   1 
ATOM   758  C CA  . GLY A 1 94  ? 1.737   -18.986 -9.264  1.00 27.81  ? 133 GLY A CA  1 
ATOM   759  C C   . GLY A 1 94  ? 0.403   -19.532 -8.817  1.00 27.03  ? 133 GLY A C   1 
ATOM   760  O O   . GLY A 1 94  ? -0.512  -18.740 -8.552  1.00 24.19  ? 133 GLY A O   1 
ATOM   761  N N   . ALA A 1 95  ? 0.278   -20.856 -8.739  1.00 27.43  ? 134 ALA A N   1 
ATOM   762  C CA  . ALA A 1 95  ? -1.005  -21.509 -8.371  1.00 28.40  ? 134 ALA A CA  1 
ATOM   763  C C   . ALA A 1 95  ? -1.465  -21.004 -6.996  1.00 27.30  ? 134 ALA A C   1 
ATOM   764  O O   . ALA A 1 95  ? -2.678  -20.777 -6.814  1.00 27.94  ? 134 ALA A O   1 
ATOM   765  C CB  . ALA A 1 95  ? -0.866  -23.010 -8.378  1.00 27.97  ? 134 ALA A CB  1 
ATOM   766  N N   . HIS A 1 96  ? -0.516  -20.832 -6.071  1.00 28.89  ? 135 HIS A N   1 
ATOM   767  C CA  . HIS A 1 96  ? -0.758  -20.322 -4.700  1.00 27.87  ? 135 HIS A CA  1 
ATOM   768  C C   . HIS A 1 96  ? -1.312  -18.899 -4.781  1.00 27.42  ? 135 HIS A C   1 
ATOM   769  O O   . HIS A 1 96  ? -2.399  -18.606 -4.213  1.00 25.20  ? 135 HIS A O   1 
ATOM   770  C CB  . HIS A 1 96  ? 0.520   -20.366 -3.874  1.00 28.46  ? 135 HIS A CB  1 
ATOM   771  C CG  . HIS A 1 96  ? 0.323   -19.745 -2.535  1.00 31.95  ? 135 HIS A CG  1 
ATOM   772  N ND1 . HIS A 1 96  ? -0.179  -20.468 -1.454  1.00 32.58  ? 135 HIS A ND1 1 
ATOM   773  C CD2 . HIS A 1 96  ? 0.483   -18.460 -2.110  1.00 29.56  ? 135 HIS A CD2 1 
ATOM   774  C CE1 . HIS A 1 96  ? -0.262  -19.664 -0.414  1.00 30.94  ? 135 HIS A CE1 1 
ATOM   775  N NE2 . HIS A 1 96  ? 0.133   -18.432 -0.786  1.00 29.87  ? 135 HIS A NE2 1 
ATOM   776  N N   . TRP A 1 97  ? -0.585  -18.025 -5.465  1.00 25.42  ? 136 TRP A N   1 
ATOM   777  C CA  . TRP A 1 97  ? -0.987  -16.611 -5.578  1.00 25.07  ? 136 TRP A CA  1 
ATOM   778  C C   . TRP A 1 97  ? -2.352  -16.491 -6.275  1.00 26.45  ? 136 TRP A C   1 
ATOM   779  O O   . TRP A 1 97  ? -3.076  -15.545 -5.983  1.00 27.14  ? 136 TRP A O   1 
ATOM   780  C CB  . TRP A 1 97  ? 0.102   -15.829 -6.299  1.00 23.13  ? 136 TRP A CB  1 
ATOM   781  C CG  . TRP A 1 97  ? 1.449   -15.879 -5.650  1.00 24.54  ? 136 TRP A CG  1 
ATOM   782  C CD1 . TRP A 1 97  ? 2.581   -16.436 -6.173  1.00 25.85  ? 136 TRP A CD1 1 
ATOM   783  C CD2 . TRP A 1 97  ? 1.831   -15.323 -4.380  1.00 24.83  ? 136 TRP A CD2 1 
ATOM   784  N NE1 . TRP A 1 97  ? 3.634   -16.275 -5.315  1.00 24.40  ? 136 TRP A NE1 1 
ATOM   785  C CE2 . TRP A 1 97  ? 3.209   -15.575 -4.212  1.00 25.35  ? 136 TRP A CE2 1 
ATOM   786  C CE3 . TRP A 1 97  ? 1.145   -14.650 -3.366  1.00 26.06  ? 136 TRP A CE3 1 
ATOM   787  C CZ2 . TRP A 1 97  ? 3.908   -15.188 -3.068  1.00 24.33  ? 136 TRP A CZ2 1 
ATOM   788  C CZ3 . TRP A 1 97  ? 1.835   -14.254 -2.246  1.00 25.30  ? 136 TRP A CZ3 1 
ATOM   789  C CH2 . TRP A 1 97  ? 3.203   -14.500 -2.107  1.00 26.51  ? 136 TRP A CH2 1 
ATOM   790  N N   . MET A 1 98  ? -2.719  -17.391 -7.187  1.00 26.23  ? 137 MET A N   1 
ATOM   791  C CA  . MET A 1 98  ? -3.936  -17.186 -8.009  1.00 25.90  ? 137 MET A CA  1 
ATOM   792  C C   . MET A 1 98  ? -5.188  -17.814 -7.391  1.00 27.31  ? 137 MET A C   1 
ATOM   793  O O   . MET A 1 98  ? -6.265  -17.442 -7.831  1.00 28.72  ? 137 MET A O   1 
ATOM   794  C CB  . MET A 1 98  ? -3.714  -17.741 -9.410  1.00 27.30  ? 137 MET A CB  1 
ATOM   795  C CG  . MET A 1 98  ? -2.643  -16.973 -10.163 1.00 29.18  ? 137 MET A CG  1 
ATOM   796  S SD  . MET A 1 98  ? -2.582  -17.514 -11.888 1.00 29.75  ? 137 MET A SD  1 
ATOM   797  C CE  . MET A 1 98  ? -1.670  -19.046 -11.690 1.00 27.90  ? 137 MET A CE  1 
ATOM   798  N N   . LYS A 1 99  ? -5.052  -18.731 -6.444  1.00 30.28  ? 138 LYS A N   1 
ATOM   799  C CA  . LYS A 1 99  ? -6.166  -19.573 -5.958  1.00 32.50  ? 138 LYS A CA  1 
ATOM   800  C C   . LYS A 1 99  ? -7.052  -18.789 -4.983  1.00 32.39  ? 138 LYS A C   1 
ATOM   801  O O   . LYS A 1 99  ? -8.179  -19.168 -4.804  1.00 34.87  ? 138 LYS A O   1 
ATOM   802  C CB  . LYS A 1 99  ? -5.590  -20.821 -5.293  1.00 32.60  ? 138 LYS A CB  1 
ATOM   803  C CG  . LYS A 1 99  ? -5.040  -20.617 -3.898  1.00 33.33  ? 138 LYS A CG  1 
ATOM   804  C CD  . LYS A 1 99  ? -4.436  -21.868 -3.383  1.00 35.71  ? 138 LYS A CD  1 
ATOM   805  C CE  . LYS A 1 99  ? -3.451  -21.660 -2.259  1.00 38.85  ? 138 LYS A CE  1 
ATOM   806  N NZ  . LYS A 1 99  ? -2.627  -22.874 -2.064  1.00 38.29  ? 138 LYS A NZ  1 
ATOM   807  N N   . ALA A 1 100 ? -6.508  -17.788 -4.313  1.00 33.58  ? 139 ALA A N   1 
ATOM   808  C CA  . ALA A 1 100 ? -7.215  -16.924 -3.348  1.00 30.90  ? 139 ALA A CA  1 
ATOM   809  C C   . ALA A 1 100 ? -6.592  -15.541 -3.399  1.00 31.59  ? 139 ALA A C   1 
ATOM   810  O O   . ALA A 1 100 ? -5.419  -15.376 -3.746  1.00 27.39  ? 139 ALA A O   1 
ATOM   811  C CB  . ALA A 1 100 ? -7.121  -17.504 -1.958  1.00 31.73  ? 139 ALA A CB  1 
ATOM   812  N N   . PRO A 1 101 ? -7.359  -14.511 -2.999  1.00 34.02  ? 140 PRO A N   1 
ATOM   813  C CA  . PRO A 1 101 ? -6.836  -13.148 -2.951  1.00 31.09  ? 140 PRO A CA  1 
ATOM   814  C C   . PRO A 1 101 ? -5.533  -13.035 -2.153  1.00 29.02  ? 140 PRO A C   1 
ATOM   815  O O   . PRO A 1 101 ? -5.377  -13.726 -1.167  1.00 28.87  ? 140 PRO A O   1 
ATOM   816  C CB  . PRO A 1 101 ? -7.957  -12.386 -2.247  1.00 34.51  ? 140 PRO A CB  1 
ATOM   817  C CG  . PRO A 1 101 ? -9.206  -13.162 -2.595  1.00 34.76  ? 140 PRO A CG  1 
ATOM   818  C CD  . PRO A 1 101 ? -8.775  -14.612 -2.591  1.00 33.61  ? 140 PRO A CD  1 
ATOM   819  N N   . VAL A 1 102 ? -4.620  -12.178 -2.596  1.00 26.33  ? 141 VAL A N   1 
ATOM   820  C CA  . VAL A 1 102 ? -3.360  -11.913 -1.855  1.00 28.72  ? 141 VAL A CA  1 
ATOM   821  C C   . VAL A 1 102 ? -3.628  -10.724 -0.933  1.00 30.07  ? 141 VAL A C   1 
ATOM   822  O O   . VAL A 1 102 ? -3.963  -9.627  -1.414  1.00 30.57  ? 141 VAL A O   1 
ATOM   823  C CB  . VAL A 1 102 ? -2.186  -11.692 -2.828  1.00 27.32  ? 141 VAL A CB  1 
ATOM   824  C CG1 . VAL A 1 102 ? -0.877  -11.449 -2.119  1.00 28.64  ? 141 VAL A CG1 1 
ATOM   825  C CG2 . VAL A 1 102 ? -2.066  -12.874 -3.765  1.00 28.68  ? 141 VAL A CG2 1 
ATOM   826  N N   A SER A 1 103 ? -3.474  -10.941 0.374   0.25 29.87  ? 142 SER A N   1 
ATOM   827  N N   B SER A 1 103 ? -3.470  -10.943 0.372   0.25 30.27  ? 142 SER A N   1 
ATOM   828  C CA  A SER A 1 103 ? -3.789  -9.954  1.438   0.25 29.99  ? 142 SER A CA  1 
ATOM   829  C CA  B SER A 1 103 ? -3.777  -9.954  1.438   0.25 30.63  ? 142 SER A CA  1 
ATOM   830  C C   A SER A 1 103 ? -2.495  -9.502  2.121   0.25 28.90  ? 142 SER A C   1 
ATOM   831  C C   B SER A 1 103 ? -2.482  -9.502  2.113   0.25 29.25  ? 142 SER A C   1 
ATOM   832  O O   A SER A 1 103 ? -1.717  -10.374 2.542   0.25 29.83  ? 142 SER A O   1 
ATOM   833  O O   B SER A 1 103 ? -1.697  -10.372 2.526   0.25 30.15  ? 142 SER A O   1 
ATOM   834  C CB  A SER A 1 103 ? -4.770  -10.525 2.427   0.25 29.37  ? 142 SER A CB  1 
ATOM   835  C CB  B SER A 1 103 ? -4.749  -10.517 2.433   0.25 30.44  ? 142 SER A CB  1 
ATOM   836  O OG  A SER A 1 103 ? -5.133  -9.553  3.395   0.25 29.67  ? 142 SER A OG  1 
ATOM   837  O OG  B SER A 1 103 ? -6.046  -10.583 1.869   0.25 31.77  ? 142 SER A OG  1 
ATOM   838  N N   . PHE A 1 104 ? -2.285  -8.185  2.211   1.00 28.42  ? 143 PHE A N   1 
ATOM   839  C CA  . PHE A 1 104 ? -1.126  -7.563  2.882   1.00 27.95  ? 143 PHE A CA  1 
ATOM   840  C C   . PHE A 1 104 ? -1.543  -7.122  4.287   1.00 28.45  ? 143 PHE A C   1 
ATOM   841  O O   . PHE A 1 104 ? -1.331  -5.959  4.678   1.00 26.54  ? 143 PHE A O   1 
ATOM   842  C CB  . PHE A 1 104 ? -0.628  -6.424  1.999   1.00 26.90  ? 143 PHE A CB  1 
ATOM   843  C CG  . PHE A 1 104 ? 0.130   -6.937  0.807   1.00 24.85  ? 143 PHE A CG  1 
ATOM   844  C CD1 . PHE A 1 104 ? 1.494   -7.156  0.876   1.00 26.63  ? 143 PHE A CD1 1 
ATOM   845  C CD2 . PHE A 1 104 ? -0.529  -7.214  -0.375  1.00 26.76  ? 143 PHE A CD2 1 
ATOM   846  C CE1 . PHE A 1 104 ? 2.191   -7.619  -0.228  1.00 28.22  ? 143 PHE A CE1 1 
ATOM   847  C CE2 . PHE A 1 104 ? 0.172   -7.656  -1.486  1.00 26.28  ? 143 PHE A CE2 1 
ATOM   848  C CZ  . PHE A 1 104 ? 1.517   -7.887  -1.402  1.00 26.88  ? 143 PHE A CZ  1 
ATOM   849  N N   . SER A 1 105 ? -2.066  -8.064  5.062   1.00 31.94  ? 144 SER A N   1 
ATOM   850  C CA  . SER A 1 105 ? -2.787  -7.761  6.321   1.00 37.58  ? 144 SER A CA  1 
ATOM   851  C C   . SER A 1 105 ? -1.806  -7.408  7.452   1.00 37.10  ? 144 SER A C   1 
ATOM   852  O O   . SER A 1 105 ? -2.182  -6.601  8.297   1.00 32.36  ? 144 SER A O   1 
ATOM   853  C CB  . SER A 1 105 ? -3.725  -8.890  6.666   1.00 38.25  ? 144 SER A CB  1 
ATOM   854  O OG  . SER A 1 105 ? -3.076  -10.123 6.474   1.00 43.79  ? 144 SER A OG  1 
ATOM   855  N N   . LYS A 1 106 ? -0.568  -7.894  7.397   1.00 37.77  ? 145 LYS A N   1 
ATOM   856  C CA  . LYS A 1 106 ? 0.427   -7.793  8.506   1.00 42.32  ? 145 LYS A CA  1 
ATOM   857  C C   . LYS A 1 106 ? 1.379   -6.598  8.312   1.00 39.53  ? 145 LYS A C   1 
ATOM   858  O O   . LYS A 1 106 ? 2.086   -6.270  9.287   1.00 39.71  ? 145 LYS A O   1 
ATOM   859  C CB  . LYS A 1 106 ? 1.234   -9.096  8.618   1.00 45.30  ? 145 LYS A CB  1 
ATOM   860  C CG  . LYS A 1 106 ? 0.436   -10.345 8.999   1.00 48.58  ? 145 LYS A CG  1 
ATOM   861  C CD  . LYS A 1 106 ? -0.453  -10.138 10.201  1.00 58.04  ? 145 LYS A CD  1 
ATOM   862  C CE  . LYS A 1 106 ? -1.030  -11.406 10.807  1.00 61.53  ? 145 LYS A CE  1 
ATOM   863  N NZ  . LYS A 1 106 ? -1.689  -11.110 12.108  1.00 60.05  ? 145 LYS A NZ  1 
ATOM   864  N N   . VAL A 1 107 ? 1.406   -5.961  7.132   1.00 33.26  ? 146 VAL A N   1 
ATOM   865  C CA  . VAL A 1 107 ? 2.269   -4.769  6.881   1.00 33.40  ? 146 VAL A CA  1 
ATOM   866  C C   . VAL A 1 107 ? 1.892   -3.676  7.894   1.00 33.65  ? 146 VAL A C   1 
ATOM   867  O O   . VAL A 1 107 ? 0.701   -3.504  8.168   1.00 28.80  ? 146 VAL A O   1 
ATOM   868  C CB  . VAL A 1 107 ? 2.193   -4.242  5.430   1.00 34.46  ? 146 VAL A CB  1 
ATOM   869  C CG1 . VAL A 1 107 ? 0.860   -3.571  5.078   1.00 36.41  ? 146 VAL A CG1 1 
ATOM   870  C CG2 . VAL A 1 107 ? 3.337   -3.285  5.145   1.00 36.73  ? 146 VAL A CG2 1 
ATOM   871  N N   . LYS A 1 108 ? 2.897   -2.953  8.392   1.00 35.65  ? 147 LYS A N   1 
ATOM   872  C CA  . LYS A 1 108 ? 2.770   -1.901  9.434   1.00 34.66  ? 147 LYS A CA  1 
ATOM   873  C C   . LYS A 1 108 ? 3.438   -0.623  8.935   1.00 31.68  ? 147 LYS A C   1 
ATOM   874  O O   . LYS A 1 108 ? 4.575   -0.690  8.398   1.00 31.11  ? 147 LYS A O   1 
ATOM   875  C CB  . LYS A 1 108 ? 3.429   -2.355  10.731  1.00 34.83  ? 147 LYS A CB  1 
ATOM   876  C CG  . LYS A 1 108 ? 2.609   -3.316  11.552  1.00 39.02  ? 147 LYS A CG  1 
ATOM   877  C CD  . LYS A 1 108 ? 3.220   -3.547  12.893  1.00 42.16  ? 147 LYS A CD  1 
ATOM   878  C CE  . LYS A 1 108 ? 2.270   -4.288  13.798  1.00 49.47  ? 147 LYS A CE  1 
ATOM   879  N NZ  . LYS A 1 108 ? 2.801   -4.365  15.179  1.00 51.19  ? 147 LYS A NZ  1 
ATOM   880  N N   . LEU A 1 109 ? 2.715   0.478   9.057   1.00 30.01  ? 148 LEU A N   1 
ATOM   881  C CA  . LEU A 1 109 ? 3.155   1.825   8.643   1.00 31.35  ? 148 LEU A CA  1 
ATOM   882  C C   . LEU A 1 109 ? 3.590   2.575   9.896   1.00 34.22  ? 148 LEU A C   1 
ATOM   883  O O   . LEU A 1 109 ? 2.789   2.610   10.889  1.00 32.83  ? 148 LEU A O   1 
ATOM   884  C CB  . LEU A 1 109 ? 1.995   2.551   7.960   1.00 30.47  ? 148 LEU A CB  1 
ATOM   885  C CG  . LEU A 1 109 ? 1.327   1.802   6.809   1.00 30.58  ? 148 LEU A CG  1 
ATOM   886  C CD1 . LEU A 1 109 ? 0.267   2.684   6.174   1.00 27.49  ? 148 LEU A CD1 1 
ATOM   887  C CD2 . LEU A 1 109 ? 2.356   1.320   5.798   1.00 28.52  ? 148 LEU A CD2 1 
ATOM   888  N N   . THR A 1 110 ? 4.754   3.218   9.810   1.00 37.13  ? 149 THR A N   1 
ATOM   889  C CA  . THR A 1 110 ? 5.451   3.858   10.952  1.00 39.05  ? 149 THR A CA  1 
ATOM   890  C C   . THR A 1 110 ? 6.058   5.196   10.534  1.00 39.64  ? 149 THR A C   1 
ATOM   891  O O   . THR A 1 110 ? 6.261   5.430   9.329   1.00 36.29  ? 149 THR A O   1 
ATOM   892  C CB  . THR A 1 110 ? 6.535   2.933   11.529  1.00 37.63  ? 149 THR A CB  1 
ATOM   893  O OG1 . THR A 1 110 ? 6.867   3.503   12.791  1.00 45.27  ? 149 THR A OG1 1 
ATOM   894  C CG2 . THR A 1 110 ? 7.764   2.791   10.654  1.00 35.12  ? 149 THR A CG2 1 
ATOM   895  N N   . ASN A 1 111 ? 6.387   6.004   11.537  1.00 44.98  ? 150 ASN A N   1 
ATOM   896  C CA  . ASN A 1 111 ? 7.098   7.299   11.385  1.00 50.53  ? 150 ASN A CA  1 
ATOM   897  C C   . ASN A 1 111 ? 8.437   7.259   12.140  1.00 53.78  ? 150 ASN A C   1 
ATOM   898  O O   . ASN A 1 111 ? 8.963   8.335   12.426  1.00 59.45  ? 150 ASN A O   1 
ATOM   899  C CB  . ASN A 1 111 ? 6.208   8.472   11.809  1.00 48.51  ? 150 ASN A CB  1 
ATOM   900  C CG  . ASN A 1 111 ? 5.727   8.438   13.244  1.00 48.50  ? 150 ASN A CG  1 
ATOM   901  O OD1 . ASN A 1 111 ? 5.011   9.348   13.650  1.00 51.72  ? 150 ASN A OD1 1 
ATOM   902  N ND2 . ASN A 1 111 ? 6.075   7.418   14.011  1.00 38.36  ? 150 ASN A ND2 1 
ATOM   903  N N   . LYS A 1 112 ? 8.970   6.072   12.439  1.00 57.81  ? 151 LYS A N   1 
ATOM   904  C CA  . LYS A 1 112 ? 10.325  5.883   13.027  1.00 67.39  ? 151 LYS A CA  1 
ATOM   905  C C   . LYS A 1 112 ? 10.930  4.603   12.459  1.00 66.81  ? 151 LYS A C   1 
ATOM   906  O O   . LYS A 1 112 ? 10.248  3.559   12.548  1.00 59.88  ? 151 LYS A O   1 
ATOM   907  C CB  . LYS A 1 112 ? 10.289  5.761   14.552  1.00 71.88  ? 151 LYS A CB  1 
ATOM   908  C CG  . LYS A 1 112 ? 9.730   6.969   15.291  1.00 85.57  ? 151 LYS A CG  1 
ATOM   909  C CD  . LYS A 1 112 ? 10.727  8.103   15.492  1.00 89.04  ? 151 LYS A CD  1 
ATOM   910  C CE  . LYS A 1 112 ? 10.160  9.214   16.353  1.00 92.44  ? 151 LYS A CE  1 
ATOM   911  N NZ  . LYS A 1 112 ? 8.864   9.695   15.813  1.00 95.82  ? 151 LYS A NZ  1 
ATOM   912  N N   . LEU A 1 113 ? 12.165  4.698   11.949  1.00 77.22  ? 152 LEU A N   1 
ATOM   913  C CA  . LEU A 1 113 ? 13.014  3.563   11.477  1.00 86.19  ? 152 LEU A CA  1 
ATOM   914  C C   . LEU A 1 113 ? 13.386  2.624   12.641  1.00 81.51  ? 152 LEU A C   1 
ATOM   915  O O   . LEU A 1 113 ? 14.575  2.280   12.767  1.00 96.28  ? 152 LEU A O   1 
ATOM   916  C CB  . LEU A 1 113 ? 14.264  4.105   10.760  1.00 91.66  ? 152 LEU A CB  1 
ATOM   917  C CG  . LEU A 1 113 ? 15.096  5.219   11.425  1.00 99.69  ? 152 LEU A CG  1 
ATOM   918  C CD1 . LEU A 1 113 ? 14.707  6.607   10.929  1.00 96.88  ? 152 LEU A CD1 1 
ATOM   919  C CD2 . LEU A 1 113 ? 15.078  5.186   12.952  1.00 101.26 ? 152 LEU A CD2 1 
ATOM   920  N N   . ASN A 1 114 ? 12.397  2.149   13.403  1.00 73.77  ? 153 ASN A N   1 
ATOM   921  C CA  . ASN A 1 114 ? 12.586  1.322   14.624  1.00 73.60  ? 153 ASN A CA  1 
ATOM   922  C C   . ASN A 1 114 ? 12.510  -0.170  14.254  1.00 78.61  ? 153 ASN A C   1 
ATOM   923  O O   . ASN A 1 114 ? 12.111  -0.970  15.136  1.00 71.89  ? 153 ASN A O   1 
ATOM   924  C CB  . ASN A 1 114 ? 11.593  1.732   15.717  1.00 72.11  ? 153 ASN A CB  1 
ATOM   925  C CG  . ASN A 1 114 ? 10.177  1.270   15.453  1.00 76.75  ? 153 ASN A CG  1 
ATOM   926  O OD1 . ASN A 1 114 ? 9.677   0.411   16.170  1.00 80.08  ? 153 ASN A OD1 1 
ATOM   927  N ND2 . ASN A 1 114 ? 9.532   1.808   14.422  1.00 78.43  ? 153 ASN A ND2 1 
ATOM   928  N N   . GLY A 1 115 ? 12.882  -0.520  13.008  1.00 87.49  ? 154 GLY A N   1 
ATOM   929  C CA  . GLY A 1 115 ? 13.043  -1.900  12.494  1.00 83.56  ? 154 GLY A CA  1 
ATOM   930  C C   . GLY A 1 115 ? 11.736  -2.682  12.439  1.00 84.61  ? 154 GLY A C   1 
ATOM   931  O O   . GLY A 1 115 ? 10.657  -2.070  12.621  1.00 86.81  ? 154 GLY A O   1 
ATOM   932  N N   . GLY A 1 116 ? 11.832  -3.992  12.177  1.00 82.23  ? 155 GLY A N   1 
ATOM   933  C CA  . GLY A 1 116 ? 10.724  -4.967  12.265  1.00 76.35  ? 155 GLY A CA  1 
ATOM   934  C C   . GLY A 1 116 ? 9.926   -5.071  10.974  1.00 74.11  ? 155 GLY A C   1 
ATOM   935  O O   . GLY A 1 116 ? 8.700   -5.248  11.072  1.00 66.60  ? 155 GLY A O   1 
ATOM   936  N N   . GLY A 1 117 ? 10.588  -4.954  9.812   1.00 72.40  ? 156 GLY A N   1 
ATOM   937  C CA  . GLY A 1 117 ? 9.978   -5.032  8.466   1.00 67.59  ? 156 GLY A CA  1 
ATOM   938  C C   . GLY A 1 117 ? 8.812   -4.067  8.265   1.00 66.23  ? 156 GLY A C   1 
ATOM   939  O O   . GLY A 1 117 ? 7.947   -4.368  7.420   1.00 68.82  ? 156 GLY A O   1 
ATOM   940  N N   . GLN A 1 118 ? 8.792   -2.943  8.988   1.00 58.60  ? 157 GLN A N   1 
ATOM   941  C CA  . GLN A 1 118 ? 7.740   -1.893  8.899   1.00 51.53  ? 157 GLN A CA  1 
ATOM   942  C C   . GLN A 1 118 ? 8.063   -0.961  7.729   1.00 51.24  ? 157 GLN A C   1 
ATOM   943  O O   . GLN A 1 118 ? 9.247   -0.924  7.312   1.00 45.61  ? 157 GLN A O   1 
ATOM   944  C CB  . GLN A 1 118 ? 7.698   -1.077  10.186  1.00 49.87  ? 157 GLN A CB  1 
ATOM   945  C CG  . GLN A 1 118 ? 7.442   -1.911  11.422  1.00 52.32  ? 157 GLN A CG  1 
ATOM   946  C CD  . GLN A 1 118 ? 7.648   -1.097  12.673  1.00 54.77  ? 157 GLN A CD  1 
ATOM   947  O OE1 . GLN A 1 118 ? 7.438   0.110   12.686  1.00 55.50  ? 157 GLN A OE1 1 
ATOM   948  N NE2 . GLN A 1 118 ? 8.082   -1.764  13.729  1.00 51.48  ? 157 GLN A NE2 1 
ATOM   949  N N   . ILE A 1 119 ? 7.063   -0.219  7.242   1.00 39.99  ? 158 ILE A N   1 
ATOM   950  C CA  . ILE A 1 119 ? 7.243   0.801   6.168   1.00 36.56  ? 158 ILE A CA  1 
ATOM   951  C C   . ILE A 1 119 ? 7.204   2.196   6.804   1.00 35.04  ? 158 ILE A C   1 
ATOM   952  O O   . ILE A 1 119 ? 6.176   2.576   7.413   1.00 30.75  ? 158 ILE A O   1 
ATOM   953  C CB  . ILE A 1 119 ? 6.183   0.661   5.060   1.00 36.71  ? 158 ILE A CB  1 
ATOM   954  C CG1 . ILE A 1 119 ? 6.138   -0.750  4.474   1.00 36.02  ? 158 ILE A CG1 1 
ATOM   955  C CG2 . ILE A 1 119 ? 6.393   1.713   3.989   1.00 34.47  ? 158 ILE A CG2 1 
ATOM   956  C CD1 . ILE A 1 119 ? 7.413   -1.184  3.812   1.00 38.90  ? 158 ILE A CD1 1 
ATOM   957  N N   . MET A 1 120 ? 8.314   2.914   6.687   1.00 37.90  ? 159 MET A N   1 
ATOM   958  C CA  . MET A 1 120 ? 8.448   4.342   7.067   1.00 41.27  ? 159 MET A CA  1 
ATOM   959  C C   . MET A 1 120 ? 7.700   5.229   6.056   1.00 36.09  ? 159 MET A C   1 
ATOM   960  O O   . MET A 1 120 ? 8.036   5.179   4.857   1.00 36.92  ? 159 MET A O   1 
ATOM   961  C CB  . MET A 1 120 ? 9.929   4.737   7.067   1.00 47.70  ? 159 MET A CB  1 
ATOM   962  C CG  . MET A 1 120 ? 10.161  6.217   7.334   1.00 50.81  ? 159 MET A CG  1 
ATOM   963  S SD  . MET A 1 120 ? 10.241  6.515   9.082   1.00 65.13  ? 159 MET A SD  1 
ATOM   964  C CE  . MET A 1 120 ? 12.018  6.615   9.263   1.00 69.72  ? 159 MET A CE  1 
ATOM   965  N N   . LEU A 1 121 ? 6.749   6.037   6.524   1.00 33.36  ? 160 LEU A N   1 
ATOM   966  C CA  . LEU A 1 121 ? 6.076   7.062   5.695   1.00 34.08  ? 160 LEU A CA  1 
ATOM   967  C C   . LEU A 1 121 ? 6.231   8.414   6.404   1.00 36.16  ? 160 LEU A C   1 
ATOM   968  O O   . LEU A 1 121 ? 6.366   8.410   7.618   1.00 40.66  ? 160 LEU A O   1 
ATOM   969  C CB  . LEU A 1 121 ? 4.595   6.687   5.510   1.00 34.15  ? 160 LEU A CB  1 
ATOM   970  C CG  . LEU A 1 121 ? 4.299   5.382   4.768   1.00 30.90  ? 160 LEU A CG  1 
ATOM   971  C CD1 . LEU A 1 121 ? 2.802   5.187   4.603   1.00 32.23  ? 160 LEU A CD1 1 
ATOM   972  C CD2 . LEU A 1 121 ? 4.957   5.331   3.393   1.00 28.33  ? 160 LEU A CD2 1 
ATOM   973  N N   . ASN A 1 122 ? 6.185   9.519   5.662   1.00 33.59  ? 161 ASN A N   1 
ATOM   974  C CA  . ASN A 1 122 ? 6.167   10.890  6.222   1.00 34.77  ? 161 ASN A CA  1 
ATOM   975  C C   . ASN A 1 122 ? 4.730   11.343  6.478   1.00 33.33  ? 161 ASN A C   1 
ATOM   976  O O   . ASN A 1 122 ? 3.914   11.356  5.568   1.00 32.68  ? 161 ASN A O   1 
ATOM   977  C CB  . ASN A 1 122 ? 6.916   11.867  5.331   1.00 33.41  ? 161 ASN A CB  1 
ATOM   978  C CG  . ASN A 1 122 ? 8.382   11.512  5.254   1.00 32.76  ? 161 ASN A CG  1 
ATOM   979  O OD1 . ASN A 1 122 ? 8.925   10.912  6.173   1.00 36.42  ? 161 ASN A OD1 1 
ATOM   980  N ND2 . ASN A 1 122 ? 9.031   11.909  4.182   1.00 36.34  ? 161 ASN A ND2 1 
ATOM   981  N N   . SER A 1 123 ? 4.471   11.744  7.713   1.00 35.01  ? 162 SER A N   1 
ATOM   982  C CA  . SER A 1 123 ? 3.208   12.388  8.128   1.00 36.00  ? 162 SER A CA  1 
ATOM   983  C C   . SER A 1 123 ? 2.884   13.522  7.152   1.00 32.83  ? 162 SER A C   1 
ATOM   984  O O   . SER A 1 123 ? 3.811   14.288  6.800   1.00 35.66  ? 162 SER A O   1 
ATOM   985  C CB  . SER A 1 123 ? 3.330   12.870  9.528   1.00 37.31  ? 162 SER A CB  1 
ATOM   986  O OG  . SER A 1 123 ? 2.048   12.895  10.117  1.00 44.21  ? 162 SER A OG  1 
ATOM   987  N N   . LEU A 1 124 ? 1.632   13.578  6.708   1.00 31.33  ? 163 LEU A N   1 
ATOM   988  C CA  . LEU A 1 124 ? 1.000   14.667  5.914   1.00 31.44  ? 163 LEU A CA  1 
ATOM   989  C C   . LEU A 1 124 ? 1.461   14.598  4.449   1.00 30.58  ? 163 LEU A C   1 
ATOM   990  O O   . LEU A 1 124 ? 1.264   15.579  3.686   1.00 27.86  ? 163 LEU A O   1 
ATOM   991  C CB  . LEU A 1 124 ? 1.237   16.029  6.595   1.00 33.84  ? 163 LEU A CB  1 
ATOM   992  C CG  . LEU A 1 124 ? 0.616   16.187  7.999   1.00 38.54  ? 163 LEU A CG  1 
ATOM   993  C CD1 . LEU A 1 124 ? 0.768   17.604  8.519   1.00 38.33  ? 163 LEU A CD1 1 
ATOM   994  C CD2 . LEU A 1 124 ? -0.858  15.817  8.031   1.00 35.57  ? 163 LEU A CD2 1 
ATOM   995  N N   . HIS A 1 125 ? 1.948   13.434  4.022   1.00 32.65  ? 164 HIS A N   1 
ATOM   996  C CA  . HIS A 1 125 ? 2.308   13.143  2.614   1.00 30.10  ? 164 HIS A CA  1 
ATOM   997  C C   . HIS A 1 125 ? 1.388   12.047  2.091   1.00 30.41  ? 164 HIS A C   1 
ATOM   998  O O   . HIS A 1 125 ? 1.045   11.142  2.877   1.00 32.80  ? 164 HIS A O   1 
ATOM   999  C CB  . HIS A 1 125 ? 3.777   12.736  2.492   1.00 32.89  ? 164 HIS A CB  1 
ATOM   1000 C CG  . HIS A 1 125 ? 4.724   13.817  2.880   1.00 33.17  ? 164 HIS A CG  1 
ATOM   1001 N ND1 . HIS A 1 125 ? 4.809   14.261  4.176   1.00 32.02  ? 164 HIS A ND1 1 
ATOM   1002 C CD2 . HIS A 1 125 ? 5.645   14.506  2.153   1.00 31.80  ? 164 HIS A CD2 1 
ATOM   1003 C CE1 . HIS A 1 125 ? 5.737   15.216  4.234   1.00 36.00  ? 164 HIS A CE1 1 
ATOM   1004 N NE2 . HIS A 1 125 ? 6.249   15.399  2.997   1.00 30.94  ? 164 HIS A NE2 1 
ATOM   1005 N N   . LYS A 1 126 ? 1.003   12.166  0.822   1.00 29.53  ? 165 LYS A N   1 
ATOM   1006 C CA  . LYS A 1 126 ? 0.112   11.248  0.092   1.00 26.82  ? 165 LYS A CA  1 
ATOM   1007 C C   . LYS A 1 126 ? 0.986   10.158  -0.531  1.00 30.48  ? 165 LYS A C   1 
ATOM   1008 O O   . LYS A 1 126 ? 2.079   10.466  -1.051  1.00 27.56  ? 165 LYS A O   1 
ATOM   1009 C CB  . LYS A 1 126 ? -0.668  11.984  -0.992  1.00 29.03  ? 165 LYS A CB  1 
ATOM   1010 C CG  . LYS A 1 126 ? -1.722  11.151  -1.711  1.00 31.83  ? 165 LYS A CG  1 
ATOM   1011 C CD  . LYS A 1 126 ? -2.641  11.926  -2.656  1.00 35.38  ? 165 LYS A CD  1 
ATOM   1012 C CE  . LYS A 1 126 ? -3.558  12.867  -1.874  1.00 39.91  ? 165 LYS A CE  1 
ATOM   1013 N NZ  . LYS A 1 126 ? -4.654  13.455  -2.684  1.00 45.32  ? 165 LYS A NZ  1 
ATOM   1014 N N   . TYR A 1 127 ? 0.533   8.913   -0.421  1.00 29.75  ? 166 TYR A N   1 
ATOM   1015 C CA  . TYR A 1 127 ? 1.229   7.719   -0.935  1.00 27.67  ? 166 TYR A CA  1 
ATOM   1016 C C   . TYR A 1 127 ? 0.252   6.911   -1.768  1.00 29.37  ? 166 TYR A C   1 
ATOM   1017 O O   . TYR A 1 127 ? -0.977  6.939   -1.516  1.00 29.40  ? 166 TYR A O   1 
ATOM   1018 C CB  . TYR A 1 127 ? 1.828   6.908   0.208   1.00 27.43  ? 166 TYR A CB  1 
ATOM   1019 C CG  . TYR A 1 127 ? 2.969   7.602   0.892   1.00 25.49  ? 166 TYR A CG  1 
ATOM   1020 C CD1 . TYR A 1 127 ? 4.237   7.616   0.329   1.00 25.46  ? 166 TYR A CD1 1 
ATOM   1021 C CD2 . TYR A 1 127 ? 2.758   8.323   2.052   1.00 26.00  ? 166 TYR A CD2 1 
ATOM   1022 C CE1 . TYR A 1 127 ? 5.286   8.282   0.951   1.00 27.76  ? 166 TYR A CE1 1 
ATOM   1023 C CE2 . TYR A 1 127 ? 3.795   8.964   2.700   1.00 27.49  ? 166 TYR A CE2 1 
ATOM   1024 C CZ  . TYR A 1 127 ? 5.060   8.950   2.144   1.00 28.22  ? 166 TYR A CZ  1 
ATOM   1025 O OH  . TYR A 1 127 ? 6.056   9.618   2.793   1.00 29.12  ? 166 TYR A OH  1 
ATOM   1026 N N   . GLU A 1 128 ? 0.824   6.211   -2.743  1.00 30.53  ? 167 GLU A N   1 
ATOM   1027 C CA  . GLU A 1 128 ? 0.122   5.202   -3.552  1.00 29.07  ? 167 GLU A CA  1 
ATOM   1028 C C   . GLU A 1 128 ? 0.802   3.842   -3.396  1.00 29.31  ? 167 GLU A C   1 
ATOM   1029 O O   . GLU A 1 128 ? 1.960   3.631   -3.811  1.00 23.89  ? 167 GLU A O   1 
ATOM   1030 C CB  . GLU A 1 128 ? 0.107   5.670   -4.987  1.00 31.41  ? 167 GLU A CB  1 
ATOM   1031 C CG  . GLU A 1 128 ? -0.840  4.837   -5.812  1.00 38.85  ? 167 GLU A CG  1 
ATOM   1032 C CD  . GLU A 1 128 ? -0.980  5.407   -7.195  1.00 40.80  ? 167 GLU A CD  1 
ATOM   1033 O OE1 . GLU A 1 128 ? -0.025  5.251   -7.959  1.00 43.44  ? 167 GLU A OE1 1 
ATOM   1034 O OE2 . GLU A 1 128 ? -1.990  6.069   -7.450  1.00 43.51  ? 167 GLU A OE2 1 
ATOM   1035 N N   . PRO A 1 129 ? 0.068   2.868   -2.805  1.00 31.03  ? 168 PRO A N   1 
ATOM   1036 C CA  . PRO A 1 129 ? 0.501   1.475   -2.769  1.00 28.16  ? 168 PRO A CA  1 
ATOM   1037 C C   . PRO A 1 129 ? 0.832   0.890   -4.146  1.00 26.69  ? 168 PRO A C   1 
ATOM   1038 O O   . PRO A 1 129 ? 0.140   1.202   -5.137  1.00 26.14  ? 168 PRO A O   1 
ATOM   1039 C CB  . PRO A 1 129 ? -0.734  0.781   -2.213  1.00 30.70  ? 168 PRO A CB  1 
ATOM   1040 C CG  . PRO A 1 129 ? -1.298  1.782   -1.275  1.00 31.07  ? 168 PRO A CG  1 
ATOM   1041 C CD  . PRO A 1 129 ? -1.174  3.077   -2.047  1.00 31.44  ? 168 PRO A CD  1 
ATOM   1042 N N   . ARG A 1 130 ? 1.868   0.053   -4.183  1.00 28.00  ? 169 ARG A N   1 
ATOM   1043 C CA  . ARG A 1 130 ? 2.409   -0.510  -5.443  1.00 28.79  ? 169 ARG A CA  1 
ATOM   1044 C C   . ARG A 1 130 ? 2.906   -1.924  -5.140  1.00 29.55  ? 169 ARG A C   1 
ATOM   1045 O O   . ARG A 1 130 ? 3.756   -2.107  -4.224  1.00 28.14  ? 169 ARG A O   1 
ATOM   1046 C CB  . ARG A 1 130 ? 3.503   0.393   -6.029  1.00 29.18  ? 169 ARG A CB  1 
ATOM   1047 C CG  . ARG A 1 130 ? 4.200   -0.193  -7.252  1.00 30.33  ? 169 ARG A CG  1 
ATOM   1048 C CD  . ARG A 1 130 ? 5.244   0.708   -7.885  1.00 31.38  ? 169 ARG A CD  1 
ATOM   1049 N NE  . ARG A 1 130 ? 6.365   0.979   -6.997  1.00 28.93  ? 169 ARG A NE  1 
ATOM   1050 C CZ  . ARG A 1 130 ? 7.435   1.692   -7.341  1.00 30.79  ? 169 ARG A CZ  1 
ATOM   1051 N NH1 . ARG A 1 130 ? 7.501   2.262   -8.530  1.00 28.66  ? 169 ARG A NH1 1 
ATOM   1052 N NH2 . ARG A 1 130 ? 8.421   1.873   -6.480  1.00 30.21  ? 169 ARG A NH2 1 
ATOM   1053 N N   . ILE A 1 131 ? 2.397   -2.873  -5.906  1.00 27.27  ? 170 ILE A N   1 
ATOM   1054 C CA  . ILE A 1 131 ? 2.735   -4.308  -5.751  1.00 29.27  ? 170 ILE A CA  1 
ATOM   1055 C C   . ILE A 1 131 ? 3.634   -4.724  -6.910  1.00 27.45  ? 170 ILE A C   1 
ATOM   1056 O O   . ILE A 1 131 ? 3.347   -4.361  -8.076  1.00 29.87  ? 170 ILE A O   1 
ATOM   1057 C CB  . ILE A 1 131 ? 1.461   -5.161  -5.696  1.00 29.69  ? 170 ILE A CB  1 
ATOM   1058 C CG1 . ILE A 1 131 ? 0.665   -4.835  -4.427  1.00 31.01  ? 170 ILE A CG1 1 
ATOM   1059 C CG2 . ILE A 1 131 ? 1.835   -6.632  -5.817  1.00 31.06  ? 170 ILE A CG2 1 
ATOM   1060 C CD1 . ILE A 1 131 ? -0.651  -5.616  -4.292  1.00 34.61  ? 170 ILE A CD1 1 
ATOM   1061 N N   . HIS A 1 132 ? 4.655   -5.488  -6.568  1.00 29.73  ? 171 HIS A N   1 
ATOM   1062 C CA  . HIS A 1 132 ? 5.681   -6.030  -7.478  1.00 28.37  ? 171 HIS A CA  1 
ATOM   1063 C C   . HIS A 1 132 ? 5.616   -7.551  -7.412  1.00 29.57  ? 171 HIS A C   1 
ATOM   1064 O O   . HIS A 1 132 ? 5.693   -8.088  -6.277  1.00 27.62  ? 171 HIS A O   1 
ATOM   1065 C CB  . HIS A 1 132 ? 7.065   -5.571  -7.053  1.00 29.28  ? 171 HIS A CB  1 
ATOM   1066 C CG  . HIS A 1 132 ? 7.216   -4.106  -6.908  1.00 31.54  ? 171 HIS A CG  1 
ATOM   1067 N ND1 . HIS A 1 132 ? 7.663   -3.323  -7.928  1.00 32.48  ? 171 HIS A ND1 1 
ATOM   1068 C CD2 . HIS A 1 132 ? 6.979   -3.281  -5.869  1.00 37.07  ? 171 HIS A CD2 1 
ATOM   1069 C CE1 . HIS A 1 132 ? 7.702   -2.066  -7.533  1.00 32.79  ? 171 HIS A CE1 1 
ATOM   1070 N NE2 . HIS A 1 132 ? 7.286   -2.012  -6.283  1.00 33.67  ? 171 HIS A NE2 1 
ATOM   1071 N N   . ILE A 1 133 ? 5.554   -8.213  -8.565  1.00 27.16  ? 172 ILE A N   1 
ATOM   1072 C CA  . ILE A 1 133 ? 5.713   -9.692  -8.646  1.00 25.49  ? 172 ILE A CA  1 
ATOM   1073 C C   . ILE A 1 133 ? 7.106   -9.985  -9.199  1.00 25.52  ? 172 ILE A C   1 
ATOM   1074 O O   . ILE A 1 133 ? 7.384   -9.569  -10.330 1.00 22.02  ? 172 ILE A O   1 
ATOM   1075 C CB  . ILE A 1 133 ? 4.567   -10.327 -9.448  1.00 26.34  ? 172 ILE A CB  1 
ATOM   1076 C CG1 . ILE A 1 133 ? 3.215   -9.827  -8.920  1.00 26.24  ? 172 ILE A CG1 1 
ATOM   1077 C CG2 . ILE A 1 133 ? 4.664   -11.850 -9.420  1.00 25.31  ? 172 ILE A CG2 1 
ATOM   1078 C CD1 . ILE A 1 133 ? 2.029   -10.189 -9.793  1.00 26.93  ? 172 ILE A CD1 1 
ATOM   1079 N N   . VAL A 1 134 ? 7.915   -10.664 -8.396  1.00 25.14  ? 173 VAL A N   1 
ATOM   1080 C CA  . VAL A 1 134 ? 9.313   -11.077 -8.697  1.00 30.25  ? 173 VAL A CA  1 
ATOM   1081 C C   . VAL A 1 134 ? 9.323   -12.579 -8.970  1.00 28.88  ? 173 VAL A C   1 
ATOM   1082 O O   . VAL A 1 134 ? 9.061   -13.336 -8.025  1.00 29.28  ? 173 VAL A O   1 
ATOM   1083 C CB  . VAL A 1 134 ? 10.253  -10.751 -7.521  1.00 33.48  ? 173 VAL A CB  1 
ATOM   1084 C CG1 . VAL A 1 134 ? 11.716  -10.913 -7.908  1.00 36.89  ? 173 VAL A CG1 1 
ATOM   1085 C CG2 . VAL A 1 134 ? 10.031  -9.352  -7.012  1.00 37.89  ? 173 VAL A CG2 1 
ATOM   1086 N N   . ARG A 1 135 ? 9.652   -12.982 -10.197 1.00 30.53  ? 174 ARG A N   1 
ATOM   1087 C CA  . ARG A 1 135 ? 9.851   -14.408 -10.558 1.00 33.29  ? 174 ARG A CA  1 
ATOM   1088 C C   . ARG A 1 135 ? 11.152  -14.914 -9.934  1.00 31.87  ? 174 ARG A C   1 
ATOM   1089 O O   . ARG A 1 135 ? 12.180  -14.219 -10.087 1.00 32.01  ? 174 ARG A O   1 
ATOM   1090 C CB  . ARG A 1 135 ? 9.934   -14.594 -12.067 1.00 33.29  ? 174 ARG A CB  1 
ATOM   1091 C CG  . ARG A 1 135 ? 9.916   -16.056 -12.474 1.00 35.79  ? 174 ARG A CG  1 
ATOM   1092 C CD  . ARG A 1 135 ? 9.427   -16.116 -13.888 1.00 41.70  ? 174 ARG A CD  1 
ATOM   1093 N NE  . ARG A 1 135 ? 10.308  -15.329 -14.760 1.00 47.68  ? 174 ARG A NE  1 
ATOM   1094 C CZ  . ARG A 1 135 ? 9.994   -14.917 -15.996 1.00 51.19  ? 174 ARG A CZ  1 
ATOM   1095 N NH1 . ARG A 1 135 ? 10.868  -14.238 -16.735 1.00 46.89  ? 174 ARG A NH1 1 
ATOM   1096 N NH2 . ARG A 1 135 ? 8.790   -15.180 -16.483 1.00 53.56  ? 174 ARG A NH2 1 
ATOM   1097 N N   . VAL A 1 136 ? 11.132  -16.077 -9.282  1.00 30.89  ? 175 VAL A N   1 
ATOM   1098 C CA  . VAL A 1 136 ? 12.358  -16.596 -8.614  1.00 30.75  ? 175 VAL A CA  1 
ATOM   1099 C C   . VAL A 1 136 ? 13.138  -17.431 -9.622  1.00 31.00  ? 175 VAL A C   1 
ATOM   1100 O O   . VAL A 1 136 ? 12.529  -18.010 -10.526 1.00 34.14  ? 175 VAL A O   1 
ATOM   1101 C CB  . VAL A 1 136 ? 12.089  -17.363 -7.310  1.00 34.24  ? 175 VAL A CB  1 
ATOM   1102 C CG1 . VAL A 1 136 ? 10.832  -16.884 -6.594  1.00 34.60  ? 175 VAL A CG1 1 
ATOM   1103 C CG2 . VAL A 1 136 ? 12.064  -18.852 -7.509  1.00 39.71  ? 175 VAL A CG2 1 
ATOM   1104 N N   . GLY A 1 137 ? 14.451  -17.460 -9.447  1.00 33.67  ? 176 GLY A N   1 
ATOM   1105 C CA  . GLY A 1 137 ? 15.390  -18.300 -10.205 1.00 36.70  ? 176 GLY A CA  1 
ATOM   1106 C C   . GLY A 1 137 ? 15.575  -17.754 -11.604 1.00 37.00  ? 176 GLY A C   1 
ATOM   1107 O O   . GLY A 1 137 ? 15.851  -18.553 -12.510 1.00 40.74  ? 176 GLY A O   1 
ATOM   1108 N N   . ASP A 1 138 ? 15.343  -16.456 -11.800 1.00 35.87  ? 177 ASP A N   1 
ATOM   1109 C CA  . ASP A 1 138 ? 15.274  -15.883 -13.168 1.00 32.57  ? 177 ASP A CA  1 
ATOM   1110 C C   . ASP A 1 138 ? 16.543  -15.083 -13.406 1.00 30.23  ? 177 ASP A C   1 
ATOM   1111 O O   . ASP A 1 138 ? 16.789  -14.148 -12.656 1.00 28.98  ? 177 ASP A O   1 
ATOM   1112 C CB  . ASP A 1 138 ? 14.021  -15.034 -13.334 1.00 31.41  ? 177 ASP A CB  1 
ATOM   1113 C CG  . ASP A 1 138 ? 13.934  -14.386 -14.704 1.00 31.81  ? 177 ASP A CG  1 
ATOM   1114 O OD1 . ASP A 1 138 ? 14.796  -14.679 -15.564 1.00 36.02  ? 177 ASP A OD1 1 
ATOM   1115 O OD2 . ASP A 1 138 ? 13.018  -13.606 -14.909 1.00 29.28  ? 177 ASP A OD2 1 
ATOM   1116 N N   . PRO A 1 139 ? 17.408  -15.444 -14.394 1.00 32.18  ? 178 PRO A N   1 
ATOM   1117 C CA  . PRO A 1 139 ? 18.672  -14.723 -14.582 1.00 30.33  ? 178 PRO A CA  1 
ATOM   1118 C C   . PRO A 1 139 ? 18.431  -13.276 -15.081 1.00 32.67  ? 178 PRO A C   1 
ATOM   1119 O O   . PRO A 1 139 ? 19.334  -12.473 -14.890 1.00 34.45  ? 178 PRO A O   1 
ATOM   1120 C CB  . PRO A 1 139 ? 19.485  -15.628 -15.537 1.00 31.25  ? 178 PRO A CB  1 
ATOM   1121 C CG  . PRO A 1 139 ? 18.451  -16.493 -16.258 1.00 31.81  ? 178 PRO A CG  1 
ATOM   1122 C CD  . PRO A 1 139 ? 17.256  -16.578 -15.329 1.00 31.71  ? 178 PRO A CD  1 
ATOM   1123 N N   . GLN A 1 140 ? 17.234  -12.949 -15.618 1.00 30.05  ? 179 GLN A N   1 
ATOM   1124 C CA  . GLN A 1 140 ? 16.828  -11.575 -16.052 1.00 31.54  ? 179 GLN A CA  1 
ATOM   1125 C C   . GLN A 1 140 ? 16.122  -10.805 -14.926 1.00 31.81  ? 179 GLN A C   1 
ATOM   1126 O O   . GLN A 1 140 ? 15.839  -9.576  -15.100 1.00 29.41  ? 179 GLN A O   1 
ATOM   1127 C CB  . GLN A 1 140 ? 15.909  -11.614 -17.268 1.00 32.96  ? 179 GLN A CB  1 
ATOM   1128 C CG  . GLN A 1 140 ? 16.596  -12.174 -18.506 1.00 39.26  ? 179 GLN A CG  1 
ATOM   1129 C CD  . GLN A 1 140 ? 15.728  -12.014 -19.732 1.00 40.45  ? 179 GLN A CD  1 
ATOM   1130 O OE1 . GLN A 1 140 ? 16.100  -11.340 -20.685 1.00 50.87  ? 179 GLN A OE1 1 
ATOM   1131 N NE2 . GLN A 1 140 ? 14.551  -12.622 -19.707 1.00 43.33  ? 179 GLN A NE2 1 
ATOM   1132 N N   . ARG A 1 141 ? 15.908  -11.475 -13.801 1.00 27.76  ? 180 ARG A N   1 
ATOM   1133 C CA  . ARG A 1 141 ? 15.280  -10.818 -12.633 1.00 30.90  ? 180 ARG A CA  1 
ATOM   1134 C C   . ARG A 1 141 ? 14.052  -10.033 -13.069 1.00 29.70  ? 180 ARG A C   1 
ATOM   1135 O O   . ARG A 1 141 ? 13.887  -8.906  -12.672 1.00 28.87  ? 180 ARG A O   1 
ATOM   1136 C CB  . ARG A 1 141 ? 16.298  -9.949  -11.911 1.00 32.30  ? 180 ARG A CB  1 
ATOM   1137 C CG  . ARG A 1 141 ? 17.446  -10.780 -11.387 1.00 38.02  ? 180 ARG A CG  1 
ATOM   1138 C CD  . ARG A 1 141 ? 18.050  -9.959  -10.298 1.00 41.98  ? 180 ARG A CD  1 
ATOM   1139 N NE  . ARG A 1 141 ? 19.238  -9.633  -11.002 1.00 45.80  ? 180 ARG A NE  1 
ATOM   1140 C CZ  . ARG A 1 141 ? 19.612  -8.423  -11.286 1.00 57.67  ? 180 ARG A CZ  1 
ATOM   1141 N NH1 . ARG A 1 141 ? 20.720  -8.273  -11.946 1.00 59.20  ? 180 ARG A NH1 1 
ATOM   1142 N NH2 . ARG A 1 141 ? 18.949  -7.366  -10.865 1.00 67.37  ? 180 ARG A NH2 1 
ATOM   1143 N N   A MET A 1 142 ? 13.185  -10.686 -13.830 0.25 30.23  ? 181 MET A N   1 
ATOM   1144 N N   B MET A 1 142 ? 13.199  -10.719 -13.820 0.25 30.58  ? 181 MET A N   1 
ATOM   1145 C CA  A MET A 1 142 ? 11.924  -10.067 -14.315 0.25 30.25  ? 181 MET A CA  1 
ATOM   1146 C CA  B MET A 1 142 ? 11.930  -10.176 -14.366 0.25 30.72  ? 181 MET A CA  1 
ATOM   1147 C C   A MET A 1 142 ? 11.096  -9.647  -13.096 0.25 29.04  ? 181 MET A C   1 
ATOM   1148 C C   B MET A 1 142 ? 11.009  -9.807  -13.201 0.25 29.20  ? 181 MET A C   1 
ATOM   1149 O O   A MET A 1 142 ? 10.943  -10.468 -12.182 0.25 28.17  ? 181 MET A O   1 
ATOM   1150 O O   B MET A 1 142 ? 10.763  -10.673 -12.349 0.25 28.38  ? 181 MET A O   1 
ATOM   1151 C CB  A MET A 1 142 ? 11.093  -11.020 -15.181 0.25 30.22  ? 181 MET A CB  1 
ATOM   1152 C CB  B MET A 1 142 ? 11.226  -11.199 -15.260 0.25 31.46  ? 181 MET A CB  1 
ATOM   1153 C CG  A MET A 1 142 ? 9.988   -10.295 -15.948 0.25 31.67  ? 181 MET A CG  1 
ATOM   1154 C CG  B MET A 1 142 ? 10.051  -10.615 -16.019 0.25 33.76  ? 181 MET A CG  1 
ATOM   1155 S SD  A MET A 1 142 ? 8.899   -11.408 -16.875 0.25 33.89  ? 181 MET A SD  1 
ATOM   1156 S SD  B MET A 1 142 ? 8.560   -10.538 -15.001 0.25 36.49  ? 181 MET A SD  1 
ATOM   1157 C CE  A MET A 1 142 ? 7.557   -10.297 -17.281 0.25 31.17  ? 181 MET A CE  1 
ATOM   1158 C CE  B MET A 1 142 ? 8.035   -12.253 -15.065 0.25 34.81  ? 181 MET A CE  1 
ATOM   1159 N N   A ILE A 1 143 ? 10.618  -8.401  -13.087 0.25 28.21  ? 182 ILE A N   1 
ATOM   1160 N N   B ILE A 1 143 ? 10.532  -8.560  -13.187 0.25 27.61  ? 182 ILE A N   1 
ATOM   1161 C CA  A ILE A 1 143 ? 9.669   -7.873  -12.067 0.25 27.56  ? 182 ILE A CA  1 
ATOM   1162 C CA  B ILE A 1 143 ? 9.614   -8.010  -12.151 0.25 26.42  ? 182 ILE A CA  1 
ATOM   1163 C C   A ILE A 1 143 ? 8.515   -7.193  -12.808 0.25 26.97  ? 182 ILE A C   1 
ATOM   1164 C C   B ILE A 1 143 ? 8.508   -7.235  -12.867 0.25 26.01  ? 182 ILE A C   1 
ATOM   1165 O O   A ILE A 1 143 ? 8.776   -6.560  -13.849 0.25 26.68  ? 182 ILE A O   1 
ATOM   1166 O O   B ILE A 1 143 ? 8.830   -6.485  -13.807 0.25 25.75  ? 182 ILE A O   1 
ATOM   1167 C CB  A ILE A 1 143 ? 10.383  -6.924  -11.086 0.25 28.29  ? 182 ILE A CB  1 
ATOM   1168 C CB  B ILE A 1 143 ? 10.403  -7.132  -11.164 0.25 26.19  ? 182 ILE A CB  1 
ATOM   1169 C CG1 A ILE A 1 143 ? 11.544  -7.624  -10.370 0.25 28.90  ? 182 ILE A CG1 1 
ATOM   1170 C CG1 B ILE A 1 143 ? 9.541   -6.615  -10.009 0.25 26.15  ? 182 ILE A CG1 1 
ATOM   1171 C CG2 A ILE A 1 143 ? 9.388   -6.328  -10.099 0.25 28.24  ? 182 ILE A CG2 1 
ATOM   1172 C CG2 B ILE A 1 143 ? 11.098  -6.000  -11.900 0.25 25.91  ? 182 ILE A CG2 1 
ATOM   1173 C CD1 A ILE A 1 143 ? 12.434  -6.698  -9.571  0.25 28.86  ? 182 ILE A CD1 1 
ATOM   1174 C CD1 B ILE A 1 143 ? 10.355  -6.058  -8.865  0.25 25.97  ? 182 ILE A CD1 1 
ATOM   1175 N N   A THR A 1 144 ? 7.287   -7.369  -12.315 0.25 26.44  ? 183 THR A N   1 
ATOM   1176 N N   B THR A 1 144 ? 7.254   -7.451  -12.464 0.25 25.68  ? 183 THR A N   1 
ATOM   1177 C CA  A THR A 1 144 ? 6.079   -6.635  -12.772 0.25 25.96  ? 183 THR A CA  1 
ATOM   1178 C CA  B THR A 1 144 ? 6.076   -6.676  -12.930 0.25 25.32  ? 183 THR A CA  1 
ATOM   1179 C C   A THR A 1 144 ? 5.619   -5.718  -11.640 0.25 25.84  ? 183 THR A C   1 
ATOM   1180 C C   B THR A 1 144 ? 5.535   -5.858  -11.759 0.25 25.14  ? 183 THR A C   1 
ATOM   1181 O O   A THR A 1 144 ? 5.687   -6.148  -10.472 0.25 24.89  ? 183 THR A O   1 
ATOM   1182 O O   B THR A 1 144 ? 5.206   -6.469  -10.727 0.25 24.89  ? 183 THR A O   1 
ATOM   1183 C CB  A THR A 1 144 ? 4.958   -7.582  -13.215 0.25 26.72  ? 183 THR A CB  1 
ATOM   1184 C CB  B THR A 1 144 ? 4.965   -7.571  -13.490 0.25 25.93  ? 183 THR A CB  1 
ATOM   1185 O OG1 A THR A 1 144 ? 4.446   -8.267  -12.071 0.25 26.32  ? 183 THR A OG1 1 
ATOM   1186 O OG1 B THR A 1 144 ? 5.510   -8.489  -14.437 0.25 26.73  ? 183 THR A OG1 1 
ATOM   1187 C CG2 A THR A 1 144 ? 5.415   -8.588  -14.248 0.25 27.07  ? 183 THR A CG2 1 
ATOM   1188 C CG2 B THR A 1 144 ? 3.872   -6.764  -14.153 0.25 25.79  ? 183 THR A CG2 1 
ATOM   1189 N N   A SER A 1 145 ? 5.194   -4.498  -11.977 0.25 25.10  ? 184 SER A N   1 
ATOM   1190 N N   B SER A 1 145 ? 5.455   -4.535  -11.924 0.25 24.29  ? 184 SER A N   1 
ATOM   1191 C CA  A SER A 1 145 ? 4.746   -3.468  -11.008 0.25 25.74  ? 184 SER A CA  1 
ATOM   1192 C CA  B SER A 1 145 ? 4.933   -3.586  -10.909 0.25 24.50  ? 184 SER A CA  1 
ATOM   1193 C C   A SER A 1 145 ? 3.338   -2.988  -11.366 0.25 25.01  ? 184 SER A C   1 
ATOM   1194 C C   B SER A 1 145 ? 3.480   -3.235  -11.241 0.25 24.63  ? 184 SER A C   1 
ATOM   1195 O O   A SER A 1 145 ? 3.131   -2.518  -12.509 0.25 23.19  ? 184 SER A O   1 
ATOM   1196 O O   B SER A 1 145 ? 3.101   -3.291  -12.429 0.25 23.95  ? 184 SER A O   1 
ATOM   1197 C CB  A SER A 1 145 ? 5.713   -2.322  -10.956 0.25 26.46  ? 184 SER A CB  1 
ATOM   1198 C CB  B SER A 1 145 ? 5.784   -2.350  -10.828 0.25 24.51  ? 184 SER A CB  1 
ATOM   1199 O OG  A SER A 1 145 ? 7.036   -2.802  -10.800 0.25 28.60  ? 184 SER A OG  1 
ATOM   1200 O OG  B SER A 1 145 ? 5.799   -1.669  -12.073 0.25 24.75  ? 184 SER A OG  1 
ATOM   1201 N N   A HIS A 1 146 ? 2.419   -3.105  -10.409 0.25 24.69  ? 185 HIS A N   1 
ATOM   1202 N N   B HIS A 1 146 ? 2.703   -2.871  -10.223 0.25 24.33  ? 185 HIS A N   1 
ATOM   1203 C CA  A HIS A 1 146 ? 1.045   -2.555  -10.486 0.25 25.01  ? 185 HIS A CA  1 
ATOM   1204 C CA  B HIS A 1 146 ? 1.266   -2.535  -10.356 0.25 25.11  ? 185 HIS A CA  1 
ATOM   1205 C C   A HIS A 1 146 ? 0.869   -1.528  -9.365  0.25 25.90  ? 185 HIS A C   1 
ATOM   1206 C C   B HIS A 1 146 ? 0.908   -1.491  -9.301  0.25 25.91  ? 185 HIS A C   1 
ATOM   1207 O O   A HIS A 1 146 ? 1.251   -1.832  -8.212  0.25 25.63  ? 185 HIS A O   1 
ATOM   1208 O O   B HIS A 1 146 ? 1.182   -1.756  -8.109  0.25 25.53  ? 185 HIS A O   1 
ATOM   1209 C CB  A HIS A 1 146 ? 0.003   -3.676  -10.412 0.25 24.38  ? 185 HIS A CB  1 
ATOM   1210 C CB  B HIS A 1 146 ? 0.424   -3.803  -10.206 0.25 24.85  ? 185 HIS A CB  1 
ATOM   1211 C CG  A HIS A 1 146 ? -0.063  -4.534  -11.632 0.25 23.21  ? 185 HIS A CG  1 
ATOM   1212 C CG  B HIS A 1 146 ? 1.037   -5.004  -10.841 0.25 24.22  ? 185 HIS A CG  1 
ATOM   1213 N ND1 A HIS A 1 146 ? -0.945  -4.284  -12.668 0.25 22.67  ? 185 HIS A ND1 1 
ATOM   1214 N ND1 B HIS A 1 146 ? 2.099   -5.696  -10.258 0.25 23.90  ? 185 HIS A ND1 1 
ATOM   1215 C CD2 A HIS A 1 146 ? 0.611   -5.651  -11.966 0.25 22.56  ? 185 HIS A CD2 1 
ATOM   1216 C CD2 B HIS A 1 146 ? 0.729   -5.650  -11.985 0.25 23.74  ? 185 HIS A CD2 1 
ATOM   1217 C CE1 A HIS A 1 146 ? -0.791  -5.201  -13.596 0.25 22.93  ? 185 HIS A CE1 1 
ATOM   1218 C CE1 B HIS A 1 146 ? 2.424   -6.711  -11.029 0.25 24.63  ? 185 HIS A CE1 1 
ATOM   1219 N NE2 A HIS A 1 146 ? 0.152   -6.058  -13.186 0.25 23.30  ? 185 HIS A NE2 1 
ATOM   1220 N NE2 B HIS A 1 146 ? 1.591   -6.709  -12.102 0.25 24.50  ? 185 HIS A NE2 1 
ATOM   1221 N N   . CYS A 1 147 ? 0.317   -0.367  -9.717  1.00 26.42  ? 186 CYS A N   1 
ATOM   1222 C CA  . CYS A 1 147 ? -0.092  0.714   -8.779  1.00 29.26  ? 186 CYS A CA  1 
ATOM   1223 C C   . CYS A 1 147 ? -1.612  0.680   -8.630  1.00 27.84  ? 186 CYS A C   1 
ATOM   1224 O O   . CYS A 1 147 ? -2.280  0.291   -9.589  1.00 26.44  ? 186 CYS A O   1 
ATOM   1225 C CB  . CYS A 1 147 ? 0.330   2.080   -9.311  1.00 30.36  ? 186 CYS A CB  1 
ATOM   1226 S SG  . CYS A 1 147 ? 2.115   2.198   -9.538  1.00 34.05  ? 186 CYS A SG  1 
ATOM   1227 N N   . PHE A 1 148 ? -2.123  1.090   -7.471  1.00 28.82  ? 187 PHE A N   1 
ATOM   1228 C CA  . PHE A 1 148 ? -3.557  1.009   -7.127  1.00 29.27  ? 187 PHE A CA  1 
ATOM   1229 C C   . PHE A 1 148 ? -4.050  2.393   -6.722  1.00 30.67  ? 187 PHE A C   1 
ATOM   1230 O O   . PHE A 1 148 ? -4.018  2.770   -5.559  1.00 27.96  ? 187 PHE A O   1 
ATOM   1231 C CB  . PHE A 1 148 ? -3.738  -0.046  -6.054  1.00 28.08  ? 187 PHE A CB  1 
ATOM   1232 C CG  . PHE A 1 148 ? -3.320  -1.388  -6.543  1.00 28.85  ? 187 PHE A CG  1 
ATOM   1233 C CD1 . PHE A 1 148 ? -4.213  -2.196  -7.224  1.00 28.55  ? 187 PHE A CD1 1 
ATOM   1234 C CD2 . PHE A 1 148 ? -1.999  -1.802  -6.392  1.00 31.44  ? 187 PHE A CD2 1 
ATOM   1235 C CE1 . PHE A 1 148 ? -3.792  -3.418  -7.724  1.00 29.17  ? 187 PHE A CE1 1 
ATOM   1236 C CE2 . PHE A 1 148 ? -1.590  -3.027  -6.890  1.00 26.27  ? 187 PHE A CE2 1 
ATOM   1237 C CZ  . PHE A 1 148 ? -2.491  -3.831  -7.540  1.00 27.98  ? 187 PHE A CZ  1 
ATOM   1238 N N   . PRO A 1 149 ? -4.502  3.185   -7.703  1.00 35.19  ? 188 PRO A N   1 
ATOM   1239 C CA  . PRO A 1 149 ? -4.868  4.579   -7.452  1.00 34.48  ? 188 PRO A CA  1 
ATOM   1240 C C   . PRO A 1 149 ? -6.035  4.710   -6.449  1.00 32.60  ? 188 PRO A C   1 
ATOM   1241 O O   . PRO A 1 149 ? -6.074  5.680   -5.741  1.00 30.63  ? 188 PRO A O   1 
ATOM   1242 C CB  . PRO A 1 149 ? -5.186  5.097   -8.867  1.00 35.46  ? 188 PRO A CB  1 
ATOM   1243 C CG  . PRO A 1 149 ? -5.611  3.864   -9.641  1.00 37.67  ? 188 PRO A CG  1 
ATOM   1244 C CD  . PRO A 1 149 ? -4.740  2.753   -9.091  1.00 38.30  ? 188 PRO A CD  1 
ATOM   1245 N N   . GLU A 1 150 ? -6.898  3.697   -6.343  1.00 35.04  ? 189 GLU A N   1 
ATOM   1246 C CA  . GLU A 1 150 ? -8.078  3.663   -5.431  1.00 30.76  ? 189 GLU A CA  1 
ATOM   1247 C C   . GLU A 1 150 ? -7.644  3.642   -3.953  1.00 29.32  ? 189 GLU A C   1 
ATOM   1248 O O   . GLU A 1 150 ? -8.491  3.975   -3.070  1.00 28.17  ? 189 GLU A O   1 
ATOM   1249 C CB  . GLU A 1 150 ? -8.901  2.418   -5.747  1.00 37.55  ? 189 GLU A CB  1 
ATOM   1250 C CG  . GLU A 1 150 ? -9.456  2.400   -7.165  1.00 37.54  ? 189 GLU A CG  1 
ATOM   1251 C CD  . GLU A 1 150 ? -8.779  1.435   -8.126  1.00 41.12  ? 189 GLU A CD  1 
ATOM   1252 O OE1 . GLU A 1 150 ? -9.512  0.874   -8.955  1.00 46.30  ? 189 GLU A OE1 1 
ATOM   1253 O OE2 . GLU A 1 150 ? -7.543  1.224   -8.043  1.00 36.78  ? 189 GLU A OE2 1 
ATOM   1254 N N   . THR A 1 151 ? -6.395  3.235   -3.698  1.00 25.02  ? 190 THR A N   1 
ATOM   1255 C CA  . THR A 1 151 ? -5.839  2.903   -2.367  1.00 27.36  ? 190 THR A CA  1 
ATOM   1256 C C   . THR A 1 151 ? -4.940  4.039   -1.873  1.00 25.52  ? 190 THR A C   1 
ATOM   1257 O O   . THR A 1 151 ? -4.407  3.881   -0.803  1.00 25.82  ? 190 THR A O   1 
ATOM   1258 C CB  . THR A 1 151 ? -5.076  1.567   -2.409  1.00 27.98  ? 190 THR A CB  1 
ATOM   1259 O OG1 . THR A 1 151 ? -3.898  1.697   -3.205  1.00 25.96  ? 190 THR A OG1 1 
ATOM   1260 C CG2 . THR A 1 151 ? -5.928  0.442   -2.965  1.00 28.57  ? 190 THR A CG2 1 
ATOM   1261 N N   . GLN A 1 152 ? -4.789  5.129   -2.629  1.00 27.55  ? 191 GLN A N   1 
ATOM   1262 C CA  . GLN A 1 152 ? -4.035  6.350   -2.203  1.00 30.75  ? 191 GLN A CA  1 
ATOM   1263 C C   . GLN A 1 152 ? -4.532  6.819   -0.839  1.00 27.55  ? 191 GLN A C   1 
ATOM   1264 O O   . GLN A 1 152 ? -5.761  6.840   -0.619  1.00 27.64  ? 191 GLN A O   1 
ATOM   1265 C CB  . GLN A 1 152 ? -4.274  7.547   -3.130  1.00 34.41  ? 191 GLN A CB  1 
ATOM   1266 C CG  . GLN A 1 152 ? -3.434  7.525   -4.397  1.00 40.62  ? 191 GLN A CG  1 
ATOM   1267 C CD  . GLN A 1 152 ? -3.977  8.485   -5.425  1.00 44.36  ? 191 GLN A CD  1 
ATOM   1268 O OE1 . GLN A 1 152 ? -4.832  9.324   -5.141  1.00 50.01  ? 191 GLN A OE1 1 
ATOM   1269 N NE2 . GLN A 1 152 ? -3.512  8.331   -6.650  1.00 44.44  ? 191 GLN A NE2 1 
ATOM   1270 N N   . PHE A 1 153 ? -3.628  7.235   0.024   1.00 26.88  ? 192 PHE A N   1 
ATOM   1271 C CA  . PHE A 1 153 ? -4.002  7.783   1.339   1.00 26.78  ? 192 PHE A CA  1 
ATOM   1272 C C   . PHE A 1 153 ? -2.988  8.840   1.767   1.00 29.99  ? 192 PHE A C   1 
ATOM   1273 O O   . PHE A 1 153 ? -1.836  8.846   1.242   1.00 28.49  ? 192 PHE A O   1 
ATOM   1274 C CB  . PHE A 1 153 ? -4.078  6.654   2.366   1.00 28.77  ? 192 PHE A CB  1 
ATOM   1275 C CG  . PHE A 1 153 ? -2.773  5.936   2.526   1.00 26.41  ? 192 PHE A CG  1 
ATOM   1276 C CD1 . PHE A 1 153 ? -1.839  6.382   3.441   1.00 26.29  ? 192 PHE A CD1 1 
ATOM   1277 C CD2 . PHE A 1 153 ? -2.469  4.846   1.731   1.00 27.22  ? 192 PHE A CD2 1 
ATOM   1278 C CE1 . PHE A 1 153 ? -0.617  5.747   3.577   1.00 25.49  ? 192 PHE A CE1 1 
ATOM   1279 C CE2 . PHE A 1 153 ? -1.251  4.205   1.872   1.00 27.42  ? 192 PHE A CE2 1 
ATOM   1280 C CZ  . PHE A 1 153 ? -0.324  4.659   2.797   1.00 26.91  ? 192 PHE A CZ  1 
ATOM   1281 N N   . ILE A 1 154 ? -3.386  9.687   2.721   1.00 27.44  ? 193 ILE A N   1 
ATOM   1282 C CA  . ILE A 1 154 ? -2.417  10.551  3.423   1.00 26.88  ? 193 ILE A CA  1 
ATOM   1283 C C   . ILE A 1 154 ? -2.028  9.834   4.714   1.00 29.81  ? 193 ILE A C   1 
ATOM   1284 O O   . ILE A 1 154 ? -2.925  9.444   5.450   1.00 30.92  ? 193 ILE A O   1 
ATOM   1285 C CB  . ILE A 1 154 ? -2.990  11.957  3.651   1.00 31.65  ? 193 ILE A CB  1 
ATOM   1286 C CG1 . ILE A 1 154 ? -3.341  12.601  2.307   1.00 28.49  ? 193 ILE A CG1 1 
ATOM   1287 C CG2 . ILE A 1 154 ? -2.005  12.816  4.464   1.00 31.26  ? 193 ILE A CG2 1 
ATOM   1288 C CD1 . ILE A 1 154 ? -4.066  13.880  2.447   1.00 29.16  ? 193 ILE A CD1 1 
ATOM   1289 N N   . ALA A 1 155 ? -0.725  9.691   4.969   1.00 30.01  ? 194 ALA A N   1 
ATOM   1290 C CA  . ALA A 1 155 ? -0.143  9.258   6.256   1.00 32.43  ? 194 ALA A CA  1 
ATOM   1291 C C   . ALA A 1 155 ? -0.433  10.326  7.305   1.00 34.67  ? 194 ALA A C   1 
ATOM   1292 O O   . ALA A 1 155 ? -0.254  11.509  6.982   1.00 36.89  ? 194 ALA A O   1 
ATOM   1293 C CB  . ALA A 1 155 ? 1.330   9.055   6.117   1.00 30.91  ? 194 ALA A CB  1 
ATOM   1294 N N   . VAL A 1 156 ? -0.924  9.921   8.474   1.00 31.40  ? 195 VAL A N   1 
ATOM   1295 C CA  . VAL A 1 156 ? -1.274  10.860  9.581   1.00 32.44  ? 195 VAL A CA  1 
ATOM   1296 C C   . VAL A 1 156 ? -0.846  10.223  10.911  1.00 33.15  ? 195 VAL A C   1 
ATOM   1297 O O   . VAL A 1 156 ? -0.877  8.993   11.002  1.00 35.50  ? 195 VAL A O   1 
ATOM   1298 C CB  . VAL A 1 156 ? -2.770  11.253  9.556   1.00 31.60  ? 195 VAL A CB  1 
ATOM   1299 C CG1 . VAL A 1 156 ? -3.150  11.940  8.252   1.00 28.95  ? 195 VAL A CG1 1 
ATOM   1300 C CG2 . VAL A 1 156 ? -3.738  10.103  9.848   1.00 27.71  ? 195 VAL A CG2 1 
ATOM   1301 N N   . THR A 1 157 ? -0.442  11.036  11.892  1.00 32.82  ? 196 THR A N   1 
ATOM   1302 C CA  . THR A 1 157 ? -0.175  10.592  13.289  1.00 33.14  ? 196 THR A CA  1 
ATOM   1303 C C   . THR A 1 157 ? -1.509  10.492  14.044  1.00 32.46  ? 196 THR A C   1 
ATOM   1304 O O   . THR A 1 157 ? -1.563  9.831   15.076  1.00 38.45  ? 196 THR A O   1 
ATOM   1305 C CB  . THR A 1 157 ? 0.850   11.507  13.976  1.00 33.85  ? 196 THR A CB  1 
ATOM   1306 O OG1 . THR A 1 157 ? 0.332   12.828  13.954  1.00 36.35  ? 196 THR A OG1 1 
ATOM   1307 C CG2 . THR A 1 157 ? 2.199   11.510  13.306  1.00 32.96  ? 196 THR A CG2 1 
ATOM   1308 N N   . ALA A 1 158 ? -2.563  11.113  13.536  1.00 30.66  ? 197 ALA A N   1 
ATOM   1309 C CA  . ALA A 1 158 ? -3.936  11.072  14.091  1.00 31.49  ? 197 ALA A CA  1 
ATOM   1310 C C   . ALA A 1 158 ? -4.865  11.448  12.944  1.00 28.38  ? 197 ALA A C   1 
ATOM   1311 O O   . ALA A 1 158 ? -4.435  12.254  12.080  1.00 30.53  ? 197 ALA A O   1 
ATOM   1312 C CB  . ALA A 1 158 ? -4.116  12.028  15.268  1.00 30.02  ? 197 ALA A CB  1 
ATOM   1313 N N   . TYR A 1 159 ? -6.082  10.918  12.941  1.00 29.73  ? 198 TYR A N   1 
ATOM   1314 C CA  . TYR A 1 159 ? -7.096  11.219  11.905  1.00 33.28  ? 198 TYR A CA  1 
ATOM   1315 C C   . TYR A 1 159 ? -7.401  12.701  11.946  1.00 34.14  ? 198 TYR A C   1 
ATOM   1316 O O   . TYR A 1 159 ? -7.547  13.220  13.044  1.00 34.54  ? 198 TYR A O   1 
ATOM   1317 C CB  . TYR A 1 159 ? -8.362  10.385  12.089  1.00 34.87  ? 198 TYR A CB  1 
ATOM   1318 C CG  . TYR A 1 159 ? -8.135  8.933   11.784  1.00 37.42  ? 198 TYR A CG  1 
ATOM   1319 C CD1 . TYR A 1 159 ? -7.498  8.542   10.611  1.00 35.81  ? 198 TYR A CD1 1 
ATOM   1320 C CD2 . TYR A 1 159 ? -8.527  7.951   12.679  1.00 39.92  ? 198 TYR A CD2 1 
ATOM   1321 C CE1 . TYR A 1 159 ? -7.264  7.206   10.332  1.00 38.11  ? 198 TYR A CE1 1 
ATOM   1322 C CE2 . TYR A 1 159 ? -8.307  6.610   12.412  1.00 40.30  ? 198 TYR A CE2 1 
ATOM   1323 C CZ  . TYR A 1 159 ? -7.671  6.242   11.240  1.00 39.80  ? 198 TYR A CZ  1 
ATOM   1324 O OH  . TYR A 1 159 ? -7.446  4.933   10.989  1.00 36.17  ? 198 TYR A OH  1 
ATOM   1325 N N   . GLN A 1 160 ? -7.481  13.321  10.776  1.00 31.87  ? 199 GLN A N   1 
ATOM   1326 C CA  . GLN A 1 160 ? -7.878  14.734  10.599  1.00 32.05  ? 199 GLN A CA  1 
ATOM   1327 C C   . GLN A 1 160 ? -9.390  14.829  10.381  1.00 31.22  ? 199 GLN A C   1 
ATOM   1328 O O   . GLN A 1 160 ? -10.019 15.682  11.012  1.00 39.11  ? 199 GLN A O   1 
ATOM   1329 C CB  . GLN A 1 160 ? -7.094  15.332  9.434   1.00 32.45  ? 199 GLN A CB  1 
ATOM   1330 C CG  . GLN A 1 160 ? -5.582  15.235  9.597   1.00 35.54  ? 199 GLN A CG  1 
ATOM   1331 C CD  . GLN A 1 160 ? -5.113  15.981  10.817  1.00 37.18  ? 199 GLN A CD  1 
ATOM   1332 O OE1 . GLN A 1 160 ? -5.229  17.192  10.864  1.00 42.09  ? 199 GLN A OE1 1 
ATOM   1333 N NE2 . GLN A 1 160 ? -4.590  15.274  11.810  1.00 35.07  ? 199 GLN A NE2 1 
ATOM   1334 N N   . ASN A 1 161 ? -9.930  14.018  9.482   1.00 28.71  ? 200 ASN A N   1 
ATOM   1335 C CA  . ASN A 1 161 ? -11.329 14.042  9.003   1.00 30.05  ? 200 ASN A CA  1 
ATOM   1336 C C   . ASN A 1 161 ? -12.150 13.129  9.935   1.00 31.91  ? 200 ASN A C   1 
ATOM   1337 O O   . ASN A 1 161 ? -11.868 11.913  9.988   1.00 29.86  ? 200 ASN A O   1 
ATOM   1338 C CB  . ASN A 1 161 ? -11.342 13.669  7.514   1.00 28.70  ? 200 ASN A CB  1 
ATOM   1339 C CG  . ASN A 1 161 ? -12.690 13.742  6.852   1.00 28.06  ? 200 ASN A CG  1 
ATOM   1340 O OD1 . ASN A 1 161 ? -13.692 13.921  7.528   1.00 33.77  ? 200 ASN A OD1 1 
ATOM   1341 N ND2 . ASN A 1 161 ? -12.718 13.648  5.533   1.00 28.53  ? 200 ASN A ND2 1 
ATOM   1342 N N   . GLU A 1 162 ? -13.121 13.696  10.665  1.00 32.28  ? 201 GLU A N   1 
ATOM   1343 C CA  . GLU A 1 162 ? -13.963 12.923  11.621  1.00 32.88  ? 201 GLU A CA  1 
ATOM   1344 C C   . GLU A 1 162 ? -14.778 11.888  10.848  1.00 28.51  ? 201 GLU A C   1 
ATOM   1345 O O   . GLU A 1 162 ? -15.134 10.892  11.481  1.00 33.68  ? 201 GLU A O   1 
ATOM   1346 C CB  . GLU A 1 162 ? -14.892 13.794  12.466  1.00 34.07  ? 201 GLU A CB  1 
ATOM   1347 C CG  . GLU A 1 162 ? -16.065 14.374  11.696  1.00 40.98  ? 201 GLU A CG  1 
ATOM   1348 C CD  . GLU A 1 162 ? -15.707 15.468  10.702  1.00 48.25  ? 201 GLU A CD  1 
ATOM   1349 O OE1 . GLU A 1 162 ? -16.515 15.731  9.774   1.00 54.19  ? 201 GLU A OE1 1 
ATOM   1350 O OE2 . GLU A 1 162 ? -14.606 16.049  10.842  1.00 51.24  ? 201 GLU A OE2 1 
ATOM   1351 N N   . GLU A 1 163 ? -15.063 12.121  9.566   1.00 27.36  ? 202 GLU A N   1 
ATOM   1352 C CA  . GLU A 1 163 ? -15.780 11.164  8.677   1.00 31.55  ? 202 GLU A CA  1 
ATOM   1353 C C   . GLU A 1 163 ? -14.938 9.911   8.419   1.00 31.14  ? 202 GLU A C   1 
ATOM   1354 O O   . GLU A 1 163 ? -15.567 8.827   8.223   1.00 29.39  ? 202 GLU A O   1 
ATOM   1355 C CB  . GLU A 1 163 ? -16.147 11.778  7.329   1.00 34.18  ? 202 GLU A CB  1 
ATOM   1356 C CG  . GLU A 1 163 ? -17.169 12.872  7.460   1.00 38.94  ? 202 GLU A CG  1 
ATOM   1357 C CD  . GLU A 1 163 ? -17.828 13.236  6.156   1.00 41.18  ? 202 GLU A CD  1 
ATOM   1358 O OE1 . GLU A 1 163 ? -18.989 12.922  6.027   1.00 49.69  ? 202 GLU A OE1 1 
ATOM   1359 O OE2 . GLU A 1 163 ? -17.170 13.846  5.284   1.00 51.82  ? 202 GLU A OE2 1 
ATOM   1360 N N   . ILE A 1 164 ? -13.604 10.059  8.387   1.00 28.43  ? 203 ILE A N   1 
ATOM   1361 C CA  . ILE A 1 164 ? -12.650 8.934   8.177   1.00 28.37  ? 203 ILE A CA  1 
ATOM   1362 C C   . ILE A 1 164 ? -12.616 8.156   9.482   1.00 30.05  ? 203 ILE A C   1 
ATOM   1363 O O   . ILE A 1 164 ? -12.713 6.902   9.448   1.00 26.38  ? 203 ILE A O   1 
ATOM   1364 C CB  . ILE A 1 164 ? -11.245 9.415   7.735   1.00 29.98  ? 203 ILE A CB  1 
ATOM   1365 C CG1 . ILE A 1 164 ? -11.209 9.769   6.241   1.00 29.59  ? 203 ILE A CG1 1 
ATOM   1366 C CG2 . ILE A 1 164 ? -10.179 8.389   8.084   1.00 30.41  ? 203 ILE A CG2 1 
ATOM   1367 C CD1 . ILE A 1 164 ? -11.455 8.584   5.333   1.00 32.61  ? 203 ILE A CD1 1 
ATOM   1368 N N   . THR A 1 165 ? -12.497 8.862   10.597  1.00 31.50  ? 204 THR A N   1 
ATOM   1369 C CA  . THR A 1 165 ? -12.522 8.221   11.922  1.00 32.32  ? 204 THR A CA  1 
ATOM   1370 C C   . THR A 1 165 ? -13.784 7.366   11.992  1.00 34.66  ? 204 THR A C   1 
ATOM   1371 O O   . THR A 1 165 ? -13.653 6.183   12.345  1.00 36.92  ? 204 THR A O   1 
ATOM   1372 C CB  . THR A 1 165 ? -12.467 9.262   13.036  1.00 37.07  ? 204 THR A CB  1 
ATOM   1373 O OG1 . THR A 1 165 ? -11.274 10.005  12.778  1.00 37.75  ? 204 THR A OG1 1 
ATOM   1374 C CG2 . THR A 1 165 ? -12.452 8.647   14.418  1.00 36.55  ? 204 THR A CG2 1 
ATOM   1375 N N   . ALA A 1 166 ? -14.919 7.913   11.553  1.00 31.99  ? 205 ALA A N   1 
ATOM   1376 C CA  . ALA A 1 166 ? -16.256 7.270   11.627  1.00 36.24  ? 205 ALA A CA  1 
ATOM   1377 C C   . ALA A 1 166 ? -16.336 6.071   10.663  1.00 35.97  ? 205 ALA A C   1 
ATOM   1378 O O   . ALA A 1 166 ? -16.778 5.022   11.115  1.00 32.58  ? 205 ALA A O   1 
ATOM   1379 C CB  . ALA A 1 166 ? -17.343 8.272   11.341  1.00 37.69  ? 205 ALA A CB  1 
ATOM   1380 N N   . LEU A 1 167 ? -15.926 6.232   9.397   1.00 35.17  ? 206 LEU A N   1 
ATOM   1381 C CA  . LEU A 1 167 ? -15.859 5.124   8.400   1.00 36.21  ? 206 LEU A CA  1 
ATOM   1382 C C   . LEU A 1 167 ? -15.000 3.963   8.912   1.00 33.75  ? 206 LEU A C   1 
ATOM   1383 O O   . LEU A 1 167 ? -15.438 2.809   8.781   1.00 35.32  ? 206 LEU A O   1 
ATOM   1384 C CB  . LEU A 1 167 ? -15.271 5.630   7.083   1.00 37.99  ? 206 LEU A CB  1 
ATOM   1385 C CG  . LEU A 1 167 ? -16.224 5.706   5.901   1.00 38.65  ? 206 LEU A CG  1 
ATOM   1386 C CD1 . LEU A 1 167 ? -15.460 5.609   4.594   1.00 39.50  ? 206 LEU A CD1 1 
ATOM   1387 C CD2 . LEU A 1 167 ? -17.300 4.649   5.967   1.00 42.90  ? 206 LEU A CD2 1 
ATOM   1388 N N   . LYS A 1 168 ? -13.815 4.257   9.447   1.00 34.86  ? 207 LYS A N   1 
ATOM   1389 C CA  . LYS A 1 168 ? -12.846 3.245   9.953   1.00 35.19  ? 207 LYS A CA  1 
ATOM   1390 C C   . LYS A 1 168 ? -13.524 2.388   11.031  1.00 39.99  ? 207 LYS A C   1 
ATOM   1391 O O   . LYS A 1 168 ? -13.355 1.160   11.007  1.00 39.37  ? 207 LYS A O   1 
ATOM   1392 C CB  . LYS A 1 168 ? -11.582 3.909   10.510  1.00 33.63  ? 207 LYS A CB  1 
ATOM   1393 C CG  . LYS A 1 168 ? -10.717 4.644   9.493   1.00 35.72  ? 207 LYS A CG  1 
ATOM   1394 C CD  . LYS A 1 168 ? -9.625  3.836   8.826   1.00 36.16  ? 207 LYS A CD  1 
ATOM   1395 C CE  . LYS A 1 168 ? -8.857  4.664   7.813   1.00 35.40  ? 207 LYS A CE  1 
ATOM   1396 N NZ  . LYS A 1 168 ? -7.429  4.264   7.739   1.00 36.66  ? 207 LYS A NZ  1 
ATOM   1397 N N   . ILE A 1 169 ? -14.253 3.020   11.949  1.00 44.50  ? 208 ILE A N   1 
ATOM   1398 C CA  . ILE A 1 169 ? -15.034 2.326   13.013  1.00 44.02  ? 208 ILE A CA  1 
ATOM   1399 C C   . ILE A 1 169 ? -16.180 1.551   12.362  1.00 43.05  ? 208 ILE A C   1 
ATOM   1400 O O   . ILE A 1 169 ? -16.340 0.381   12.711  1.00 39.15  ? 208 ILE A O   1 
ATOM   1401 C CB  . ILE A 1 169 ? -15.534 3.330   14.067  1.00 46.40  ? 208 ILE A CB  1 
ATOM   1402 C CG1 . ILE A 1 169 ? -14.401 3.674   15.037  1.00 47.79  ? 208 ILE A CG1 1 
ATOM   1403 C CG2 . ILE A 1 169 ? -16.772 2.806   14.788  1.00 44.59  ? 208 ILE A CG2 1 
ATOM   1404 C CD1 . ILE A 1 169 ? -14.605 4.958   15.796  1.00 49.09  ? 208 ILE A CD1 1 
ATOM   1405 N N   . LYS A 1 170 ? -16.935 2.185   11.462  1.00 39.12  ? 209 LYS A N   1 
ATOM   1406 C CA  . LYS A 1 170 ? -18.101 1.572   10.777  1.00 42.09  ? 209 LYS A CA  1 
ATOM   1407 C C   . LYS A 1 170 ? -17.663 0.269   10.082  1.00 43.92  ? 209 LYS A C   1 
ATOM   1408 O O   . LYS A 1 170 ? -18.186 -0.767  10.460  1.00 44.88  ? 209 LYS A O   1 
ATOM   1409 C CB  . LYS A 1 170 ? -18.738 2.557   9.795   1.00 41.28  ? 209 LYS A CB  1 
ATOM   1410 C CG  . LYS A 1 170 ? -20.049 2.107   9.154   1.00 44.14  ? 209 LYS A CG  1 
ATOM   1411 C CD  . LYS A 1 170 ? -20.674 3.141   8.242   1.00 43.29  ? 209 LYS A CD  1 
ATOM   1412 C CE  . LYS A 1 170 ? -21.640 2.568   7.227   1.00 50.72  ? 209 LYS A CE  1 
ATOM   1413 N NZ  . LYS A 1 170 ? -22.849 2.005   7.872   1.00 52.56  ? 209 LYS A NZ  1 
ATOM   1414 N N   . TYR A 1 171 ? -16.745 0.317   9.109   1.00 41.92  ? 210 TYR A N   1 
ATOM   1415 C CA  . TYR A 1 171 ? -16.456 -0.836  8.218   1.00 41.37  ? 210 TYR A CA  1 
ATOM   1416 C C   . TYR A 1 171 ? -15.412 -1.753  8.841   1.00 39.35  ? 210 TYR A C   1 
ATOM   1417 O O   . TYR A 1 171 ? -15.132 -2.769  8.213   1.00 43.07  ? 210 TYR A O   1 
ATOM   1418 C CB  . TYR A 1 171 ? -16.012 -0.411  6.815   1.00 38.48  ? 210 TYR A CB  1 
ATOM   1419 C CG  . TYR A 1 171 ? -17.135 0.156   5.989   1.00 37.80  ? 210 TYR A CG  1 
ATOM   1420 C CD1 . TYR A 1 171 ? -18.370 -0.460  5.957   1.00 43.26  ? 210 TYR A CD1 1 
ATOM   1421 C CD2 . TYR A 1 171 ? -16.979 1.320   5.253   1.00 40.51  ? 210 TYR A CD2 1 
ATOM   1422 C CE1 . TYR A 1 171 ? -19.421 0.054   5.217   1.00 41.66  ? 210 TYR A CE1 1 
ATOM   1423 C CE2 . TYR A 1 171 ? -18.015 1.837   4.488   1.00 40.23  ? 210 TYR A CE2 1 
ATOM   1424 C CZ  . TYR A 1 171 ? -19.245 1.207   4.481   1.00 40.26  ? 210 TYR A CZ  1 
ATOM   1425 O OH  . TYR A 1 171 ? -20.299 1.704   3.775   1.00 47.09  ? 210 TYR A OH  1 
ATOM   1426 N N   . ASN A 1 172 ? -14.866 -1.430  10.009  1.00 42.19  ? 211 ASN A N   1 
ATOM   1427 C CA  . ASN A 1 172 ? -13.807 -2.257  10.645  1.00 45.34  ? 211 ASN A CA  1 
ATOM   1428 C C   . ASN A 1 172 ? -14.432 -2.886  11.876  1.00 49.48  ? 211 ASN A C   1 
ATOM   1429 O O   . ASN A 1 172 ? -15.364 -3.652  11.648  1.00 55.27  ? 211 ASN A O   1 
ATOM   1430 C CB  . ASN A 1 172 ? -12.529 -1.467  10.968  1.00 51.95  ? 211 ASN A CB  1 
ATOM   1431 C CG  . ASN A 1 172 ? -11.328 -2.345  11.274  1.00 52.48  ? 211 ASN A CG  1 
ATOM   1432 O OD1 . ASN A 1 172 ? -11.395 -3.563  11.126  1.00 56.90  ? 211 ASN A OD1 1 
ATOM   1433 N ND2 . ASN A 1 172 ? -10.222 -1.745  11.694  1.00 46.77  ? 211 ASN A ND2 1 
ATOM   1434 O OXT . ASN A 1 172 ? -14.016 -2.614  13.003  1.00 54.03  ? 211 ASN A OXT 1 
HETATM 1435 C C4  . O0Y B 2 .   ? -18.615 -2.836  1.612   0.40 62.25  ? 301 O0Y A C4  1 
HETATM 1436 C C5  . O0Y B 2 .   ? -18.399 -2.852  2.995   0.40 65.11  ? 301 O0Y A C5  1 
HETATM 1437 C C6  . O0Y B 2 .   ? -17.388 -3.647  3.551   0.40 71.66  ? 301 O0Y A C6  1 
HETATM 1438 C C7  . O0Y B 2 .   ? -16.585 -4.420  2.807   0.40 68.57  ? 301 O0Y A C7  1 
HETATM 1439 C C8  . O0Y B 2 .   ? -16.796 -4.409  1.475   0.40 67.45  ? 301 O0Y A C8  1 
HETATM 1440 N N   . O0Y B 2 .   ? -19.649 -1.983  1.055   0.40 58.96  ? 301 O0Y A N   1 
HETATM 1441 C C   . O0Y B 2 .   ? -18.228 -0.065  0.813   0.40 56.85  ? 301 O0Y A C   1 
HETATM 1442 O O   . O0Y B 2 .   ? -15.967 -5.228  0.715   0.40 63.45  ? 301 O0Y A O   1 
HETATM 1443 C C1  . O0Y B 2 .   ? -19.243 -0.957  0.138   0.40 58.47  ? 301 O0Y A C1  1 
HETATM 1444 C C2  . O0Y B 2 .   ? -20.660 -2.735  0.425   0.40 58.35  ? 301 O0Y A C2  1 
HETATM 1445 C C3  . O0Y B 2 .   ? -20.426 -3.072  -1.035  0.40 59.10  ? 301 O0Y A C3  1 
HETATM 1446 C C9  . O0Y B 2 .   ? -17.802 -3.618  0.881   0.40 64.84  ? 301 O0Y A C9  1 
HETATM 1447 O O   . HOH C 3 .   ? 12.032  19.218  1.202   1.00 48.59  ? 401 HOH A O   1 
HETATM 1448 O O   . HOH C 3 .   ? -11.858 -9.159  -14.223 1.00 46.73  ? 402 HOH A O   1 
HETATM 1449 O O   . HOH C 3 .   ? -5.345  -13.633 -16.950 1.00 40.90  ? 403 HOH A O   1 
HETATM 1450 O O   . HOH C 3 .   ? -12.851 -9.799  0.488   1.00 31.61  ? 404 HOH A O   1 
HETATM 1451 O O   . HOH C 3 .   ? 4.289   -6.499  10.148  1.00 50.38  ? 405 HOH A O   1 
HETATM 1452 O O   . HOH C 3 .   ? -17.925 8.534   7.876   1.00 22.85  ? 406 HOH A O   1 
HETATM 1453 O O   . HOH C 3 .   ? 2.779   -23.194 -16.992 1.00 44.14  ? 407 HOH A O   1 
HETATM 1454 O O   . HOH C 3 .   ? 8.216   9.425   8.799   1.00 65.33  ? 408 HOH A O   1 
HETATM 1455 O O   . HOH C 3 .   ? -13.346 16.736  4.563   1.00 34.94  ? 409 HOH A O   1 
HETATM 1456 O O   . HOH C 3 .   ? -8.701  -8.087  -14.495 1.00 73.91  ? 410 HOH A O   1 
HETATM 1457 O O   . HOH C 3 .   ? -17.383 7.848   1.297   1.00 34.80  ? 411 HOH A O   1 
HETATM 1458 O O   . HOH C 3 .   ? 1.207   -9.209  5.116   1.00 33.90  ? 412 HOH A O   1 
HETATM 1459 O O   . HOH C 3 .   ? -9.024  27.650  9.287   1.00 39.82  ? 413 HOH A O   1 
HETATM 1460 O O   . HOH C 3 .   ? -2.003  -17.278 2.169   1.00 36.00  ? 414 HOH A O   1 
HETATM 1461 O O   . HOH C 3 .   ? 2.993   -2.459  16.694  1.00 51.57  ? 415 HOH A O   1 
HETATM 1462 O O   . HOH C 3 .   ? -9.869  -9.850  -20.058 1.00 75.09  ? 416 HOH A O   1 
HETATM 1463 O O   . HOH C 3 .   ? -3.835  -12.151 5.294   1.00 54.35  ? 417 HOH A O   1 
HETATM 1464 O O   . HOH C 3 .   ? 4.716   16.680  7.580   1.00 49.15  ? 418 HOH A O   1 
HETATM 1465 O O   . HOH C 3 .   ? -2.268  -18.684 -15.481 1.00 43.76  ? 419 HOH A O   1 
HETATM 1466 O O   . HOH C 3 .   ? 8.480   11.678  14.366  1.00 74.17  ? 420 HOH A O   1 
HETATM 1467 O O   . HOH C 3 .   ? 10.654  9.123   6.381   1.00 63.01  ? 421 HOH A O   1 
HETATM 1468 O O   . HOH C 3 .   ? -15.024 14.110  4.030   1.00 41.89  ? 422 HOH A O   1 
HETATM 1469 O O   . HOH C 3 .   ? 6.797   9.482   -6.714  1.00 52.10  ? 423 HOH A O   1 
HETATM 1470 O O   . HOH C 3 .   ? 0.334   8.254   15.514  1.00 38.53  ? 424 HOH A O   1 
HETATM 1471 O O   . HOH C 3 .   ? 7.844   -9.846  5.220   1.00 64.20  ? 425 HOH A O   1 
HETATM 1472 O O   . HOH C 3 .   ? 5.030   -9.740  7.699   1.00 46.96  ? 426 HOH A O   1 
HETATM 1473 O O   . HOH C 3 .   ? -6.448  -0.825  -9.003  1.00 55.92  ? 427 HOH A O   1 
HETATM 1474 O O   . HOH C 3 .   ? -5.983  1.372   9.488   1.00 61.86  ? 428 HOH A O   1 
HETATM 1475 O O   . HOH C 3 .   ? 8.557   12.603  1.810   1.00 58.35  ? 429 HOH A O   1 
HETATM 1476 O O   . HOH C 3 .   ? -2.913  25.540  0.742   1.00 47.76  ? 430 HOH A O   1 
HETATM 1477 O O   . HOH C 3 .   ? 14.562  -15.288 -17.999 1.00 32.66  ? 431 HOH A O   1 
HETATM 1478 O O   . HOH C 3 .   ? -18.649 10.308  -3.206  1.00 70.41  ? 432 HOH A O   1 
HETATM 1479 O O   . HOH C 3 .   ? -1.923  2.537   9.298   1.00 38.71  ? 433 HOH A O   1 
HETATM 1480 O O   . HOH C 3 .   ? -13.362 -11.624 -2.990  1.00 28.29  ? 434 HOH A O   1 
HETATM 1481 O O   . HOH C 3 .   ? -8.270  -11.628 -13.515 1.00 41.92  ? 435 HOH A O   1 
HETATM 1482 O O   . HOH C 3 .   ? -7.683  -1.571  11.938  1.00 69.33  ? 436 HOH A O   1 
HETATM 1483 O O   . HOH C 3 .   ? -6.242  -4.185  9.340   1.00 35.21  ? 437 HOH A O   1 
HETATM 1484 O O   . HOH C 3 .   ? -2.036  -23.737 -4.406  1.00 60.72  ? 438 HOH A O   1 
HETATM 1485 O O   . HOH C 3 .   ? 9.403   -3.098  -9.857  1.00 63.36  ? 439 HOH A O   1 
HETATM 1486 O O   . HOH C 3 .   ? 12.951  -11.830 -10.620 1.00 40.60  ? 440 HOH A O   1 
HETATM 1487 O O   . HOH C 3 .   ? -6.722  9.551   -8.369  1.00 45.56  ? 441 HOH A O   1 
HETATM 1488 O O   . HOH C 3 .   ? -15.980 10.714  13.910  1.00 29.88  ? 442 HOH A O   1 
HETATM 1489 O O   . HOH C 3 .   ? 12.406  -13.164 -21.051 1.00 46.39  ? 443 HOH A O   1 
HETATM 1490 O O   . HOH C 3 .   ? 5.788   -15.184 -15.103 1.00 40.63  ? 444 HOH A O   1 
HETATM 1491 O O   . HOH C 3 .   ? 14.322  -6.488  -13.504 1.00 36.97  ? 445 HOH A O   1 
HETATM 1492 O O   . HOH C 3 .   ? -11.712 5.399   13.885  1.00 42.52  ? 446 HOH A O   1 
HETATM 1493 O O   . HOH C 3 .   ? 7.597   -11.215 -12.337 1.00 40.27  ? 447 HOH A O   1 
HETATM 1494 O O   . HOH C 3 .   ? 11.801  24.186  -4.070  1.00 47.97  ? 448 HOH A O   1 
HETATM 1495 O O   . HOH C 3 .   ? -3.366  -16.432 -2.523  1.00 29.57  ? 449 HOH A O   1 
HETATM 1496 O O   . HOH C 3 .   ? -9.816  12.869  4.908   1.00 24.48  ? 450 HOH A O   1 
HETATM 1497 O O   . HOH C 3 .   ? -9.290  17.903  12.184  1.00 48.34  ? 451 HOH A O   1 
HETATM 1498 O O   . HOH C 3 .   ? -5.336  -14.299 -6.408  1.00 25.86  ? 452 HOH A O   1 
HETATM 1499 O O   . HOH C 3 .   ? -4.466  26.539  4.220   1.00 43.37  ? 453 HOH A O   1 
HETATM 1500 O O   . HOH C 3 .   ? 8.577   -2.736  -12.918 0.50 44.52  ? 454 HOH A O   1 
HETATM 1501 O O   . HOH C 3 .   ? -7.069  -10.774 -11.592 1.00 33.97  ? 455 HOH A O   1 
HETATM 1502 O O   . HOH C 3 .   ? 6.570   -3.873  13.345  1.00 120.58 ? 456 HOH A O   1 
HETATM 1503 O O   . HOH C 3 .   ? -8.305  -4.551  -0.947  1.00 24.84  ? 457 HOH A O   1 
HETATM 1504 O O   . HOH C 3 .   ? -14.107 17.690  8.669   1.00 36.88  ? 458 HOH A O   1 
HETATM 1505 O O   . HOH C 3 .   ? -10.920 0.874   11.993  1.00 62.42  ? 459 HOH A O   1 
HETATM 1506 O O   . HOH C 3 .   ? 8.143   9.982   1.210   1.00 38.56  ? 460 HOH A O   1 
HETATM 1507 O O   . HOH C 3 .   ? 7.822   2.092   0.654   1.00 31.63  ? 461 HOH A O   1 
HETATM 1508 O O   . HOH C 3 .   ? 16.084  0.531   11.441  1.00 60.62  ? 462 HOH A O   1 
HETATM 1509 O O   . HOH C 3 .   ? -1.769  -3.859  7.228   1.00 30.38  ? 463 HOH A O   1 
HETATM 1510 O O   . HOH C 3 .   ? -12.007 14.243  0.361   1.00 57.21  ? 464 HOH A O   1 
HETATM 1511 O O   . HOH C 3 .   ? -15.434 15.679  6.518   1.00 40.07  ? 465 HOH A O   1 
HETATM 1512 O O   . HOH C 3 .   ? -20.462 4.377   3.724   1.00 53.70  ? 466 HOH A O   1 
HETATM 1513 O O   . HOH C 3 .   ? -4.526  -6.003  9.451   1.00 48.87  ? 467 HOH A O   1 
HETATM 1514 O O   . HOH C 3 .   ? 3.548   17.196  -7.252  1.00 43.73  ? 468 HOH A O   1 
HETATM 1515 O O   . HOH C 3 .   ? -4.927  0.519   12.141  1.00 66.56  ? 469 HOH A O   1 
HETATM 1516 O O   . HOH C 3 .   ? -2.519  -6.381  -16.039 1.00 42.79  ? 470 HOH A O   1 
HETATM 1517 O O   . HOH C 3 .   ? 3.885   12.456  -1.306  1.00 36.68  ? 471 HOH A O   1 
HETATM 1518 O O   . HOH C 3 .   ? -12.163 0.336   -9.077  1.00 71.91  ? 472 HOH A O   1 
HETATM 1519 O O   . HOH C 3 .   ? -18.950 14.666  10.303  1.00 44.68  ? 473 HOH A O   1 
HETATM 1520 O O   . HOH C 3 .   ? -8.182  3.243   12.976  1.00 38.39  ? 474 HOH A O   1 
HETATM 1521 O O   . HOH C 3 .   ? -2.232  -3.614  3.654   1.00 25.05  ? 475 HOH A O   1 
HETATM 1522 O O   . HOH C 3 .   ? 21.321  -12.489 -13.039 1.00 53.34  ? 476 HOH A O   1 
HETATM 1523 O O   . HOH C 3 .   ? -12.063 15.528  2.910   1.00 36.35  ? 477 HOH A O   1 
HETATM 1524 O O   . HOH C 3 .   ? -0.679  -15.754 4.643   1.00 35.88  ? 478 HOH A O   1 
HETATM 1525 O O   . HOH C 3 .   ? 1.153   20.176  6.256   1.00 48.02  ? 479 HOH A O   1 
HETATM 1526 O O   . HOH C 3 .   ? -9.435  25.062  3.325   1.00 33.82  ? 480 HOH A O   1 
HETATM 1527 O O   . HOH C 3 .   ? -11.211 -7.362  -8.379  1.00 60.83  ? 481 HOH A O   1 
HETATM 1528 O O   . HOH C 3 .   ? -18.882 5.094   12.883  1.00 32.06  ? 482 HOH A O   1 
HETATM 1529 O O   . HOH C 3 .   ? -4.511  -21.866 -8.552  1.00 35.82  ? 483 HOH A O   1 
HETATM 1530 O O   . HOH C 3 .   ? 1.976   14.544  -0.694  1.00 36.84  ? 484 HOH A O   1 
HETATM 1531 O O   . HOH C 3 .   ? -21.684 -2.197  -7.289  1.00 49.46  ? 485 HOH A O   1 
HETATM 1532 O O   . HOH C 3 .   ? -8.047  5.157   -0.623  1.00 24.89  ? 486 HOH A O   1 
HETATM 1533 O O   . HOH C 3 .   ? -10.871 21.309  9.575   1.00 39.75  ? 487 HOH A O   1 
HETATM 1534 O O   . HOH C 3 .   ? -9.094  11.398  -2.741  1.00 64.96  ? 488 HOH A O   1 
HETATM 1535 O O   . HOH C 3 .   ? 10.216  -17.020 2.881   1.00 50.56  ? 489 HOH A O   1 
HETATM 1536 O O   . HOH C 3 .   ? -1.453  -15.068 -0.481  1.00 27.55  ? 490 HOH A O   1 
HETATM 1537 O O   . HOH C 3 .   ? 8.940   7.963   -0.251  1.00 53.83  ? 491 HOH A O   1 
HETATM 1538 O O   . HOH C 3 .   ? -14.372 7.061   -4.959  1.00 58.03  ? 492 HOH A O   1 
HETATM 1539 O O   . HOH C 3 .   ? 0.796   -10.472 -19.150 1.00 60.01  ? 493 HOH A O   1 
HETATM 1540 O O   . HOH C 3 .   ? -8.171  15.698  -1.176  1.00 47.51  ? 494 HOH A O   1 
HETATM 1541 O O   . HOH C 3 .   ? 5.072   11.453  11.797  1.00 69.67  ? 495 HOH A O   1 
HETATM 1542 O O   . HOH C 3 .   ? -9.612  -4.597  5.245   1.00 38.36  ? 496 HOH A O   1 
HETATM 1543 O O   . HOH C 3 .   ? 8.736   4.068   2.371   1.00 44.60  ? 497 HOH A O   1 
HETATM 1544 O O   . HOH C 3 .   ? -17.695 3.331   -3.265  1.00 49.76  ? 498 HOH A O   1 
HETATM 1545 O O   . HOH C 3 .   ? -8.959  24.298  10.034  1.00 36.40  ? 499 HOH A O   1 
HETATM 1546 O O   . HOH C 3 .   ? 14.002  -1.891  1.235   1.00 53.59  ? 500 HOH A O   1 
HETATM 1547 O O   . HOH C 3 .   ? -10.532 17.232  1.364   1.00 40.86  ? 501 HOH A O   1 
HETATM 1548 O O   . HOH C 3 .   ? -7.435  9.144   -0.792  1.00 30.42  ? 502 HOH A O   1 
HETATM 1549 O O   . HOH C 3 .   ? -10.484 -6.509  -18.723 1.00 54.31  ? 503 HOH A O   1 
HETATM 1550 O O   . HOH C 3 .   ? 7.781   5.684   0.567   1.00 38.34  ? 504 HOH A O   1 
HETATM 1551 O O   . HOH C 3 .   ? -4.069  16.133  14.491  1.00 43.45  ? 505 HOH A O   1 
HETATM 1552 O O   . HOH C 3 .   ? -8.039  -3.163  -9.920  1.00 31.80  ? 506 HOH A O   1 
HETATM 1553 O O   . HOH C 3 .   ? -8.654  21.507  10.367  1.00 51.53  ? 507 HOH A O   1 
HETATM 1554 O O   . HOH C 3 .   ? -10.427 -1.812  -9.531  1.00 37.68  ? 508 HOH A O   1 
HETATM 1555 O O   . HOH C 3 .   ? -3.632  18.809  8.923   1.00 33.40  ? 509 HOH A O   1 
HETATM 1556 O O   . HOH C 3 .   ? 4.603   -9.889  -16.805 1.00 58.77  ? 510 HOH A O   1 
HETATM 1557 O O   . HOH C 3 .   ? 10.064  -19.520 -11.154 1.00 41.05  ? 511 HOH A O   1 
HETATM 1558 O O   . HOH C 3 .   ? -18.455 16.179  4.132   1.00 41.02  ? 512 HOH A O   1 
HETATM 1559 O O   . HOH C 3 .   ? 0.175   -23.296 -0.823  1.00 39.45  ? 513 HOH A O   1 
HETATM 1560 O O   . HOH C 3 .   ? -7.054  9.406   15.245  1.00 34.31  ? 514 HOH A O   1 
HETATM 1561 O O   . HOH C 3 .   ? 1.879   3.330   -6.836  1.00 54.78  ? 515 HOH A O   1 
HETATM 1562 O O   . HOH C 3 .   ? 15.305  -14.087 -10.066 1.00 46.89  ? 516 HOH A O   1 
HETATM 1563 O O   . HOH C 3 .   ? 8.284   7.733   -3.567  1.00 35.78  ? 517 HOH A O   1 
HETATM 1564 O O   . HOH C 3 .   ? 2.386   -21.919 1.109   1.00 40.86  ? 518 HOH A O   1 
HETATM 1565 O O   . HOH C 3 .   ? 3.837   6.891   18.137  1.00 35.29  ? 519 HOH A O   1 
HETATM 1566 O O   . HOH C 3 .   ? -10.515 27.332  3.625   1.00 28.14  ? 520 HOH A O   1 
HETATM 1567 O O   . HOH C 3 .   ? 12.407  -18.687 -13.419 1.00 37.91  ? 521 HOH A O   1 
HETATM 1568 O O   . HOH C 3 .   ? 5.613   2.226   -10.832 1.00 47.20  ? 522 HOH A O   1 
HETATM 1569 O O   . HOH C 3 .   ? -1.618  -2.397  14.233  1.00 32.36  ? 523 HOH A O   1 
HETATM 1570 O O   . HOH C 3 .   ? -10.442 -9.071  -11.285 1.00 65.38  ? 524 HOH A O   1 
HETATM 1571 O O   . HOH C 3 .   ? 6.593   11.649  9.841   1.00 50.94  ? 525 HOH A O   1 
HETATM 1572 O O   . HOH C 3 .   ? -5.091  -17.411 -14.374 1.00 43.18  ? 526 HOH A O   1 
HETATM 1573 O O   . HOH C 3 .   ? 9.334   -7.571  4.727   1.00 31.11  ? 527 HOH A O   1 
HETATM 1574 O O   . HOH C 3 .   ? 13.050  -4.368  8.110   1.00 82.30  ? 528 HOH A O   1 
HETATM 1575 O O   . HOH C 3 .   ? -8.543  0.811   11.660  1.00 42.73  ? 529 HOH A O   1 
HETATM 1576 O O   . HOH C 3 .   ? -14.699 14.484  1.059   1.00 47.31  ? 530 HOH A O   1 
HETATM 1577 O O   . HOH C 3 .   ? 14.674  9.663   4.650   1.00 70.62  ? 531 HOH A O   1 
HETATM 1578 O O   . HOH C 3 .   ? 5.235   -11.165 -12.690 1.00 49.39  ? 532 HOH A O   1 
HETATM 1579 O O   . HOH C 3 .   ? -2.824  -13.769 1.390   1.00 30.93  ? 533 HOH A O   1 
HETATM 1580 O O   . HOH C 3 .   ? 3.013   -13.753 -16.072 1.00 50.60  ? 534 HOH A O   1 
HETATM 1581 O O   . HOH C 3 .   ? -0.186  -11.179 5.088   1.00 38.35  ? 535 HOH A O   1 
HETATM 1582 O O   . HOH C 3 .   ? -4.870  3.398   9.693   1.00 36.19  ? 536 HOH A O   1 
HETATM 1583 O O   . HOH C 3 .   ? -0.747  14.042  11.252  1.00 40.99  ? 537 HOH A O   1 
HETATM 1584 O O   . HOH C 3 .   ? -6.463  10.947  -2.511  1.00 36.76  ? 538 HOH A O   1 
HETATM 1585 O O   . HOH C 3 .   ? 0.841   24.321  8.984   1.00 54.46  ? 539 HOH A O   1 
HETATM 1586 O O   . HOH C 3 .   ? 9.004   3.793   -2.854  1.00 36.00  ? 540 HOH A O   1 
HETATM 1587 O O   . HOH C 3 .   ? 5.287   -16.556 6.778   1.00 52.38  ? 541 HOH A O   1 
HETATM 1588 O O   . HOH C 3 .   ? 8.580   -14.156 2.970   1.00 46.26  ? 542 HOH A O   1 
HETATM 1589 O O   . HOH C 3 .   ? -9.381  -20.731 -7.284  1.00 44.97  ? 543 HOH A O   1 
HETATM 1590 O O   . HOH C 3 .   ? -11.987 12.777  14.273  1.00 32.44  ? 544 HOH A O   1 
HETATM 1591 O O   . HOH C 3 .   ? -8.230  -8.543  -12.272 1.00 80.08  ? 545 HOH A O   1 
HETATM 1592 O O   . HOH C 3 .   ? 10.643  -14.650 1.685   1.00 44.12  ? 546 HOH A O   1 
HETATM 1593 O O   . HOH C 3 .   ? -6.862  4.454   15.172  1.00 40.79  ? 547 HOH A O   1 
HETATM 1594 O O   . HOH C 3 .   ? -18.271 11.714  11.128  1.00 40.56  ? 548 HOH A O   1 
HETATM 1595 O O   . HOH C 3 .   ? 13.056  -2.516  3.559   1.00 51.91  ? 549 HOH A O   1 
HETATM 1596 O O   . HOH C 3 .   ? -8.452  -13.126 -10.646 1.00 51.21  ? 550 HOH A O   1 
HETATM 1597 O O   . HOH C 3 .   ? -7.168  -5.960  -13.165 1.00 53.82  ? 551 HOH A O   1 
HETATM 1598 O O   . HOH C 3 .   ? 9.462   20.866  -3.220  1.00 46.15  ? 552 HOH A O   1 
HETATM 1599 O O   . HOH C 3 .   ? 11.216  -14.013 -0.678  1.00 66.51  ? 553 HOH A O   1 
HETATM 1600 O O   . HOH C 3 .   ? -1.893  -13.495 3.798   1.00 39.10  ? 554 HOH A O   1 
HETATM 1601 O O   . HOH C 3 .   ? 11.840  13.967  6.013   1.00 62.49  ? 555 HOH A O   1 
HETATM 1602 O O   . HOH C 3 .   ? 1.216   25.393  6.323   1.00 45.45  ? 556 HOH A O   1 
HETATM 1603 O O   . HOH C 3 .   ? 6.518   -26.221 -16.626 1.00 48.95  ? 557 HOH A O   1 
HETATM 1604 O O   . HOH C 3 .   ? -19.307 6.101   8.575   1.00 33.10  ? 558 HOH A O   1 
HETATM 1605 O O   . HOH C 3 .   ? -11.340 2.665   13.827  1.00 74.02  ? 559 HOH A O   1 
HETATM 1606 O O   . HOH C 3 .   ? 11.908  21.319  0.403   1.00 48.12  ? 560 HOH A O   1 
HETATM 1607 O O   . HOH C 3 .   ? -20.258 5.896   11.037  1.00 39.94  ? 561 HOH A O   1 
HETATM 1608 O O   . HOH C 3 .   ? -11.894 27.588  1.547   1.00 50.71  ? 562 HOH A O   1 
HETATM 1609 O O   . HOH C 3 .   ? 8.269   -12.376 5.222   1.00 53.80  ? 563 HOH A O   1 
HETATM 1610 O O   . HOH C 3 .   ? -13.659 15.831  -0.867  1.00 53.47  ? 564 HOH A O   1 
HETATM 1611 O O   . HOH C 3 .   ? 6.325   12.358  -7.713  1.00 56.63  ? 565 HOH A O   1 
HETATM 1612 O O   . HOH C 3 .   ? 9.134   5.162   -4.939  1.00 56.59  ? 566 HOH A O   1 
HETATM 1613 O O   . HOH C 3 .   ? -18.907 9.208   5.690   1.00 50.66  ? 567 HOH A O   1 
HETATM 1614 O O   . HOH C 3 .   ? 11.628  4.635   23.700  1.00 73.58  ? 568 HOH A O   1 
HETATM 1615 O O   . HOH C 3 .   ? 16.185  -14.987 -22.225 1.00 52.01  ? 569 HOH A O   1 
HETATM 1616 O O   . HOH C 3 .   ? 12.352  -11.479 -4.112  1.00 57.83  ? 570 HOH A O   1 
HETATM 1617 O O   . HOH C 3 .   ? -16.039 8.056   15.219  1.00 30.91  ? 571 HOH A O   1 
HETATM 1618 O O   . HOH C 3 .   ? -18.301 11.494  13.629  1.00 42.93  ? 572 HOH A O   1 
HETATM 1619 O O   . HOH C 3 .   ? 5.865   -2.817  18.807  1.00 70.42  ? 573 HOH A O   1 
HETATM 1620 O O   . HOH C 3 .   ? 12.507  15.898  7.667   1.00 47.78  ? 574 HOH A O   1 
HETATM 1621 O O   . HOH C 3 .   ? -8.617  -5.038  8.792   1.00 64.42  ? 575 HOH A O   1 
HETATM 1622 O O   . HOH C 3 .   ? 2.871   8.492   -8.362  1.00 52.38  ? 576 HOH A O   1 
HETATM 1623 O O   . HOH C 3 .   ? -3.820  -17.866 -0.378  1.00 37.54  ? 577 HOH A O   1 
HETATM 1624 O O   . HOH C 3 .   ? 0.830   -21.949 -18.112 1.00 55.74  ? 578 HOH A O   1 
HETATM 1625 O O   . HOH C 3 .   ? -11.621 8.266   -6.783  1.00 43.33  ? 579 HOH A O   1 
HETATM 1626 O O   . HOH C 3 .   ? 4.765   -12.532 -14.709 1.00 43.85  ? 580 HOH A O   1 
HETATM 1627 O O   . HOH C 3 .   ? -3.973  7.225   17.368  1.00 63.15  ? 581 HOH A O   1 
HETATM 1628 O O   . HOH C 3 .   ? -20.327 2.955   13.892  1.00 52.24  ? 582 HOH A O   1 
HETATM 1629 O O   . HOH C 3 .   ? -7.023  -6.013  -15.541 1.00 56.06  ? 583 HOH A O   1 
HETATM 1630 O O   . HOH C 3 .   ? -10.818 -8.328  -21.865 1.00 54.65  ? 584 HOH A O   1 
HETATM 1631 O O   . HOH C 3 .   ? -19.732 10.286  9.457   1.00 39.28  ? 585 HOH A O   1 
HETATM 1632 O O   . HOH C 3 .   ? 11.666  18.385  6.470   1.00 54.81  ? 586 HOH A O   1 
HETATM 1633 O O   . HOH C 3 .   ? 0.511   20.907  8.570   1.00 61.12  ? 587 HOH A O   1 
HETATM 1634 O O   . HOH C 3 .   ? -7.808  -20.846 -0.704  1.00 52.37  ? 588 HOH A O   1 
HETATM 1635 O O   . HOH C 3 .   ? -18.385 6.849   14.850  1.00 35.77  ? 589 HOH A O   1 
HETATM 1636 O O   . HOH C 3 .   ? 5.066   14.469  12.998  1.00 52.24  ? 590 HOH A O   1 
HETATM 1637 O O   . HOH C 3 .   ? 1.958   -30.576 -12.968 1.00 51.40  ? 591 HOH A O   1 
HETATM 1638 O O   . HOH C 3 .   ? -5.938  -9.630  12.833  1.00 50.57  ? 592 HOH A O   1 
HETATM 1639 O O   . HOH C 3 .   ? -6.859  -8.565  8.510   1.00 48.42  ? 593 HOH A O   1 
HETATM 1640 O O   . HOH C 3 .   ? -3.563  -16.216 3.901   1.00 57.20  ? 594 HOH A O   1 
HETATM 1641 O O   . HOH C 3 .   ? -21.611 6.375   6.769   1.00 44.48  ? 595 HOH A O   1 
HETATM 1642 O O   . HOH C 3 .   ? 12.636  -21.455 -14.301 1.00 57.10  ? 596 HOH A O   1 
HETATM 1643 O O   . HOH C 3 .   ? -2.062  -17.392 6.088   1.00 55.04  ? 597 HOH A O   1 
HETATM 1644 O O   . HOH C 3 .   ? 1.292   6.389   18.659  1.00 65.45  ? 598 HOH A O   1 
HETATM 1645 O O   . HOH C 3 .   ? -6.681  26.712  2.941   1.00 42.77  ? 599 HOH A O   1 
HETATM 1646 O O   . HOH C 3 .   ? 10.236  -21.496 -13.424 1.00 45.11  ? 600 HOH A O   1 
HETATM 1647 O O   . HOH C 3 .   ? 2.390   20.272  10.925  1.00 65.05  ? 601 HOH A O   1 
HETATM 1648 O O   . HOH C 3 .   ? -14.888 7.722   17.230  1.00 38.73  ? 602 HOH A O   1 
HETATM 1649 O O   . HOH C 3 .   ? -20.993 8.465   11.821  1.00 37.76  ? 603 HOH A O   1 
HETATM 1650 O O   . HOH C 3 .   ? 17.722  14.597  1.811   1.00 71.79  ? 604 HOH A O   1 
HETATM 1651 O O   . HOH C 3 .   ? 16.806  18.613  1.956   1.00 36.81  ? 605 HOH A O   1 
HETATM 1652 O O   . HOH C 3 .   ? 2.186   10.794  19.477  1.00 60.96  ? 606 HOH A O   1 
HETATM 1653 O O   . HOH C 3 .   ? -18.435 5.930   17.392  1.00 70.58  ? 607 HOH A O   1 
HETATM 1654 O O   . HOH C 3 .   ? -24.985 7.646   11.957  1.00 66.67  ? 608 HOH A O   1 
HETATM 1655 O O   . HOH C 3 .   ? 16.656  9.370   16.774  1.00 61.15  ? 609 HOH A O   1 
# 
